data_2N7T
# 
_entry.id   2N7T 
# 
_audit_conform.dict_name       mmcif_pdbx.dic 
_audit_conform.dict_version    5.399 
_audit_conform.dict_location   http://mmcif.pdb.org/dictionaries/ascii/mmcif_pdbx.dic 
# 
loop_
_database_2.database_code 
_database_2.database_id 
_database_2.pdbx_database_accession 
_database_2.pdbx_DOI 
RCSB104530   RCSB  ?            ?                   
2N7T         PDB   pdb_00002n7t 10.2210/pdb2n7t/pdb 
25820        BMRB  ?            10.13018/BMR25820   
D_1000104530 WWPDB ?            ?                   
# 
loop_
_pdbx_audit_revision_history.ordinal 
_pdbx_audit_revision_history.data_content_type 
_pdbx_audit_revision_history.major_revision 
_pdbx_audit_revision_history.minor_revision 
_pdbx_audit_revision_history.revision_date 
1 'Structure model' 1 0 2015-12-16 
2 'Structure model' 1 1 2016-01-06 
3 'Structure model' 1 2 2017-10-11 
4 'Structure model' 1 3 2024-11-27 
# 
_pdbx_audit_revision_details.ordinal             1 
_pdbx_audit_revision_details.revision_ordinal    1 
_pdbx_audit_revision_details.data_content_type   'Structure model' 
_pdbx_audit_revision_details.provider            repository 
_pdbx_audit_revision_details.type                'Initial release' 
_pdbx_audit_revision_details.description         ? 
_pdbx_audit_revision_details.details             ? 
# 
loop_
_pdbx_audit_revision_group.ordinal 
_pdbx_audit_revision_group.revision_ordinal 
_pdbx_audit_revision_group.data_content_type 
_pdbx_audit_revision_group.group 
1 2 'Structure model' 'Database references'  
2 3 'Structure model' 'Source and taxonomy'  
3 3 'Structure model' 'Structure summary'    
4 4 'Structure model' 'Data collection'      
5 4 'Structure model' 'Database references'  
6 4 'Structure model' 'Derived calculations' 
7 4 'Structure model' 'Structure summary'    
# 
loop_
_pdbx_audit_revision_category.ordinal 
_pdbx_audit_revision_category.revision_ordinal 
_pdbx_audit_revision_category.data_content_type 
_pdbx_audit_revision_category.category 
1 3 'Structure model' pdbx_entity_src_syn       
2 3 'Structure model' pdbx_nmr_representative   
3 4 'Structure model' chem_comp_atom            
4 4 'Structure model' chem_comp_bond            
5 4 'Structure model' database_2                
6 4 'Structure model' pdbx_entry_details        
7 4 'Structure model' pdbx_modification_feature 
8 4 'Structure model' struct_conn               
# 
loop_
_pdbx_audit_revision_item.ordinal 
_pdbx_audit_revision_item.revision_ordinal 
_pdbx_audit_revision_item.data_content_type 
_pdbx_audit_revision_item.item 
1  3 'Structure model' '_pdbx_nmr_representative.conformer_id' 
2  4 'Structure model' '_database_2.pdbx_DOI'                  
3  4 'Structure model' '_database_2.pdbx_database_accession'   
4  4 'Structure model' '_struct_conn.pdbx_dist_value'          
5  4 'Structure model' '_struct_conn.pdbx_leaving_atom_flag'   
6  4 'Structure model' '_struct_conn.ptnr1_auth_comp_id'       
7  4 'Structure model' '_struct_conn.ptnr1_auth_seq_id'        
8  4 'Structure model' '_struct_conn.ptnr1_label_atom_id'      
9  4 'Structure model' '_struct_conn.ptnr1_label_comp_id'      
10 4 'Structure model' '_struct_conn.ptnr1_label_seq_id'       
11 4 'Structure model' '_struct_conn.ptnr2_auth_comp_id'       
12 4 'Structure model' '_struct_conn.ptnr2_auth_seq_id'        
13 4 'Structure model' '_struct_conn.ptnr2_label_atom_id'      
14 4 'Structure model' '_struct_conn.ptnr2_label_comp_id'      
15 4 'Structure model' '_struct_conn.ptnr2_label_seq_id'       
# 
_pdbx_database_status.deposit_site                    BMRB 
_pdbx_database_status.entry_id                        2N7T 
_pdbx_database_status.process_site                    RCSB 
_pdbx_database_status.recvd_initial_deposition_date   2015-09-17 
_pdbx_database_status.SG_entry                        ? 
_pdbx_database_status.status_code                     REL 
_pdbx_database_status.status_code_mr                  REL 
_pdbx_database_status.status_code_sf                  ? 
_pdbx_database_status.status_code_cs                  REL 
_pdbx_database_status.methods_development_category    ? 
_pdbx_database_status.pdb_format_compatible           Y 
_pdbx_database_status.status_code_nmr_data            ? 
# 
_pdbx_database_related.db_id          25820 
_pdbx_database_related.db_name        BMRB 
_pdbx_database_related.content_type   unspecified 
_pdbx_database_related.details        . 
# 
loop_
_audit_author.name 
_audit_author.pdbx_ordinal 
'Carotenuto, A.' 1 
'Merlino, F.'    2 
'Chai, M.'       3 
'Brancaccio, D.' 4 
'Yousif, A.'     5 
'Novellino, E.'  6 
'Hruby, V.'      7 
'Grieco, P.'     8 
# 
_citation.id                        primary 
_citation.title                     'Discovery of Novel Potent and Selective Agonists at the Melanocortin-3 Receptor.' 
_citation.journal_abbrev            J.Med.Chem. 
_citation.journal_volume            58 
_citation.page_first                9773 
_citation.page_last                 9778 
_citation.year                      2015 
_citation.journal_id_ASTM           JMCMAR 
_citation.country                   US 
_citation.journal_id_ISSN           0022-2623 
_citation.journal_id_CSD            0151 
_citation.book_publisher            ? 
_citation.pdbx_database_id_PubMed   26599352 
_citation.pdbx_database_id_DOI      10.1021/acs.jmedchem.5b01285 
# 
loop_
_citation_author.citation_id 
_citation_author.name 
_citation_author.ordinal 
_citation_author.identifier_ORCID 
primary 'Carotenuto, A.' 1 ? 
primary 'Merlino, F.'    2 ? 
primary 'Cai, M.'        3 ? 
primary 'Brancaccio, D.' 4 ? 
primary 'Yousif, A.M.'   5 ? 
primary 'Novellino, E.'  6 ? 
primary 'Hruby, V.J.'    7 ? 
primary 'Grieco, P.'     8 ? 
# 
_entity.id                         1 
_entity.type                       polymer 
_entity.src_method                 syn 
_entity.pdbx_description           'Peptide PG-992' 
_entity.formula_weight             1223.447 
_entity.pdbx_number_of_molecules   1 
_entity.pdbx_ec                    ? 
_entity.pdbx_mutation              ? 
_entity.pdbx_fragment              ? 
_entity.details                    ? 
# 
_entity_poly.entity_id                      1 
_entity_poly.type                           'polypeptide(L)' 
_entity_poly.nstd_linkage                   no 
_entity_poly.nstd_monomer                   yes 
_entity_poly.pdbx_seq_one_letter_code       '(ACE)(NLE)DWP(4J2)RWK(NH2)' 
_entity_poly.pdbx_seq_one_letter_code_can   XLDWPXRWKX 
_entity_poly.pdbx_strand_id                 A 
_entity_poly.pdbx_target_identifier         ? 
# 
loop_
_entity_poly_seq.entity_id 
_entity_poly_seq.num 
_entity_poly_seq.mon_id 
_entity_poly_seq.hetero 
1 1  ACE n 
1 2  NLE n 
1 3  ASP n 
1 4  TRP n 
1 5  PRO n 
1 6  4J2 n 
1 7  ARG n 
1 8  TRP n 
1 9  LYS n 
1 10 NH2 n 
# 
_pdbx_entity_src_syn.entity_id              1 
_pdbx_entity_src_syn.pdbx_src_id            1 
_pdbx_entity_src_syn.pdbx_alt_source_flag   sample 
_pdbx_entity_src_syn.pdbx_beg_seq_num       ? 
_pdbx_entity_src_syn.pdbx_end_seq_num       ? 
_pdbx_entity_src_syn.organism_scientific    'synthetic construct' 
_pdbx_entity_src_syn.organism_common_name   ? 
_pdbx_entity_src_syn.ncbi_taxonomy_id       32630 
_pdbx_entity_src_syn.details                ? 
# 
loop_
_chem_comp.id 
_chem_comp.type 
_chem_comp.mon_nstd_flag 
_chem_comp.name 
_chem_comp.pdbx_synonyms 
_chem_comp.formula 
_chem_comp.formula_weight 
4J2 'D-peptide linking' . '(2R)-2-amino-3-(naphthalen-2-yl)propanoic acid' ? 'C13 H13 N O2'   215.248 
ACE non-polymer         . 'ACETYL GROUP'                                   ? 'C2 H4 O'        44.053  
ARG 'L-peptide linking' y ARGININE                                         ? 'C6 H15 N4 O2 1' 175.209 
ASP 'L-peptide linking' y 'ASPARTIC ACID'                                  ? 'C4 H7 N O4'     133.103 
LYS 'L-peptide linking' y LYSINE                                           ? 'C6 H15 N2 O2 1' 147.195 
NH2 non-polymer         . 'AMINO GROUP'                                    ? 'H2 N'           16.023  
NLE 'L-peptide linking' n NORLEUCINE                                       ? 'C6 H13 N O2'    131.173 
PRO 'L-peptide linking' y PROLINE                                          ? 'C5 H9 N O2'     115.130 
TRP 'L-peptide linking' y TRYPTOPHAN                                       ? 'C11 H12 N2 O2'  204.225 
# 
loop_
_pdbx_poly_seq_scheme.asym_id 
_pdbx_poly_seq_scheme.entity_id 
_pdbx_poly_seq_scheme.seq_id 
_pdbx_poly_seq_scheme.mon_id 
_pdbx_poly_seq_scheme.ndb_seq_num 
_pdbx_poly_seq_scheme.pdb_seq_num 
_pdbx_poly_seq_scheme.auth_seq_num 
_pdbx_poly_seq_scheme.pdb_mon_id 
_pdbx_poly_seq_scheme.auth_mon_id 
_pdbx_poly_seq_scheme.pdb_strand_id 
_pdbx_poly_seq_scheme.pdb_ins_code 
_pdbx_poly_seq_scheme.hetero 
A 1 1  ACE 1  3  3  ACE ACE A . n 
A 1 2  NLE 2  4  4  NLE NLE A . n 
A 1 3  ASP 3  5  5  ASP ASP A . n 
A 1 4  TRP 4  6  6  TRP TRP A . n 
A 1 5  PRO 5  7  7  PRO PRO A . n 
A 1 6  4J2 6  8  8  4J2 BNA A . n 
A 1 7  ARG 7  9  9  ARG ARG A . n 
A 1 8  TRP 8  10 10 TRP TRP A . n 
A 1 9  LYS 9  11 11 LYS LYS A . n 
A 1 10 NH2 10 12 12 NH2 NH2 A . n 
# 
_exptl.absorpt_coefficient_mu     ? 
_exptl.absorpt_correction_T_max   ? 
_exptl.absorpt_correction_T_min   ? 
_exptl.absorpt_correction_type    ? 
_exptl.absorpt_process_details    ? 
_exptl.crystals_number            ? 
_exptl.details                    ? 
_exptl.entry_id                   2N7T 
_exptl.method                     'SOLUTION NMR' 
_exptl.method_details             ? 
# 
_struct.entry_id                  2N7T 
_struct.title                     'NMR structure of Peptide PG-992 in DPC micelles' 
_struct.pdbx_model_details        'lowest energy, model50' 
_struct.pdbx_CASP_flag            ? 
_struct.pdbx_model_type_details   ? 
# 
_struct_keywords.entry_id        2N7T 
_struct_keywords.pdbx_keywords   'DE NOVO PROTEIN' 
_struct_keywords.text            'DE NOVO PROTEIN' 
# 
_struct_asym.id                            A 
_struct_asym.pdbx_blank_PDB_chainid_flag   N 
_struct_asym.pdbx_modified                 N 
_struct_asym.entity_id                     1 
_struct_asym.details                       ? 
# 
_struct_ref.id                         1 
_struct_ref.db_name                    PDB 
_struct_ref.db_code                    2N7T 
_struct_ref.pdbx_db_accession          2N7T 
_struct_ref.entity_id                  1 
_struct_ref.pdbx_align_begin           ? 
_struct_ref.pdbx_seq_one_letter_code   ? 
_struct_ref.pdbx_db_isoform            ? 
# 
_struct_ref_seq.align_id                      1 
_struct_ref_seq.ref_id                        1 
_struct_ref_seq.pdbx_PDB_id_code              2N7T 
_struct_ref_seq.pdbx_strand_id                A 
_struct_ref_seq.seq_align_beg                 1 
_struct_ref_seq.pdbx_seq_align_beg_ins_code   ? 
_struct_ref_seq.seq_align_end                 10 
_struct_ref_seq.pdbx_seq_align_end_ins_code   ? 
_struct_ref_seq.pdbx_db_accession             2N7T 
_struct_ref_seq.db_align_beg                  3 
_struct_ref_seq.pdbx_db_align_beg_ins_code    ? 
_struct_ref_seq.db_align_end                  12 
_struct_ref_seq.pdbx_db_align_end_ins_code    ? 
_struct_ref_seq.pdbx_auth_seq_align_beg       3 
_struct_ref_seq.pdbx_auth_seq_align_end       12 
# 
_pdbx_struct_assembly.id                   1 
_pdbx_struct_assembly.details              author_defined_assembly 
_pdbx_struct_assembly.method_details       ? 
_pdbx_struct_assembly.oligomeric_details   monomeric 
_pdbx_struct_assembly.oligomeric_count     1 
# 
_pdbx_struct_assembly_gen.assembly_id       1 
_pdbx_struct_assembly_gen.oper_expression   1 
_pdbx_struct_assembly_gen.asym_id_list      A 
# 
_pdbx_struct_oper_list.id                   1 
_pdbx_struct_oper_list.type                 'identity operation' 
_pdbx_struct_oper_list.name                 1_555 
_pdbx_struct_oper_list.symmetry_operation   x,y,z 
_pdbx_struct_oper_list.matrix[1][1]         1.0000000000 
_pdbx_struct_oper_list.matrix[1][2]         0.0000000000 
_pdbx_struct_oper_list.matrix[1][3]         0.0000000000 
_pdbx_struct_oper_list.vector[1]            0.0000000000 
_pdbx_struct_oper_list.matrix[2][1]         0.0000000000 
_pdbx_struct_oper_list.matrix[2][2]         1.0000000000 
_pdbx_struct_oper_list.matrix[2][3]         0.0000000000 
_pdbx_struct_oper_list.vector[2]            0.0000000000 
_pdbx_struct_oper_list.matrix[3][1]         0.0000000000 
_pdbx_struct_oper_list.matrix[3][2]         0.0000000000 
_pdbx_struct_oper_list.matrix[3][3]         1.0000000000 
_pdbx_struct_oper_list.vector[3]            0.0000000000 
# 
loop_
_struct_conn.id 
_struct_conn.conn_type_id 
_struct_conn.pdbx_leaving_atom_flag 
_struct_conn.pdbx_PDB_id 
_struct_conn.ptnr1_label_asym_id 
_struct_conn.ptnr1_label_comp_id 
_struct_conn.ptnr1_label_seq_id 
_struct_conn.ptnr1_label_atom_id 
_struct_conn.pdbx_ptnr1_label_alt_id 
_struct_conn.pdbx_ptnr1_PDB_ins_code 
_struct_conn.pdbx_ptnr1_standard_comp_id 
_struct_conn.ptnr1_symmetry 
_struct_conn.ptnr2_label_asym_id 
_struct_conn.ptnr2_label_comp_id 
_struct_conn.ptnr2_label_seq_id 
_struct_conn.ptnr2_label_atom_id 
_struct_conn.pdbx_ptnr2_label_alt_id 
_struct_conn.pdbx_ptnr2_PDB_ins_code 
_struct_conn.ptnr1_auth_asym_id 
_struct_conn.ptnr1_auth_comp_id 
_struct_conn.ptnr1_auth_seq_id 
_struct_conn.ptnr2_auth_asym_id 
_struct_conn.ptnr2_auth_comp_id 
_struct_conn.ptnr2_auth_seq_id 
_struct_conn.ptnr2_symmetry 
_struct_conn.pdbx_ptnr3_label_atom_id 
_struct_conn.pdbx_ptnr3_label_seq_id 
_struct_conn.pdbx_ptnr3_label_comp_id 
_struct_conn.pdbx_ptnr3_label_asym_id 
_struct_conn.pdbx_ptnr3_label_alt_id 
_struct_conn.pdbx_ptnr3_PDB_ins_code 
_struct_conn.details 
_struct_conn.pdbx_dist_value 
_struct_conn.pdbx_value_order 
_struct_conn.pdbx_role 
covale1 covale both ? A ACE 1 C  ? ? ? 1_555 A NLE 2  N  ? ? A ACE 3  A NLE 4  1_555 ? ? ? ? ? ? ? 1.332 ? ? 
covale2 covale both ? A NLE 2 C  ? ? ? 1_555 A ASP 3  N  ? ? A NLE 4  A ASP 5  1_555 ? ? ? ? ? ? ? 1.337 ? ? 
covale3 covale none ? A ASP 3 CG ? ? ? 1_555 A LYS 9  NZ ? ? A ASP 5  A LYS 11 1_555 ? ? ? ? ? ? ? 1.336 ? ? 
covale4 covale both ? A PRO 5 C  ? ? ? 1_555 A 4J2 6  N  ? ? A PRO 7  A 4J2 8  1_555 ? ? ? ? ? ? ? 1.342 ? ? 
covale5 covale both ? A 4J2 6 C  ? ? ? 1_555 A ARG 7  N  ? ? A 4J2 8  A ARG 9  1_555 ? ? ? ? ? ? ? 1.344 ? ? 
covale6 covale both ? A LYS 9 C  ? ? ? 1_555 A NH2 10 N  ? ? A LYS 11 A NH2 12 1_555 ? ? ? ? ? ? ? 1.322 ? ? 
# 
_struct_conn_type.id          covale 
_struct_conn_type.criteria    ? 
_struct_conn_type.reference   ? 
# 
loop_
_pdbx_modification_feature.ordinal 
_pdbx_modification_feature.label_comp_id 
_pdbx_modification_feature.label_asym_id 
_pdbx_modification_feature.label_seq_id 
_pdbx_modification_feature.label_alt_id 
_pdbx_modification_feature.modified_residue_label_comp_id 
_pdbx_modification_feature.modified_residue_label_asym_id 
_pdbx_modification_feature.modified_residue_label_seq_id 
_pdbx_modification_feature.modified_residue_label_alt_id 
_pdbx_modification_feature.auth_comp_id 
_pdbx_modification_feature.auth_asym_id 
_pdbx_modification_feature.auth_seq_id 
_pdbx_modification_feature.PDB_ins_code 
_pdbx_modification_feature.symmetry 
_pdbx_modification_feature.modified_residue_auth_comp_id 
_pdbx_modification_feature.modified_residue_auth_asym_id 
_pdbx_modification_feature.modified_residue_auth_seq_id 
_pdbx_modification_feature.modified_residue_PDB_ins_code 
_pdbx_modification_feature.modified_residue_symmetry 
_pdbx_modification_feature.comp_id_linking_atom 
_pdbx_modification_feature.modified_residue_id_linking_atom 
_pdbx_modification_feature.modified_residue_id 
_pdbx_modification_feature.ref_pcm_id 
_pdbx_modification_feature.ref_comp_id 
_pdbx_modification_feature.type 
_pdbx_modification_feature.category 
1 NLE A 2  ? .   . . . NLE A 4  ? 1_555 .   . .  . .     .  .  LEU 1  NLE Norleucine 'Named protein modification' 
2 4J2 A 6  ? .   . . . 4J2 A 8  ? 1_555 .   . .  . .     .  .  ?   1  4J2 None       'Non-standard residue'       
3 ACE A 1  ? NLE A 2 ? ACE A 3  ? 1_555 NLE A 4  ? 1_555 .  .  NLE 42 ACE None       'Terminal acetylation'       
4 NH2 A 10 ? LYS A 9 ? NH2 A 12 ? 1_555 LYS A 11 ? 1_555 .  .  LYS 20 NH2 None       'Terminal amidation'         
5 ASP A 3  ? LYS A 9 ? ASP A 5  ? 1_555 LYS A 11 ? 1_555 CG NZ .   .  .   None       'Isopeptide bond'            
# 
loop_
_struct_mon_prot_cis.pdbx_id 
_struct_mon_prot_cis.label_comp_id 
_struct_mon_prot_cis.label_seq_id 
_struct_mon_prot_cis.label_asym_id 
_struct_mon_prot_cis.label_alt_id 
_struct_mon_prot_cis.pdbx_PDB_ins_code 
_struct_mon_prot_cis.auth_comp_id 
_struct_mon_prot_cis.auth_seq_id 
_struct_mon_prot_cis.auth_asym_id 
_struct_mon_prot_cis.pdbx_label_comp_id_2 
_struct_mon_prot_cis.pdbx_label_seq_id_2 
_struct_mon_prot_cis.pdbx_label_asym_id_2 
_struct_mon_prot_cis.pdbx_PDB_ins_code_2 
_struct_mon_prot_cis.pdbx_auth_comp_id_2 
_struct_mon_prot_cis.pdbx_auth_seq_id_2 
_struct_mon_prot_cis.pdbx_auth_asym_id_2 
_struct_mon_prot_cis.pdbx_PDB_model_num 
_struct_mon_prot_cis.pdbx_omega_angle 
1  TRP 4 A . ? TRP 6 A PRO 5 A ? PRO 7 A 1  11.38 
2  TRP 4 A . ? TRP 6 A PRO 5 A ? PRO 7 A 2  11.00 
3  TRP 4 A . ? TRP 6 A PRO 5 A ? PRO 7 A 3  9.54  
4  TRP 4 A . ? TRP 6 A PRO 5 A ? PRO 7 A 4  8.14  
5  TRP 4 A . ? TRP 6 A PRO 5 A ? PRO 7 A 5  9.11  
6  TRP 4 A . ? TRP 6 A PRO 5 A ? PRO 7 A 6  8.91  
7  TRP 4 A . ? TRP 6 A PRO 5 A ? PRO 7 A 7  8.81  
8  TRP 4 A . ? TRP 6 A PRO 5 A ? PRO 7 A 8  8.93  
9  TRP 4 A . ? TRP 6 A PRO 5 A ? PRO 7 A 9  10.15 
10 TRP 4 A . ? TRP 6 A PRO 5 A ? PRO 7 A 10 9.38  
# 
_pdbx_entry_details.entry_id                   2N7T 
_pdbx_entry_details.compound_details           ? 
_pdbx_entry_details.source_details             ? 
_pdbx_entry_details.nonpolymer_details         ? 
_pdbx_entry_details.sequence_details           ? 
_pdbx_entry_details.has_ligand_of_interest     ? 
_pdbx_entry_details.has_protein_modification   Y 
# 
loop_
_pdbx_validate_rmsd_angle.id 
_pdbx_validate_rmsd_angle.PDB_model_num 
_pdbx_validate_rmsd_angle.auth_atom_id_1 
_pdbx_validate_rmsd_angle.auth_asym_id_1 
_pdbx_validate_rmsd_angle.auth_comp_id_1 
_pdbx_validate_rmsd_angle.auth_seq_id_1 
_pdbx_validate_rmsd_angle.PDB_ins_code_1 
_pdbx_validate_rmsd_angle.label_alt_id_1 
_pdbx_validate_rmsd_angle.auth_atom_id_2 
_pdbx_validate_rmsd_angle.auth_asym_id_2 
_pdbx_validate_rmsd_angle.auth_comp_id_2 
_pdbx_validate_rmsd_angle.auth_seq_id_2 
_pdbx_validate_rmsd_angle.PDB_ins_code_2 
_pdbx_validate_rmsd_angle.label_alt_id_2 
_pdbx_validate_rmsd_angle.auth_atom_id_3 
_pdbx_validate_rmsd_angle.auth_asym_id_3 
_pdbx_validate_rmsd_angle.auth_comp_id_3 
_pdbx_validate_rmsd_angle.auth_seq_id_3 
_pdbx_validate_rmsd_angle.PDB_ins_code_3 
_pdbx_validate_rmsd_angle.label_alt_id_3 
_pdbx_validate_rmsd_angle.angle_value 
_pdbx_validate_rmsd_angle.angle_target_value 
_pdbx_validate_rmsd_angle.angle_deviation 
_pdbx_validate_rmsd_angle.angle_standard_deviation 
_pdbx_validate_rmsd_angle.linker_flag 
1  1  NE A ARG 9 ? ? CZ A ARG 9 ? ? NH1 A ARG 9 ? ? 123.94 120.30 3.64  0.50 N 
2  2  NE A ARG 9 ? ? CZ A ARG 9 ? ? NH1 A ARG 9 ? ? 124.65 120.30 4.35  0.50 N 
3  2  NE A ARG 9 ? ? CZ A ARG 9 ? ? NH2 A ARG 9 ? ? 117.19 120.30 -3.11 0.50 N 
4  3  NE A ARG 9 ? ? CZ A ARG 9 ? ? NH1 A ARG 9 ? ? 124.79 120.30 4.49  0.50 N 
5  3  NE A ARG 9 ? ? CZ A ARG 9 ? ? NH2 A ARG 9 ? ? 117.06 120.30 -3.24 0.50 N 
6  4  NE A ARG 9 ? ? CZ A ARG 9 ? ? NH1 A ARG 9 ? ? 124.43 120.30 4.13  0.50 N 
7  5  NE A ARG 9 ? ? CZ A ARG 9 ? ? NH1 A ARG 9 ? ? 124.46 120.30 4.16  0.50 N 
8  5  NE A ARG 9 ? ? CZ A ARG 9 ? ? NH2 A ARG 9 ? ? 117.25 120.30 -3.05 0.50 N 
9  6  NE A ARG 9 ? ? CZ A ARG 9 ? ? NH1 A ARG 9 ? ? 124.68 120.30 4.38  0.50 N 
10 6  NE A ARG 9 ? ? CZ A ARG 9 ? ? NH2 A ARG 9 ? ? 117.20 120.30 -3.10 0.50 N 
11 7  NE A ARG 9 ? ? CZ A ARG 9 ? ? NH1 A ARG 9 ? ? 124.42 120.30 4.12  0.50 N 
12 8  NE A ARG 9 ? ? CZ A ARG 9 ? ? NH1 A ARG 9 ? ? 124.51 120.30 4.21  0.50 N 
13 8  NE A ARG 9 ? ? CZ A ARG 9 ? ? NH2 A ARG 9 ? ? 117.23 120.30 -3.07 0.50 N 
14 9  NE A ARG 9 ? ? CZ A ARG 9 ? ? NH1 A ARG 9 ? ? 124.35 120.30 4.05  0.50 N 
15 9  NE A ARG 9 ? ? CZ A ARG 9 ? ? NH2 A ARG 9 ? ? 117.23 120.30 -3.07 0.50 N 
16 10 NE A ARG 9 ? ? CZ A ARG 9 ? ? NH1 A ARG 9 ? ? 124.57 120.30 4.27  0.50 N 
17 10 NE A ARG 9 ? ? CZ A ARG 9 ? ? NH2 A ARG 9 ? ? 117.15 120.30 -3.15 0.50 N 
# 
loop_
_pdbx_validate_torsion.id 
_pdbx_validate_torsion.PDB_model_num 
_pdbx_validate_torsion.auth_comp_id 
_pdbx_validate_torsion.auth_asym_id 
_pdbx_validate_torsion.auth_seq_id 
_pdbx_validate_torsion.PDB_ins_code 
_pdbx_validate_torsion.label_alt_id 
_pdbx_validate_torsion.phi 
_pdbx_validate_torsion.psi 
1  1  4J2 A 8 ? ? 132.07 55.76 
2  2  4J2 A 8 ? ? 133.95 54.82 
3  3  4J2 A 8 ? ? 137.65 58.56 
4  4  4J2 A 8 ? ? 135.55 55.89 
5  5  4J2 A 8 ? ? 137.00 59.02 
6  6  PRO A 7 ? ? -94.73 49.24 
7  6  4J2 A 8 ? ? 98.68  64.13 
8  7  4J2 A 8 ? ? 137.38 54.55 
9  8  4J2 A 8 ? ? 132.46 66.64 
10 9  4J2 A 8 ? ? 134.05 56.58 
11 10 4J2 A 8 ? ? 138.70 57.56 
# 
_pdbx_struct_mod_residue.id               1 
_pdbx_struct_mod_residue.label_asym_id    A 
_pdbx_struct_mod_residue.label_comp_id    NLE 
_pdbx_struct_mod_residue.label_seq_id     2 
_pdbx_struct_mod_residue.auth_asym_id     A 
_pdbx_struct_mod_residue.auth_comp_id     NLE 
_pdbx_struct_mod_residue.auth_seq_id      4 
_pdbx_struct_mod_residue.PDB_ins_code     ? 
_pdbx_struct_mod_residue.parent_comp_id   LEU 
_pdbx_struct_mod_residue.details          NORLEUCINE 
# 
_pdbx_nmr_ensemble.average_constraint_violations_per_residue     ? 
_pdbx_nmr_ensemble.average_constraints_per_residue               ? 
_pdbx_nmr_ensemble.average_distance_constraint_violation         ? 
_pdbx_nmr_ensemble.average_torsion_angle_constraint_violation    ? 
_pdbx_nmr_ensemble.conformer_selection_criteria                  'back calculated data agree with experimental NOESY spectrum' 
_pdbx_nmr_ensemble.conformers_calculated_total_number            100 
_pdbx_nmr_ensemble.conformers_submitted_total_number             10 
_pdbx_nmr_ensemble.distance_constraint_violation_method          ? 
_pdbx_nmr_ensemble.entry_id                                      2N7T 
_pdbx_nmr_ensemble.maximum_distance_constraint_violation         ? 
_pdbx_nmr_ensemble.maximum_lower_distance_constraint_violation   ? 
_pdbx_nmr_ensemble.maximum_torsion_angle_constraint_violation    ? 
_pdbx_nmr_ensemble.maximum_upper_distance_constraint_violation   ? 
_pdbx_nmr_ensemble.torsion_angle_constraint_violation_method     ? 
# 
_pdbx_nmr_representative.conformer_id         1 
_pdbx_nmr_representative.entry_id             2N7T 
_pdbx_nmr_representative.selection_criteria   'lowest energy' 
# 
_pdbx_nmr_sample_details.contents         '2 mM PG, 200 mM [U-2H] DPC, 90% H2O/10% D2O' 
_pdbx_nmr_sample_details.solution_id      1 
_pdbx_nmr_sample_details.solvent_system   '90% H2O/10% D2O' 
_pdbx_nmr_sample_details.label            ? 
_pdbx_nmr_sample_details.type             ? 
_pdbx_nmr_sample_details.details          ? 
# 
loop_
_pdbx_nmr_exptl_sample.component 
_pdbx_nmr_exptl_sample.concentration 
_pdbx_nmr_exptl_sample.concentration_range 
_pdbx_nmr_exptl_sample.concentration_units 
_pdbx_nmr_exptl_sample.isotopic_labeling 
_pdbx_nmr_exptl_sample.solution_id 
PG-992-1 2   ? mM ?        1 
DPC-2    200 ? mM '[U-2H]' 1 
# 
_pdbx_nmr_exptl_sample_conditions.conditions_id          1 
_pdbx_nmr_exptl_sample_conditions.ionic_strength         10 
_pdbx_nmr_exptl_sample_conditions.pH                     5.5 
_pdbx_nmr_exptl_sample_conditions.pressure               ambient 
_pdbx_nmr_exptl_sample_conditions.pressure_units         ? 
_pdbx_nmr_exptl_sample_conditions.temperature            298.0 
_pdbx_nmr_exptl_sample_conditions.temperature_units      K 
_pdbx_nmr_exptl_sample_conditions.label                  ? 
_pdbx_nmr_exptl_sample_conditions.pH_units               ? 
_pdbx_nmr_exptl_sample_conditions.ionic_strength_units   ? 
# 
loop_
_pdbx_nmr_exptl.conditions_id 
_pdbx_nmr_exptl.experiment_id 
_pdbx_nmr_exptl.solution_id 
_pdbx_nmr_exptl.type 
1 1 1 '2D 1H-1H NOESY' 
1 2 1 '2D 1H-1H TOCSY' 
1 3 1 '2D DQF-COSY'    
# 
_pdbx_nmr_refine.entry_id           2N7T 
_pdbx_nmr_refine.method             'simulated annealing' 
_pdbx_nmr_refine.details            ? 
_pdbx_nmr_refine.software_ordinal   1 
# 
loop_
_pdbx_nmr_software.authors 
_pdbx_nmr_software.classification 
_pdbx_nmr_software.name 
_pdbx_nmr_software.version 
_pdbx_nmr_software.ordinal 
'Bartels et al.'                    'chemical shift assignment' XEASY ? 1 
'Guntert, Mumenthaler and Wuthrich' 'structure solution'        CYANA ? 2 
'Guntert, Mumenthaler and Wuthrich' refinement                  CYANA ? 3 
# 
loop_
_chem_comp_atom.comp_id 
_chem_comp_atom.atom_id 
_chem_comp_atom.type_symbol 
_chem_comp_atom.pdbx_aromatic_flag 
_chem_comp_atom.pdbx_stereo_config 
_chem_comp_atom.pdbx_ordinal 
4J2 N    N N N 1   
4J2 CA   C N R 2   
4J2 CB   C N N 3   
4J2 CG   C Y N 4   
4J2 CD1  C Y N 5   
4J2 CD2  C Y N 6   
4J2 CE1  C Y N 7   
4J2 CZ1  C Y N 8   
4J2 CZ2  C Y N 9   
4J2 CZ3  C Y N 10  
4J2 CE2  C Y N 11  
4J2 CE3  C Y N 12  
4J2 CE4  C Y N 13  
4J2 HE1  H N N 14  
4J2 HE3  H N N 15  
4J2 HE4  H N N 16  
4J2 C    C N N 17  
4J2 O    O N N 18  
4J2 H    H N N 19  
4J2 H2   H N N 20  
4J2 HA   H N N 21  
4J2 HB2  H N N 22  
4J2 HB1  H N N 23  
4J2 HD1  H N N 24  
4J2 HD2  H N N 25  
4J2 HZ2  H N N 26  
4J2 HZ23 H N N 27  
4J2 OXT  O N N 28  
4J2 HXT  H N N 29  
ACE C    C N N 30  
ACE O    O N N 31  
ACE CH3  C N N 32  
ACE H    H N N 33  
ACE H1   H N N 34  
ACE H2   H N N 35  
ACE H3   H N N 36  
ARG N    N N N 37  
ARG CA   C N S 38  
ARG C    C N N 39  
ARG O    O N N 40  
ARG CB   C N N 41  
ARG CG   C N N 42  
ARG CD   C N N 43  
ARG NE   N N N 44  
ARG CZ   C N N 45  
ARG NH1  N N N 46  
ARG NH2  N N N 47  
ARG OXT  O N N 48  
ARG H    H N N 49  
ARG H2   H N N 50  
ARG HA   H N N 51  
ARG HB2  H N N 52  
ARG HB3  H N N 53  
ARG HG2  H N N 54  
ARG HG3  H N N 55  
ARG HD2  H N N 56  
ARG HD3  H N N 57  
ARG HE   H N N 58  
ARG HH11 H N N 59  
ARG HH12 H N N 60  
ARG HH21 H N N 61  
ARG HH22 H N N 62  
ARG HXT  H N N 63  
ASP N    N N N 64  
ASP CA   C N S 65  
ASP C    C N N 66  
ASP O    O N N 67  
ASP CB   C N N 68  
ASP CG   C N N 69  
ASP OD1  O N N 70  
ASP OD2  O N N 71  
ASP OXT  O N N 72  
ASP H    H N N 73  
ASP H2   H N N 74  
ASP HA   H N N 75  
ASP HB2  H N N 76  
ASP HB3  H N N 77  
ASP HD2  H N N 78  
ASP HXT  H N N 79  
LYS N    N N N 80  
LYS CA   C N S 81  
LYS C    C N N 82  
LYS O    O N N 83  
LYS CB   C N N 84  
LYS CG   C N N 85  
LYS CD   C N N 86  
LYS CE   C N N 87  
LYS NZ   N N N 88  
LYS OXT  O N N 89  
LYS H    H N N 90  
LYS H2   H N N 91  
LYS HA   H N N 92  
LYS HB2  H N N 93  
LYS HB3  H N N 94  
LYS HG2  H N N 95  
LYS HG3  H N N 96  
LYS HD2  H N N 97  
LYS HD3  H N N 98  
LYS HE2  H N N 99  
LYS HE3  H N N 100 
LYS HZ1  H N N 101 
LYS HZ2  H N N 102 
LYS HZ3  H N N 103 
LYS HXT  H N N 104 
NH2 N    N N N 105 
NH2 HN1  H N N 106 
NH2 HN2  H N N 107 
NLE N    N N N 108 
NLE CA   C N S 109 
NLE C    C N N 110 
NLE O    O N N 111 
NLE OXT  O N N 112 
NLE CB   C N N 113 
NLE CG   C N N 114 
NLE CD   C N N 115 
NLE CE   C N N 116 
NLE H    H N N 117 
NLE H2   H N N 118 
NLE HA   H N N 119 
NLE HXT  H N N 120 
NLE HB2  H N N 121 
NLE HB3  H N N 122 
NLE HG2  H N N 123 
NLE HG3  H N N 124 
NLE HD2  H N N 125 
NLE HD3  H N N 126 
NLE HE1  H N N 127 
NLE HE2  H N N 128 
NLE HE3  H N N 129 
PRO N    N N N 130 
PRO CA   C N S 131 
PRO C    C N N 132 
PRO O    O N N 133 
PRO CB   C N N 134 
PRO CG   C N N 135 
PRO CD   C N N 136 
PRO OXT  O N N 137 
PRO H    H N N 138 
PRO HA   H N N 139 
PRO HB2  H N N 140 
PRO HB3  H N N 141 
PRO HG2  H N N 142 
PRO HG3  H N N 143 
PRO HD2  H N N 144 
PRO HD3  H N N 145 
PRO HXT  H N N 146 
TRP N    N N N 147 
TRP CA   C N S 148 
TRP C    C N N 149 
TRP O    O N N 150 
TRP CB   C N N 151 
TRP CG   C Y N 152 
TRP CD1  C Y N 153 
TRP CD2  C Y N 154 
TRP NE1  N Y N 155 
TRP CE2  C Y N 156 
TRP CE3  C Y N 157 
TRP CZ2  C Y N 158 
TRP CZ3  C Y N 159 
TRP CH2  C Y N 160 
TRP OXT  O N N 161 
TRP H    H N N 162 
TRP H2   H N N 163 
TRP HA   H N N 164 
TRP HB2  H N N 165 
TRP HB3  H N N 166 
TRP HD1  H N N 167 
TRP HE1  H N N 168 
TRP HE3  H N N 169 
TRP HZ2  H N N 170 
TRP HZ3  H N N 171 
TRP HH2  H N N 172 
TRP HXT  H N N 173 
# 
loop_
_chem_comp_bond.comp_id 
_chem_comp_bond.atom_id_1 
_chem_comp_bond.atom_id_2 
_chem_comp_bond.value_order 
_chem_comp_bond.pdbx_aromatic_flag 
_chem_comp_bond.pdbx_stereo_config 
_chem_comp_bond.pdbx_ordinal 
4J2 N   CA   sing N N 1   
4J2 CA  CB   sing N N 2   
4J2 CA  C    sing N N 3   
4J2 CB  CG   sing N N 4   
4J2 CG  CD1  doub Y N 5   
4J2 CG  CD2  sing Y N 6   
4J2 CD1 CE1  sing Y N 7   
4J2 CD2 CE2  doub Y N 8   
4J2 CE1 CZ1  doub Y N 9   
4J2 CE1 HE1  sing N N 10  
4J2 CZ1 CZ2  sing Y N 11  
4J2 CZ1 CE2  sing Y N 12  
4J2 CZ2 CZ3  doub Y N 13  
4J2 CZ3 CE4  sing Y N 14  
4J2 CE2 CE3  sing Y N 15  
4J2 CE3 CE4  doub Y N 16  
4J2 CE3 HE3  sing N N 17  
4J2 CE4 HE4  sing N N 18  
4J2 C   O    doub N N 19  
4J2 N   H    sing N N 20  
4J2 N   H2   sing N N 21  
4J2 CA  HA   sing N N 22  
4J2 CB  HB2  sing N N 23  
4J2 CB  HB1  sing N N 24  
4J2 CD1 HD1  sing N N 25  
4J2 CD2 HD2  sing N N 26  
4J2 CZ2 HZ2  sing N N 27  
4J2 CZ3 HZ23 sing N N 28  
4J2 C   OXT  sing N N 29  
4J2 OXT HXT  sing N N 30  
ACE C   O    doub N N 31  
ACE C   CH3  sing N N 32  
ACE C   H    sing N N 33  
ACE CH3 H1   sing N N 34  
ACE CH3 H2   sing N N 35  
ACE CH3 H3   sing N N 36  
ARG N   CA   sing N N 37  
ARG N   H    sing N N 38  
ARG N   H2   sing N N 39  
ARG CA  C    sing N N 40  
ARG CA  CB   sing N N 41  
ARG CA  HA   sing N N 42  
ARG C   O    doub N N 43  
ARG C   OXT  sing N N 44  
ARG CB  CG   sing N N 45  
ARG CB  HB2  sing N N 46  
ARG CB  HB3  sing N N 47  
ARG CG  CD   sing N N 48  
ARG CG  HG2  sing N N 49  
ARG CG  HG3  sing N N 50  
ARG CD  NE   sing N N 51  
ARG CD  HD2  sing N N 52  
ARG CD  HD3  sing N N 53  
ARG NE  CZ   sing N N 54  
ARG NE  HE   sing N N 55  
ARG CZ  NH1  sing N N 56  
ARG CZ  NH2  doub N N 57  
ARG NH1 HH11 sing N N 58  
ARG NH1 HH12 sing N N 59  
ARG NH2 HH21 sing N N 60  
ARG NH2 HH22 sing N N 61  
ARG OXT HXT  sing N N 62  
ASP N   CA   sing N N 63  
ASP N   H    sing N N 64  
ASP N   H2   sing N N 65  
ASP CA  C    sing N N 66  
ASP CA  CB   sing N N 67  
ASP CA  HA   sing N N 68  
ASP C   O    doub N N 69  
ASP C   OXT  sing N N 70  
ASP CB  CG   sing N N 71  
ASP CB  HB2  sing N N 72  
ASP CB  HB3  sing N N 73  
ASP CG  OD1  doub N N 74  
ASP CG  OD2  sing N N 75  
ASP OD2 HD2  sing N N 76  
ASP OXT HXT  sing N N 77  
LYS N   CA   sing N N 78  
LYS N   H    sing N N 79  
LYS N   H2   sing N N 80  
LYS CA  C    sing N N 81  
LYS CA  CB   sing N N 82  
LYS CA  HA   sing N N 83  
LYS C   O    doub N N 84  
LYS C   OXT  sing N N 85  
LYS CB  CG   sing N N 86  
LYS CB  HB2  sing N N 87  
LYS CB  HB3  sing N N 88  
LYS CG  CD   sing N N 89  
LYS CG  HG2  sing N N 90  
LYS CG  HG3  sing N N 91  
LYS CD  CE   sing N N 92  
LYS CD  HD2  sing N N 93  
LYS CD  HD3  sing N N 94  
LYS CE  NZ   sing N N 95  
LYS CE  HE2  sing N N 96  
LYS CE  HE3  sing N N 97  
LYS NZ  HZ1  sing N N 98  
LYS NZ  HZ2  sing N N 99  
LYS NZ  HZ3  sing N N 100 
LYS OXT HXT  sing N N 101 
NH2 N   HN1  sing N N 102 
NH2 N   HN2  sing N N 103 
NLE N   CA   sing N N 104 
NLE N   H    sing N N 105 
NLE N   H2   sing N N 106 
NLE CA  C    sing N N 107 
NLE CA  CB   sing N N 108 
NLE CA  HA   sing N N 109 
NLE C   O    doub N N 110 
NLE C   OXT  sing N N 111 
NLE OXT HXT  sing N N 112 
NLE CB  CG   sing N N 113 
NLE CB  HB2  sing N N 114 
NLE CB  HB3  sing N N 115 
NLE CG  CD   sing N N 116 
NLE CG  HG2  sing N N 117 
NLE CG  HG3  sing N N 118 
NLE CD  CE   sing N N 119 
NLE CD  HD2  sing N N 120 
NLE CD  HD3  sing N N 121 
NLE CE  HE1  sing N N 122 
NLE CE  HE2  sing N N 123 
NLE CE  HE3  sing N N 124 
PRO N   CA   sing N N 125 
PRO N   CD   sing N N 126 
PRO N   H    sing N N 127 
PRO CA  C    sing N N 128 
PRO CA  CB   sing N N 129 
PRO CA  HA   sing N N 130 
PRO C   O    doub N N 131 
PRO C   OXT  sing N N 132 
PRO CB  CG   sing N N 133 
PRO CB  HB2  sing N N 134 
PRO CB  HB3  sing N N 135 
PRO CG  CD   sing N N 136 
PRO CG  HG2  sing N N 137 
PRO CG  HG3  sing N N 138 
PRO CD  HD2  sing N N 139 
PRO CD  HD3  sing N N 140 
PRO OXT HXT  sing N N 141 
TRP N   CA   sing N N 142 
TRP N   H    sing N N 143 
TRP N   H2   sing N N 144 
TRP CA  C    sing N N 145 
TRP CA  CB   sing N N 146 
TRP CA  HA   sing N N 147 
TRP C   O    doub N N 148 
TRP C   OXT  sing N N 149 
TRP CB  CG   sing N N 150 
TRP CB  HB2  sing N N 151 
TRP CB  HB3  sing N N 152 
TRP CG  CD1  doub Y N 153 
TRP CG  CD2  sing Y N 154 
TRP CD1 NE1  sing Y N 155 
TRP CD1 HD1  sing N N 156 
TRP CD2 CE2  doub Y N 157 
TRP CD2 CE3  sing Y N 158 
TRP NE1 CE2  sing Y N 159 
TRP NE1 HE1  sing N N 160 
TRP CE2 CZ2  sing Y N 161 
TRP CE3 CZ3  doub Y N 162 
TRP CE3 HE3  sing N N 163 
TRP CZ2 CH2  doub Y N 164 
TRP CZ2 HZ2  sing N N 165 
TRP CZ3 CH2  sing Y N 166 
TRP CZ3 HZ3  sing N N 167 
TRP CH2 HH2  sing N N 168 
TRP OXT HXT  sing N N 169 
# 
_pdbx_nmr_spectrometer.field_strength    700 
_pdbx_nmr_spectrometer.manufacturer      Varian 
_pdbx_nmr_spectrometer.model             INOVA 
_pdbx_nmr_spectrometer.spectrometer_id   1 
_pdbx_nmr_spectrometer.type              'Varian INOVA' 
# 
_atom_sites.entry_id                    2N7T 
_atom_sites.fract_transf_matrix[1][1]   1.000000 
_atom_sites.fract_transf_matrix[1][2]   0.000000 
_atom_sites.fract_transf_matrix[1][3]   0.000000 
_atom_sites.fract_transf_matrix[2][1]   0.000000 
_atom_sites.fract_transf_matrix[2][2]   1.000000 
_atom_sites.fract_transf_matrix[2][3]   0.000000 
_atom_sites.fract_transf_matrix[3][1]   0.000000 
_atom_sites.fract_transf_matrix[3][2]   0.000000 
_atom_sites.fract_transf_matrix[3][3]   1.000000 
_atom_sites.fract_transf_vector[1]      0.00000 
_atom_sites.fract_transf_vector[2]      0.00000 
_atom_sites.fract_transf_vector[3]      0.00000 
# 
loop_
_atom_type.symbol 
C 
H 
N 
O 
# 
loop_
_atom_site.group_PDB 
_atom_site.id 
_atom_site.type_symbol 
_atom_site.label_atom_id 
_atom_site.label_alt_id 
_atom_site.label_comp_id 
_atom_site.label_asym_id 
_atom_site.label_entity_id 
_atom_site.label_seq_id 
_atom_site.pdbx_PDB_ins_code 
_atom_site.Cartn_x 
_atom_site.Cartn_y 
_atom_site.Cartn_z 
_atom_site.occupancy 
_atom_site.B_iso_or_equiv 
_atom_site.pdbx_formal_charge 
_atom_site.auth_seq_id 
_atom_site.auth_comp_id 
_atom_site.auth_asym_id 
_atom_site.auth_atom_id 
_atom_site.pdbx_PDB_model_num 
HETATM 1    C C    . ACE A 1 1  ? -2.585 3.662  2.507  1.00 1.42  ? 3  ACE A C    1  
HETATM 2    O O    . ACE A 1 1  ? -3.082 2.674  1.967  1.00 25.23 ? 3  ACE A O    1  
HETATM 3    C CH3  . ACE A 1 1  ? -3.440 4.614  3.321  1.00 11.32 ? 3  ACE A CH3  1  
HETATM 4    H H1   . ACE A 1 1  ? -4.512 4.387  3.186  1.00 11.05 ? 3  ACE A H1   1  
HETATM 5    H H2   . ACE A 1 1  ? -3.213 4.526  4.399  1.00 31.00 ? 3  ACE A H2   1  
HETATM 6    H H3   . ACE A 1 1  ? -3.289 5.666  3.018  1.00 0.00  ? 3  ACE A H3   1  
HETATM 7    N N    . NLE A 1 2  ? -1.291 3.969  2.430  1.00 24.32 ? 4  NLE A N    1  
HETATM 8    C CA   . NLE A 1 2  ? -0.316 3.161  1.652  1.00 22.54 ? 4  NLE A CA   1  
HETATM 9    C C    . NLE A 1 2  ? 0.264  1.956  2.457  1.00 51.12 ? 4  NLE A C    1  
HETATM 10   O O    . NLE A 1 2  ? 0.948  2.111  3.473  1.00 4.44  ? 4  NLE A O    1  
HETATM 11   C CB   . NLE A 1 2  ? 0.767  4.081  1.040  1.00 51.41 ? 4  NLE A CB   1  
HETATM 12   C CG   . NLE A 1 2  ? 1.669  4.909  1.992  1.00 53.53 ? 4  NLE A CG   1  
HETATM 13   C CD   . NLE A 1 2  ? 2.420  6.058  1.291  1.00 13.25 ? 4  NLE A CD   1  
HETATM 14   C CE   . NLE A 1 2  ? 3.542  5.600  0.349  1.00 21.12 ? 4  NLE A CE   1  
HETATM 15   H H    . NLE A 1 2  ? -1.022 4.844  2.882  1.00 73.41 ? 4  NLE A H    1  
HETATM 16   H HA   . NLE A 1 2  ? -0.855 2.765  0.766  1.00 13.34 ? 4  NLE A HA   1  
HETATM 17   H HB2  . NLE A 1 2  ? 0.259  4.748  0.326  1.00 12.25 ? 4  NLE A HB2  1  
HETATM 18   H HB3  . NLE A 1 2  ? 1.420  3.469  0.397  1.00 64.43 ? 4  NLE A HB3  1  
HETATM 19   H HG2  . NLE A 1 2  ? 2.385  4.244  2.515  1.00 24.40 ? 4  NLE A HG2  1  
HETATM 20   H HG3  . NLE A 1 2  ? 1.057  5.351  2.799  1.00 61.35 ? 4  NLE A HG3  1  
HETATM 21   H HD2  . NLE A 1 2  ? 2.859  6.717  2.064  1.00 34.12 ? 4  NLE A HD2  1  
HETATM 22   H HD3  . NLE A 1 2  ? 1.702  6.695  0.739  1.00 2.42  ? 4  NLE A HD3  1  
HETATM 23   H HE1  . NLE A 1 2  ? 4.320  5.034  0.893  1.00 35.54 ? 4  NLE A HE1  1  
HETATM 24   H HE2  . NLE A 1 2  ? 3.167  4.948  -0.463 1.00 13.20 ? 4  NLE A HE2  1  
HETATM 25   H HE3  . NLE A 1 2  ? 4.042  6.461  -0.131 1.00 14.24 ? 4  NLE A HE3  1  
ATOM   26   N N    . ASP A 1 3  ? -0.026 0.746  1.965  1.00 42.23 ? 5  ASP A N    1  
ATOM   27   C CA   . ASP A 1 3  ? 0.328  -0.532 2.640  1.00 14.33 ? 5  ASP A CA   1  
ATOM   28   C C    . ASP A 1 3  ? 1.407  -1.302 1.814  1.00 70.04 ? 5  ASP A C    1  
ATOM   29   O O    . ASP A 1 3  ? 1.241  -1.532 0.611  1.00 71.01 ? 5  ASP A O    1  
ATOM   30   C CB   . ASP A 1 3  ? -0.977 -1.356 2.820  1.00 73.01 ? 5  ASP A CB   1  
ATOM   31   C CG   . ASP A 1 3  ? -1.846 -0.938 4.016  1.00 3.02  ? 5  ASP A CG   1  
ATOM   32   O OD1  . ASP A 1 3  ? -1.696 -1.502 5.100  1.00 41.31 ? 5  ASP A OD1  1  
ATOM   33   H H    . ASP A 1 3  ? -0.581 0.781  1.093  1.00 62.10 ? 5  ASP A H    1  
ATOM   34   H HA   . ASP A 1 3  ? 0.740  -0.334 3.653  1.00 60.50 ? 5  ASP A HA   1  
ATOM   35   H HB2  . ASP A 1 3  ? -1.577 -1.379 1.891  1.00 0.00  ? 5  ASP A HB2  1  
ATOM   36   H HB3  . ASP A 1 3  ? -0.716 -2.415 2.986  1.00 72.20 ? 5  ASP A HB3  1  
ATOM   37   N N    . TRP A 1 4  ? 2.518  -1.693 2.468  1.00 0.00  ? 6  TRP A N    1  
ATOM   38   C CA   . TRP A 1 4  ? 3.714  -2.284 1.794  1.00 0.00  ? 6  TRP A CA   1  
ATOM   39   C C    . TRP A 1 4  ? 3.430  -3.626 1.005  1.00 0.00  ? 6  TRP A C    1  
ATOM   40   O O    . TRP A 1 4  ? 2.785  -4.511 1.582  1.00 0.00  ? 6  TRP A O    1  
ATOM   41   C CB   . TRP A 1 4  ? 4.801  -2.457 2.895  1.00 0.00  ? 6  TRP A CB   1  
ATOM   42   C CG   . TRP A 1 4  ? 6.195  -2.883 2.398  1.00 0.00  ? 6  TRP A CG   1  
ATOM   43   C CD1  . TRP A 1 4  ? 6.607  -4.211 2.147  1.00 0.00  ? 6  TRP A CD1  1  
ATOM   44   C CD2  . TRP A 1 4  ? 7.256  -2.088 1.998  1.00 0.00  ? 6  TRP A CD2  1  
ATOM   45   N NE1  . TRP A 1 4  ? 7.902  -4.266 1.599  1.00 0.00  ? 6  TRP A NE1  1  
ATOM   46   C CE2  . TRP A 1 4  ? 8.283  -2.939 1.511  1.00 0.00  ? 6  TRP A CE2  1  
ATOM   47   C CE3  . TRP A 1 4  ? 7.413  -0.681 1.956  1.00 0.00  ? 6  TRP A CE3  1  
ATOM   48   C CZ2  . TRP A 1 4  ? 9.470  -2.386 0.979  1.00 0.00  ? 6  TRP A CZ2  1  
ATOM   49   C CZ3  . TRP A 1 4  ? 8.597  -0.158 1.432  1.00 0.00  ? 6  TRP A CZ3  1  
ATOM   50   C CH2  . TRP A 1 4  ? 9.609  -0.996 0.951  1.00 0.00  ? 6  TRP A CH2  1  
ATOM   51   H H    . TRP A 1 4  ? 2.517  -1.492 3.473  1.00 0.00  ? 6  TRP A H    1  
ATOM   52   H HA   . TRP A 1 4  ? 4.078  -1.515 1.087  1.00 0.00  ? 6  TRP A HA   1  
ATOM   53   H HB2  . TRP A 1 4  ? 4.921  -1.511 3.460  1.00 0.00  ? 6  TRP A HB2  1  
ATOM   54   H HB3  . TRP A 1 4  ? 4.455  -3.189 3.649  1.00 0.00  ? 6  TRP A HB3  1  
ATOM   55   H HD1  . TRP A 1 4  ? 5.969  -5.076 2.268  1.00 0.00  ? 6  TRP A HD1  1  
ATOM   56   H HE1  . TRP A 1 4  ? 8.433  -5.090 1.295  1.00 0.00  ? 6  TRP A HE1  1  
ATOM   57   H HE3  . TRP A 1 4  ? 6.635  -0.026 2.314  1.00 0.00  ? 6  TRP A HE3  1  
ATOM   58   H HZ2  . TRP A 1 4  ? 10.251 -3.026 0.594  1.00 0.00  ? 6  TRP A HZ2  1  
ATOM   59   H HZ3  . TRP A 1 4  ? 8.733  0.913  1.393  1.00 0.00  ? 6  TRP A HZ3  1  
ATOM   60   H HH2  . TRP A 1 4  ? 10.512 -0.561 0.545  1.00 0.00  ? 6  TRP A HH2  1  
ATOM   61   N N    . PRO A 1 5  ? 3.878  -3.836 -0.274 1.00 22.14 ? 7  PRO A N    1  
ATOM   62   C CA   . PRO A 1 5  ? 4.871  -2.961 -0.983 1.00 10.30 ? 7  PRO A CA   1  
ATOM   63   C C    . PRO A 1 5  ? 4.385  -1.694 -1.776 1.00 31.43 ? 7  PRO A C    1  
ATOM   64   O O    . PRO A 1 5  ? 5.185  -1.092 -2.495 1.00 11.54 ? 7  PRO A O    1  
ATOM   65   C CB   . PRO A 1 5  ? 5.568  -4.012 -1.870 1.00 73.35 ? 7  PRO A CB   1  
ATOM   66   C CG   . PRO A 1 5  ? 4.471  -5.008 -2.248 1.00 73.14 ? 7  PRO A CG   1  
ATOM   67   C CD   . PRO A 1 5  ? 3.649  -5.124 -0.965 1.00 50.35 ? 7  PRO A CD   1  
ATOM   68   H HA   . PRO A 1 5  ? 5.636  -2.583 -0.285 1.00 70.33 ? 7  PRO A HA   1  
ATOM   69   H HB2  . PRO A 1 5  ? 6.077  -3.578 -2.752 1.00 0.00  ? 7  PRO A HB2  1  
ATOM   70   H HB3  . PRO A 1 5  ? 6.362  -4.525 -1.290 1.00 33.33 ? 7  PRO A HB3  1  
ATOM   71   H HG2  . PRO A 1 5  ? 3.849  -4.603 -3.070 1.00 0.00  ? 7  PRO A HG2  1  
ATOM   72   H HG3  . PRO A 1 5  ? 4.872  -5.982 -2.588 1.00 23.41 ? 7  PRO A HG3  1  
ATOM   73   H HD2  . PRO A 1 5  ? 2.577  -5.297 -1.177 1.00 0.00  ? 7  PRO A HD2  1  
ATOM   74   H HD3  . PRO A 1 5  ? 4.006  -5.970 -0.344 1.00 41.43 ? 7  PRO A HD3  1  
HETATM 75   N N    . 4J2 A 1 6  ? 3.127  -1.258 -1.613 1.00 55.11 ? 8  4J2 A N    1  
HETATM 76   C CA   . 4J2 A 1 6  ? 2.598  0.006  -2.211 1.00 24.43 ? 8  4J2 A CA   1  
HETATM 77   C CB   . 4J2 A 1 6  ? 2.452  1.114  -1.117 1.00 10.34 ? 8  4J2 A CB   1  
HETATM 78   C CG   . 4J2 A 1 6  ? 3.704  1.604  -0.378 1.00 12.23 ? 8  4J2 A CG   1  
HETATM 79   C CD1  . 4J2 A 1 6  ? 4.773  2.139  -1.092 1.00 0.11  ? 8  4J2 A CD1  1  
HETATM 80   C CD2  . 4J2 A 1 6  ? 3.734  1.599  1.017  1.00 72.21 ? 8  4J2 A CD2  1  
HETATM 81   C CE1  . 4J2 A 1 6  ? 5.885  2.655  -0.435 1.00 51.02 ? 8  4J2 A CE1  1  
HETATM 82   C CZ1  . 4J2 A 1 6  ? 5.929  2.667  0.960  1.00 50.12 ? 8  4J2 A CZ1  1  
HETATM 83   C CZ2  . 4J2 A 1 6  ? 7.011  3.214  1.651  1.00 30.24 ? 8  4J2 A CZ2  1  
HETATM 84   C CZ3  . 4J2 A 1 6  ? 7.020  3.228  3.042  1.00 44.51 ? 8  4J2 A CZ3  1  
HETATM 85   C CE2  . 4J2 A 1 6  ? 4.824  2.127  1.704  1.00 75.11 ? 8  4J2 A CE2  1  
HETATM 86   C CE3  . 4J2 A 1 6  ? 4.853  2.159  3.099  1.00 3.32  ? 8  4J2 A CE3  1  
HETATM 87   C CE4  . 4J2 A 1 6  ? 5.948  2.704  3.761  1.00 51.13 ? 8  4J2 A CE4  1  
HETATM 88   H HE1  . 4J2 A 1 6  ? 6.698  3.061  -1.022 1.00 0.00  ? 8  4J2 A HE1  1  
HETATM 89   C C    . 4J2 A 1 6  ? 1.222  -0.193 -2.925 1.00 22.34 ? 8  4J2 A C    1  
HETATM 90   H HE3  . 4J2 A 1 6  ? 4.027  1.772  3.682  1.00 0.00  ? 8  4J2 A HE3  1  
HETATM 91   O O    . 4J2 A 1 6  ? 1.051  0.205  -4.078 1.00 52.33 ? 8  4J2 A O    1  
HETATM 92   H HE4  . 4J2 A 1 6  ? 5.965  2.726  4.841  1.00 0.00  ? 8  4J2 A HE4  1  
HETATM 93   H H    . 4J2 A 1 6  ? 2.594  -1.786 -0.909 1.00 71.33 ? 8  4J2 A H    1  
HETATM 94   H HA   . 4J2 A 1 6  ? 3.286  0.380  -2.994 1.00 41.44 ? 8  4J2 A HA   1  
HETATM 95   H HB2  . 4J2 A 1 6  ? 1.981  1.999  -1.576 1.00 40.54 ? 8  4J2 A HB2  1  
HETATM 96   H HB1  . 4J2 A 1 6  ? 1.695  0.788  -0.380 1.00 60.00 ? 8  4J2 A HB1  1  
HETATM 97   H HD1  . 4J2 A 1 6  ? 4.711  2.159  -2.169 1.00 0.00  ? 8  4J2 A HD1  1  
HETATM 98   H HD2  . 4J2 A 1 6  ? 2.886  1.213  1.561  1.00 0.00  ? 8  4J2 A HD2  1  
HETATM 99   H HZ2  . 4J2 A 1 6  ? 7.856  3.634  1.119  1.00 0.00  ? 8  4J2 A HZ2  1  
HETATM 100  H HZ23 . 4J2 A 1 6  ? 7.863  3.651  3.570  1.00 0.00  ? 8  4J2 A HZ23 1  
ATOM   101  N N    . ARG A 1 7  ? 0.224  -0.720 -2.194 1.00 0.00  ? 9  ARG A N    1  
ATOM   102  C CA   . ARG A 1 7  ? -1.213 -0.575 -2.518 1.00 0.00  ? 9  ARG A CA   1  
ATOM   103  C C    . ARG A 1 7  ? -1.855 0.550  -1.647 1.00 0.00  ? 9  ARG A C    1  
ATOM   104  O O    . ARG A 1 7  ? -1.541 0.707  -0.461 1.00 0.00  ? 9  ARG A O    1  
ATOM   105  C CB   . ARG A 1 7  ? -1.909 -1.946 -2.310 1.00 0.00  ? 9  ARG A CB   1  
ATOM   106  C CG   . ARG A 1 7  ? -1.947 -2.517 -0.867 1.00 0.00  ? 9  ARG A CG   1  
ATOM   107  C CD   . ARG A 1 7  ? -2.392 -3.987 -0.775 1.00 0.00  ? 9  ARG A CD   1  
ATOM   108  N NE   . ARG A 1 7  ? -2.234 -4.494 0.616  1.00 0.00  ? 9  ARG A NE   1  
ATOM   109  C CZ   . ARG A 1 7  ? -1.086 -4.887 1.174  1.00 0.00  ? 9  ARG A CZ   1  
ATOM   110  N NH1  . ARG A 1 7  ? 0.065  -4.880 0.557  1.00 0.00  ? 9  ARG A NH1  1  
ATOM   111  N NH2  . ARG A 1 7  ? -1.118 -5.283 2.404  1.00 0.00  ? 9  ARG A NH2  1  
ATOM   112  H H    . ARG A 1 7  ? 0.506  -0.908 -1.226 1.00 0.00  ? 9  ARG A H    1  
ATOM   113  H HA   . ARG A 1 7  ? -1.326 -0.312 -3.591 1.00 0.00  ? 9  ARG A HA   1  
ATOM   114  H HB2  . ARG A 1 7  ? -2.944 -1.859 -2.670 1.00 0.00  ? 9  ARG A HB2  1  
ATOM   115  H HB3  . ARG A 1 7  ? -1.443 -2.668 -3.001 1.00 0.00  ? 9  ARG A HB3  1  
ATOM   116  H HG2  . ARG A 1 7  ? -0.945 -2.414 -0.409 1.00 0.00  ? 9  ARG A HG2  1  
ATOM   117  H HG3  . ARG A 1 7  ? -2.608 -1.896 -0.232 1.00 0.00  ? 9  ARG A HG3  1  
ATOM   118  H HD2  . ARG A 1 7  ? -3.455 -4.079 -1.070 1.00 0.00  ? 9  ARG A HD2  1  
ATOM   119  H HD3  . ARG A 1 7  ? -1.840 -4.628 -1.492 1.00 0.00  ? 9  ARG A HD3  1  
ATOM   120  H HH11 . ARG A 1 7  ? 0.003  -4.500 -0.388 1.00 0.00  ? 9  ARG A HH11 1  
ATOM   121  H HH12 . ARG A 1 7  ? 0.907  -5.079 1.109  1.00 0.00  ? 9  ARG A HH12 1  
ATOM   122  H HH21 . ARG A 1 7  ? -2.059 -5.257 2.803  1.00 0.00  ? 9  ARG A HH21 1  
ATOM   123  H HH22 . ARG A 1 7  ? -0.239 -5.588 2.824  1.00 0.00  ? 9  ARG A HH22 1  
ATOM   124  N N    . TRP A 1 8  ? -2.796 1.297  -2.233 1.00 0.00  ? 10 TRP A N    1  
ATOM   125  C CA   . TRP A 1 8  ? -3.610 2.283  -1.479 1.00 0.00  ? 10 TRP A CA   1  
ATOM   126  C C    . TRP A 1 8  ? -4.942 1.624  -1.003 1.00 0.00  ? 10 TRP A C    1  
ATOM   127  O O    . TRP A 1 8  ? -5.775 1.207  -1.813 1.00 0.00  ? 10 TRP A O    1  
ATOM   128  C CB   . TRP A 1 8  ? -3.821 3.517  -2.383 1.00 0.00  ? 10 TRP A CB   1  
ATOM   129  C CG   . TRP A 1 8  ? -4.484 4.694  -1.672 1.00 0.00  ? 10 TRP A CG   1  
ATOM   130  C CD1  . TRP A 1 8  ? -5.858 4.964  -1.703 1.00 0.00  ? 10 TRP A CD1  1  
ATOM   131  C CD2  . TRP A 1 8  ? -3.927 5.645  -0.848 1.00 0.00  ? 10 TRP A CD2  1  
ATOM   132  N NE1  . TRP A 1 8  ? -6.190 6.078  -0.903 1.00 0.00  ? 10 TRP A NE1  1  
ATOM   133  C CE2  . TRP A 1 8  ? -4.967 6.488  -0.386 1.00 0.00  ? 10 TRP A CE2  1  
ATOM   134  C CE3  . TRP A 1 8  ? -2.589 5.859  -0.440 1.00 0.00  ? 10 TRP A CE3  1  
ATOM   135  C CZ2  . TRP A 1 8  ? -4.672 7.562  0.486  1.00 0.00  ? 10 TRP A CZ2  1  
ATOM   136  C CZ3  . TRP A 1 8  ? -2.318 6.927  0.415  1.00 0.00  ? 10 TRP A CZ3  1  
ATOM   137  C CH2  . TRP A 1 8  ? -3.343 7.769  0.871  1.00 0.00  ? 10 TRP A CH2  1  
ATOM   138  H H    . TRP A 1 8  ? -3.083 0.960  -3.157 1.00 0.00  ? 10 TRP A H    1  
ATOM   139  H HA   . TRP A 1 8  ? -3.034 2.643  -0.600 1.00 0.00  ? 10 TRP A HA   1  
ATOM   140  H HB2  . TRP A 1 8  ? -2.857 3.868  -2.781 1.00 0.00  ? 10 TRP A HB2  1  
ATOM   141  H HB3  . TRP A 1 8  ? -4.416 3.237  -3.271 1.00 0.00  ? 10 TRP A HB3  1  
ATOM   142  H HD1  . TRP A 1 8  ? -6.538 4.342  -2.263 1.00 0.00  ? 10 TRP A HD1  1  
ATOM   143  H HE1  . TRP A 1 8  ? -7.108 6.511  -0.761 1.00 0.00  ? 10 TRP A HE1  1  
ATOM   144  H HE3  . TRP A 1 8  ? -1.808 5.193  -0.780 1.00 0.00  ? 10 TRP A HE3  1  
ATOM   145  H HZ2  . TRP A 1 8  ? -5.456 8.212  0.844  1.00 0.00  ? 10 TRP A HZ2  1  
ATOM   146  H HZ3  . TRP A 1 8  ? -1.301 7.105  0.736  1.00 0.00  ? 10 TRP A HZ3  1  
ATOM   147  H HH2  . TRP A 1 8  ? -3.104 8.587  1.535  1.00 0.00  ? 10 TRP A HH2  1  
ATOM   148  N N    . LYS A 1 9  ? -5.128 1.554  0.320  1.00 74.43 ? 11 LYS A N    1  
ATOM   149  C CA   . LYS A 1 9  ? -6.309 0.881  0.937  1.00 4.20  ? 11 LYS A CA   1  
ATOM   150  C C    . LYS A 1 9  ? -7.631 1.717  1.049  1.00 11.04 ? 11 LYS A C    1  
ATOM   151  O O    . LYS A 1 9  ? -8.728 1.166  1.025  1.00 35.41 ? 11 LYS A O    1  
ATOM   152  C CB   . LYS A 1 9  ? -5.843 0.205  2.253  1.00 41.10 ? 11 LYS A CB   1  
ATOM   153  C CG   . LYS A 1 9  ? -5.729 1.095  3.512  1.00 44.10 ? 11 LYS A CG   1  
ATOM   154  C CD   . LYS A 1 9  ? -5.056 0.396  4.718  1.00 33.11 ? 11 LYS A CD   1  
ATOM   155  C CE   . LYS A 1 9  ? -3.543 0.642  4.890  1.00 70.12 ? 11 LYS A CE   1  
ATOM   156  N NZ   . LYS A 1 9  ? -2.722 0.049  3.809  1.00 43.51 ? 11 LYS A NZ   1  
ATOM   157  H H    . LYS A 1 9  ? -4.334 1.907  0.878  1.00 20.44 ? 11 LYS A H    1  
ATOM   158  H HA   . LYS A 1 9  ? -6.588 0.033  0.283  1.00 50.52 ? 11 LYS A HA   1  
ATOM   159  H HB2  . LYS A 1 9  ? -6.548 -0.611 2.482  1.00 0.00  ? 11 LYS A HB2  1  
ATOM   160  H HB3  . LYS A 1 9  ? -4.884 -0.321 2.075  1.00 63.23 ? 11 LYS A HB3  1  
ATOM   161  H HG2  . LYS A 1 9  ? -5.204 2.036  3.269  1.00 0.00  ? 11 LYS A HG2  1  
ATOM   162  H HG3  . LYS A 1 9  ? -6.751 1.410  3.801  1.00 60.25 ? 11 LYS A HG3  1  
ATOM   163  H HD2  . LYS A 1 9  ? -5.550 0.764  5.638  1.00 0.00  ? 11 LYS A HD2  1  
ATOM   164  H HD3  . LYS A 1 9  ? -5.268 -0.692 4.716  1.00 13.13 ? 11 LYS A HD3  1  
ATOM   165  H HE2  . LYS A 1 9  ? -3.350 1.731  4.926  1.00 0.00  ? 11 LYS A HE2  1  
ATOM   166  H HE3  . LYS A 1 9  ? -3.232 0.274  5.889  1.00 35.55 ? 11 LYS A HE3  1  
ATOM   167  H HZ1  . LYS A 1 9  ? -2.660 0.479  2.879  1.00 44.51 ? 11 LYS A HZ1  1  
HETATM 168  N N    . NH2 A 1 10 ? -7.623 3.031  1.188  1.00 24.35 ? 12 NH2 A N    1  
HETATM 169  H HN1  . NH2 A 1 10 ? -6.719 3.492  1.048  1.00 71.12 ? 12 NH2 A HN1  1  
HETATM 170  H HN2  . NH2 A 1 10 ? -8.557 3.450  1.173  1.00 14.20 ? 12 NH2 A HN2  1  
HETATM 171  C C    . ACE A 1 1  ? -2.482 4.235  2.497  1.00 1.42  ? 3  ACE A C    2  
HETATM 172  O O    . ACE A 1 1  ? -3.200 3.661  1.679  1.00 25.23 ? 3  ACE A O    2  
HETATM 173  C CH3  . ACE A 1 1  ? -3.075 5.205  3.498  1.00 11.32 ? 3  ACE A CH3  2  
HETATM 174  H H1   . ACE A 1 1  ? -4.164 5.299  3.345  1.00 11.05 ? 3  ACE A H1   2  
HETATM 175  H H2   . ACE A 1 1  ? -2.913 4.862  4.537  1.00 31.00 ? 3  ACE A H2   2  
HETATM 176  H H3   . ACE A 1 1  ? -2.641 6.215  3.389  1.00 0.00  ? 3  ACE A H3   2  
HETATM 177  N N    . NLE A 1 2  ? -1.163 4.068  2.571  1.00 24.32 ? 4  NLE A N    2  
HETATM 178  C CA   . NLE A 1 2  ? -0.406 3.176  1.651  1.00 22.54 ? 4  NLE A CA   2  
HETATM 179  C C    . NLE A 1 2  ? 0.086  1.908  2.421  1.00 51.12 ? 4  NLE A C    2  
HETATM 180  O O    . NLE A 1 2  ? 0.842  1.996  3.394  1.00 4.44  ? 4  NLE A O    2  
HETATM 181  C CB   . NLE A 1 2  ? 0.795  3.938  1.040  1.00 51.41 ? 4  NLE A CB   2  
HETATM 182  C CG   . NLE A 1 2  ? 0.498  5.199  0.196  1.00 53.53 ? 4  NLE A CG   2  
HETATM 183  C CD   . NLE A 1 2  ? 1.746  5.972  -0.268 1.00 13.25 ? 4  NLE A CD   2  
HETATM 184  C CE   . NLE A 1 2  ? 2.583  5.253  -1.336 1.00 21.12 ? 4  NLE A CE   2  
HETATM 185  H H    . NLE A 1 2  ? -0.687 4.636  3.275  1.00 73.41 ? 4  NLE A H    2  
HETATM 186  H HA   . NLE A 1 2  ? -1.047 2.867  0.798  1.00 13.34 ? 4  NLE A HA   2  
HETATM 187  H HB2  . NLE A 1 2  ? 1.332  3.239  0.383  1.00 12.25 ? 4  NLE A HB2  2  
HETATM 188  H HB3  . NLE A 1 2  ? 1.511  4.175  1.843  1.00 64.43 ? 4  NLE A HB3  2  
HETATM 189  H HG2  . NLE A 1 2  ? -0.123 5.890  0.796  1.00 24.40 ? 4  NLE A HG2  2  
HETATM 190  H HG3  . NLE A 1 2  ? -0.122 4.930  -0.680 1.00 61.35 ? 4  NLE A HG3  2  
HETATM 191  H HD2  . NLE A 1 2  ? 2.383  6.220  0.603  1.00 34.12 ? 4  NLE A HD2  2  
HETATM 192  H HD3  . NLE A 1 2  ? 1.424  6.949  -0.675 1.00 2.42  ? 4  NLE A HD3  2  
HETATM 193  H HE1  . NLE A 1 2  ? 3.038  4.328  -0.941 1.00 35.54 ? 4  NLE A HE1  2  
HETATM 194  H HE2  . NLE A 1 2  ? 1.980  4.978  -2.221 1.00 13.20 ? 4  NLE A HE2  2  
HETATM 195  H HE3  . NLE A 1 2  ? 3.415  5.890  -1.691 1.00 14.24 ? 4  NLE A HE3  2  
ATOM   196  N N    . ASP A 1 3  ? -0.323 0.724  1.949  1.00 42.23 ? 5  ASP A N    2  
ATOM   197  C CA   . ASP A 1 3  ? 0.085  -0.585 2.530  1.00 14.33 ? 5  ASP A CA   2  
ATOM   198  C C    . ASP A 1 3  ? 1.254  -1.226 1.717  1.00 70.04 ? 5  ASP A C    2  
ATOM   199  O O    . ASP A 1 3  ? 1.174  -1.355 0.490  1.00 71.01 ? 5  ASP A O    2  
ATOM   200  C CB   . ASP A 1 3  ? -1.158 -1.517 2.556  1.00 73.01 ? 5  ASP A CB   2  
ATOM   201  C CG   . ASP A 1 3  ? -2.049 -1.364 3.798  1.00 3.02  ? 5  ASP A CG   2  
ATOM   202  O OD1  . ASP A 1 3  ? -1.566 -1.556 4.915  1.00 41.31 ? 5  ASP A OD1  2  
ATOM   203  H H    . ASP A 1 3  ? -0.790 0.790  1.031  1.00 62.10 ? 5  ASP A H    2  
ATOM   204  H HA   . ASP A 1 3  ? 0.430  -0.441 3.577  1.00 60.50 ? 5  ASP A HA   2  
ATOM   205  H HB2  . ASP A 1 3  ? -1.737 -1.435 1.616  1.00 0.00  ? 5  ASP A HB2  2  
ATOM   206  H HB3  . ASP A 1 3  ? -0.828 -2.571 2.569  1.00 72.20 ? 5  ASP A HB3  2  
ATOM   207  N N    . TRP A 1 4  ? 2.323  -1.660 2.413  1.00 0.00  ? 6  TRP A N    2  
ATOM   208  C CA   . TRP A 1 4  ? 3.519  -2.300 1.786  1.00 0.00  ? 6  TRP A CA   2  
ATOM   209  C C    . TRP A 1 4  ? 3.193  -3.610 0.960  1.00 0.00  ? 6  TRP A C    2  
ATOM   210  O O    . TRP A 1 4  ? 2.436  -4.443 1.475  1.00 0.00  ? 6  TRP A O    2  
ATOM   211  C CB   . TRP A 1 4  ? 4.530  -2.556 2.944  1.00 0.00  ? 6  TRP A CB   2  
ATOM   212  C CG   . TRP A 1 4  ? 5.931  -3.018 2.513  1.00 0.00  ? 6  TRP A CG   2  
ATOM   213  C CD1  . TRP A 1 4  ? 6.316  -4.353 2.256  1.00 0.00  ? 6  TRP A CD1  2  
ATOM   214  C CD2  . TRP A 1 4  ? 7.035  -2.248 2.189  1.00 0.00  ? 6  TRP A CD2  2  
ATOM   215  N NE1  . TRP A 1 4  ? 7.637  -4.436 1.776  1.00 0.00  ? 6  TRP A NE1  2  
ATOM   216  C CE2  . TRP A 1 4  ? 8.061  -3.118 1.739  1.00 0.00  ? 6  TRP A CE2  2  
ATOM   217  C CE3  . TRP A 1 4  ? 7.234  -0.845 2.186  1.00 0.00  ? 6  TRP A CE3  2  
ATOM   218  C CZ2  . TRP A 1 4  ? 9.291  -2.591 1.282  1.00 0.00  ? 6  TRP A CZ2  2  
ATOM   219  C CZ3  . TRP A 1 4  ? 8.460  -0.348 1.736  1.00 0.00  ? 6  TRP A CZ3  2  
ATOM   220  C CH2  . TRP A 1 4  ? 9.471  -1.206 1.290  1.00 0.00  ? 6  TRP A CH2  2  
ATOM   221  H H    . TRP A 1 4  ? 2.241  -1.557 3.429  1.00 0.00  ? 6  TRP A H    2  
ATOM   222  H HA   . TRP A 1 4  ? 3.967  -1.543 1.117  1.00 0.00  ? 6  TRP A HA   2  
ATOM   223  H HB2  . TRP A 1 4  ? 4.652  -1.637 3.551  1.00 0.00  ? 6  TRP A HB2  2  
ATOM   224  H HB3  . TRP A 1 4  ? 4.109  -3.300 3.651  1.00 0.00  ? 6  TRP A HB3  2  
ATOM   225  H HD1  . TRP A 1 4  ? 5.647  -5.200 2.323  1.00 0.00  ? 6  TRP A HD1  2  
ATOM   226  H HE1  . TRP A 1 4  ? 8.158  -5.269 1.481  1.00 0.00  ? 6  TRP A HE1  2  
ATOM   227  H HE3  . TRP A 1 4  ? 6.457  -0.172 2.515  1.00 0.00  ? 6  TRP A HE3  2  
ATOM   228  H HZ2  . TRP A 1 4  ? 10.071 -3.247 0.924  1.00 0.00  ? 6  TRP A HZ2  2  
ATOM   229  H HZ3  . TRP A 1 4  ? 8.628  0.719  1.726  1.00 0.00  ? 6  TRP A HZ3  2  
ATOM   230  H HH2  . TRP A 1 4  ? 10.406 -0.791 0.942  1.00 0.00  ? 6  TRP A HH2  2  
ATOM   231  N N    . PRO A 1 5  ? 3.708  -3.847 -0.287 1.00 22.14 ? 7  PRO A N    2  
ATOM   232  C CA   . PRO A 1 5  ? 4.805  -3.047 -0.929 1.00 10.30 ? 7  PRO A CA   2  
ATOM   233  C C    . PRO A 1 5  ? 4.464  -1.721 -1.701 1.00 31.43 ? 7  PRO A C    2  
ATOM   234  O O    . PRO A 1 5  ? 5.354  -1.131 -2.318 1.00 11.54 ? 7  PRO A O    2  
ATOM   235  C CB   . PRO A 1 5  ? 5.428  -4.130 -1.831 1.00 73.35 ? 7  PRO A CB   2  
ATOM   236  C CG   . PRO A 1 5  ? 4.253  -5.001 -2.282 1.00 73.14 ? 7  PRO A CG   2  
ATOM   237  C CD   . PRO A 1 5  ? 3.371  -5.076 -1.037 1.00 50.35 ? 7  PRO A CD   2  
ATOM   238  H HA   . PRO A 1 5  ? 5.571  -2.761 -0.190 1.00 70.33 ? 7  PRO A HA   2  
ATOM   239  H HB2  . PRO A 1 5  ? 6.008  -3.718 -2.679 1.00 0.00  ? 7  PRO A HB2  2  
ATOM   240  H HB3  . PRO A 1 5  ? 6.146  -4.737 -1.243 1.00 33.33 ? 7  PRO A HB3  2  
ATOM   241  H HG2  . PRO A 1 5  ? 3.707  -4.511 -3.110 1.00 0.00  ? 7  PRO A HG2  2  
ATOM   242  H HG3  . PRO A 1 5  ? 4.570  -5.997 -2.642 1.00 23.41 ? 7  PRO A HG3  2  
ATOM   243  H HD2  . PRO A 1 5  ? 2.293  -5.120 -1.291 1.00 0.00  ? 7  PRO A HD2  2  
ATOM   244  H HD3  . PRO A 1 5  ? 3.608  -5.977 -0.436 1.00 41.43 ? 7  PRO A HD3  2  
HETATM 245  N N    . 4J2 A 1 6  ? 3.218  -1.237 -1.633 1.00 55.11 ? 8  4J2 A N    2  
HETATM 246  C CA   . 4J2 A 1 6  ? 2.775  0.048  -2.251 1.00 24.43 ? 8  4J2 A CA   2  
HETATM 247  C CB   . 4J2 A 1 6  ? 2.611  1.157  -1.163 1.00 10.34 ? 8  4J2 A CB   2  
HETATM 248  C CG   . 4J2 A 1 6  ? 3.819  1.576  -0.313 1.00 12.23 ? 8  4J2 A CG   2  
HETATM 249  C CD1  . 4J2 A 1 6  ? 4.976  2.051  -0.927 1.00 0.11  ? 8  4J2 A CD1  2  
HETATM 250  C CD2  . 4J2 A 1 6  ? 3.716  1.586  1.078  1.00 72.21 ? 8  4J2 A CD2  2  
HETATM 251  C CE1  . 4J2 A 1 6  ? 6.037  2.539  -0.169 1.00 51.02 ? 8  4J2 A CE1  2  
HETATM 252  C CZ1  . 4J2 A 1 6  ? 5.945  2.571  1.223  1.00 50.12 ? 8  4J2 A CZ1  2  
HETATM 253  C CZ2  . 4J2 A 1 6  ? 6.983  3.072  2.010  1.00 30.24 ? 8  4J2 A CZ2  2  
HETATM 254  C CZ3  . 4J2 A 1 6  ? 6.867  3.082  3.398  1.00 44.51 ? 8  4J2 A CZ3  2  
HETATM 255  C CE2  . 4J2 A 1 6  ? 4.756  2.077  1.863  1.00 75.11 ? 8  4J2 A CE2  2  
HETATM 256  C CE3  . 4J2 A 1 6  ? 4.661  2.106  3.255  1.00 3.32  ? 8  4J2 A CE3  2  
HETATM 257  C CE4  . 4J2 A 1 6  ? 5.715  2.602  4.014  1.00 51.13 ? 8  4J2 A CE4  2  
HETATM 258  H HE1  . 4J2 A 1 6  ? 6.920  2.901  -0.679 1.00 0.00  ? 8  4J2 A HE1  2  
HETATM 259  C C    . 4J2 A 1 6  ? 1.425  -0.111 -3.024 1.00 22.34 ? 8  4J2 A C    2  
HETATM 260  H HE3  . 4J2 A 1 6  ? 3.773  1.747  3.760  1.00 0.00  ? 8  4J2 A HE3  2  
HETATM 261  O O    . 4J2 A 1 6  ? 1.311  0.288  -4.184 1.00 52.33 ? 8  4J2 A O    2  
HETATM 262  H HE4  . 4J2 A 1 6  ? 5.636  2.619  5.092  1.00 0.00  ? 8  4J2 A HE4  2  
HETATM 263  H H    . 4J2 A 1 6  ? 2.603  -1.775 -1.008 1.00 71.33 ? 8  4J2 A H    2  
HETATM 264  H HA   . 4J2 A 1 6  ? 3.518  0.395  -2.998 1.00 41.44 ? 8  4J2 A HA   2  
HETATM 265  H HB2  . 4J2 A 1 6  ? 2.227  2.065  -1.654 1.00 40.54 ? 8  4J2 A HB2  2  
HETATM 266  H HB1  . 4J2 A 1 6  ? 1.777  0.877  -0.492 1.00 60.00 ? 8  4J2 A HB1  2  
HETATM 267  H HD1  . 4J2 A 1 6  ? 5.027  2.044  -2.004 1.00 0.00  ? 8  4J2 A HD1  2  
HETATM 268  H HD2  . 4J2 A 1 6  ? 2.804  1.239  1.542  1.00 0.00  ? 8  4J2 A HD2  2  
HETATM 269  H HZ2  . 4J2 A 1 6  ? 7.888  3.453  1.558  1.00 0.00  ? 8  4J2 A HZ2  2  
HETATM 270  H HZ23 . 4J2 A 1 6  ? 7.676  3.468  4.001  1.00 0.00  ? 8  4J2 A HZ23 2  
ATOM   271  N N    . ARG A 1 7  ? 0.393  -0.620 -2.330 1.00 0.00  ? 9  ARG A N    2  
ATOM   272  C CA   . ARG A 1 7  ? -1.025 -0.525 -2.730 1.00 0.00  ? 9  ARG A CA   2  
ATOM   273  C C    . ARG A 1 7  ? -1.782 0.485  -1.810 1.00 0.00  ? 9  ARG A C    2  
ATOM   274  O O    . ARG A 1 7  ? -1.446 0.684  -0.636 1.00 0.00  ? 9  ARG A O    2  
ATOM   275  C CB   . ARG A 1 7  ? -1.629 -1.954 -2.693 1.00 0.00  ? 9  ARG A CB   2  
ATOM   276  C CG   . ARG A 1 7  ? -1.674 -2.709 -1.333 1.00 0.00  ? 9  ARG A CG   2  
ATOM   277  C CD   . ARG A 1 7  ? -2.168 -4.167 -1.421 1.00 0.00  ? 9  ARG A CD   2  
ATOM   278  N NE   . ARG A 1 7  ? -1.111 -5.088 -1.920 1.00 0.00  ? 9  ARG A NE   2  
ATOM   279  C CZ   . ARG A 1 7  ? -1.023 -5.593 -3.150 1.00 0.00  ? 9  ARG A CZ   2  
ATOM   280  N NH1  . ARG A 1 7  ? -1.860 -5.336 -4.121 1.00 0.00  ? 9  ARG A NH1  2  
ATOM   281  N NH2  . ARG A 1 7  ? -0.036 -6.395 -3.391 1.00 0.00  ? 9  ARG A NH2  2  
ATOM   282  H H    . ARG A 1 7  ? 0.627  -0.813 -1.351 1.00 0.00  ? 9  ARG A H    2  
ATOM   283  H HA   . ARG A 1 7  ? -1.097 -0.163 -3.777 1.00 0.00  ? 9  ARG A HA   2  
ATOM   284  H HB2  . ARG A 1 7  ? -2.652 -1.893 -3.084 1.00 0.00  ? 9  ARG A HB2  2  
ATOM   285  H HB3  . ARG A 1 7  ? -1.088 -2.564 -3.438 1.00 0.00  ? 9  ARG A HB3  2  
ATOM   286  H HG2  . ARG A 1 7  ? -0.677 -2.699 -0.848 1.00 0.00  ? 9  ARG A HG2  2  
ATOM   287  H HG3  . ARG A 1 7  ? -2.330 -2.150 -0.639 1.00 0.00  ? 9  ARG A HG3  2  
ATOM   288  H HD2  . ARG A 1 7  ? -2.437 -4.506 -0.402 1.00 0.00  ? 9  ARG A HD2  2  
ATOM   289  H HD3  . ARG A 1 7  ? -3.117 -4.241 -1.987 1.00 0.00  ? 9  ARG A HD3  2  
ATOM   290  H HH11 . ARG A 1 7  ? -2.608 -4.692 -3.860 1.00 0.00  ? 9  ARG A HH11 2  
ATOM   291  H HH12 . ARG A 1 7  ? -1.684 -5.786 -5.019 1.00 0.00  ? 9  ARG A HH12 2  
ATOM   292  H HH21 . ARG A 1 7  ? 0.543  -6.552 -2.564 1.00 0.00  ? 9  ARG A HH21 2  
ATOM   293  H HH22 . ARG A 1 7  ? 0.036  -6.799 -4.324 1.00 0.00  ? 9  ARG A HH22 2  
ATOM   294  N N    . TRP A 1 8  ? -2.837 1.110  -2.345 1.00 0.00  ? 10 TRP A N    2  
ATOM   295  C CA   . TRP A 1 8  ? -3.676 2.060  -1.570 1.00 0.00  ? 10 TRP A CA   2  
ATOM   296  C C    . TRP A 1 8  ? -4.779 1.325  -0.738 1.00 0.00  ? 10 TRP A C    2  
ATOM   297  O O    . TRP A 1 8  ? -5.460 0.414  -1.221 1.00 0.00  ? 10 TRP A O    2  
ATOM   298  C CB   . TRP A 1 8  ? -4.227 3.096  -2.581 1.00 0.00  ? 10 TRP A CB   2  
ATOM   299  C CG   . TRP A 1 8  ? -4.980 4.259  -1.940 1.00 0.00  ? 10 TRP A CG   2  
ATOM   300  C CD1  . TRP A 1 8  ? -6.374 4.390  -1.929 1.00 0.00  ? 10 TRP A CD1  2  
ATOM   301  C CD2  . TRP A 1 8  ? -4.492 5.318  -1.204 1.00 0.00  ? 10 TRP A CD2  2  
ATOM   302  N NE1  . TRP A 1 8  ? -6.789 5.514  -1.185 1.00 0.00  ? 10 TRP A NE1  2  
ATOM   303  C CE2  . TRP A 1 8  ? -5.597 6.076  -0.745 1.00 0.00  ? 10 TRP A CE2  2  
ATOM   304  C CE3  . TRP A 1 8  ? -3.169 5.683  -0.854 1.00 0.00  ? 10 TRP A CE3  2  
ATOM   305  C CZ2  . TRP A 1 8  ? -5.385 7.212  0.071  1.00 0.00  ? 10 TRP A CZ2  2  
ATOM   306  C CZ3  . TRP A 1 8  ? -2.983 6.810  -0.054 1.00 0.00  ? 10 TRP A CZ3  2  
ATOM   307  C CH2  . TRP A 1 8  ? -4.073 7.563  0.403  1.00 0.00  ? 10 TRP A CH2  2  
ATOM   308  H H    . TRP A 1 8  ? -3.135 0.743  -3.252 1.00 0.00  ? 10 TRP A H    2  
ATOM   309  H HA   . TRP A 1 8  ? -3.016 2.620  -0.873 1.00 0.00  ? 10 TRP A HA   2  
ATOM   310  H HB2  . TRP A 1 8  ? -3.406 3.528  -3.179 1.00 0.00  ? 10 TRP A HB2  2  
ATOM   311  H HB3  . TRP A 1 8  ? -4.879 2.594  -3.318 1.00 0.00  ? 10 TRP A HB3  2  
ATOM   312  H HD1  . TRP A 1 8  ? -7.013 3.666  -2.412 1.00 0.00  ? 10 TRP A HD1  2  
ATOM   313  H HE1  . TRP A 1 8  ? -7.741 5.863  -1.031 1.00 0.00  ? 10 TRP A HE1  2  
ATOM   314  H HE3  . TRP A 1 8  ? -2.332 5.081  -1.178 1.00 0.00  ? 10 TRP A HE3  2  
ATOM   315  H HZ2  . TRP A 1 8  ? -6.220 7.793  0.432  1.00 0.00  ? 10 TRP A HZ2  2  
ATOM   316  H HZ3  . TRP A 1 8  ? -1.981 7.094  0.229  1.00 0.00  ? 10 TRP A HZ3  2  
ATOM   317  H HH2  . TRP A 1 8  ? -3.898 8.427  1.029  1.00 0.00  ? 10 TRP A HH2  2  
ATOM   318  N N    . LYS A 1 9  ? -4.959 1.760  0.517  1.00 74.43 ? 11 LYS A N    2  
ATOM   319  C CA   . LYS A 1 9  ? -5.912 1.149  1.473  1.00 4.20  ? 11 LYS A CA   2  
ATOM   320  C C    . LYS A 1 9  ? -7.425 1.483  1.238  1.00 11.04 ? 11 LYS A C    2  
ATOM   321  O O    . LYS A 1 9  ? -8.282 0.608  1.301  1.00 35.41 ? 11 LYS A O    2  
ATOM   322  C CB   . LYS A 1 9  ? -5.374 1.582  2.864  1.00 41.10 ? 11 LYS A CB   2  
ATOM   323  C CG   . LYS A 1 9  ? -6.010 0.905  4.090  1.00 44.10 ? 11 LYS A CG   2  
ATOM   324  C CD   . LYS A 1 9  ? -5.720 -0.603 4.281  1.00 33.11 ? 11 LYS A CD   2  
ATOM   325  C CE   . LYS A 1 9  ? -4.292 -0.970 4.729  1.00 70.12 ? 11 LYS A CE   2  
ATOM   326  N NZ   . LYS A 1 9  ? -3.335 -1.062 3.604  1.00 43.51 ? 11 LYS A NZ   2  
ATOM   327  H H    . LYS A 1 9  ? -4.307 2.488  0.851  1.00 20.44 ? 11 LYS A H    2  
ATOM   328  H HA   . LYS A 1 9  ? -5.817 0.050  1.406  1.00 50.52 ? 11 LYS A HA   2  
ATOM   329  H HB2  . LYS A 1 9  ? -4.277 1.434  2.930  1.00 0.00  ? 11 LYS A HB2  2  
ATOM   330  H HB3  . LYS A 1 9  ? -5.504 2.676  2.970  1.00 63.23 ? 11 LYS A HB3  2  
ATOM   331  H HG2  . LYS A 1 9  ? -5.675 1.456  4.989  1.00 0.00  ? 11 LYS A HG2  2  
ATOM   332  H HG3  . LYS A 1 9  ? -7.101 1.066  4.044  1.00 60.25 ? 11 LYS A HG3  2  
ATOM   333  H HD2  . LYS A 1 9  ? -6.410 -0.963 5.069  1.00 0.00  ? 11 LYS A HD2  2  
ATOM   334  H HD3  . LYS A 1 9  ? -6.020 -1.185 3.387  1.00 13.13 ? 11 LYS A HD3  2  
ATOM   335  H HE2  . LYS A 1 9  ? -3.931 -0.247 5.490  1.00 0.00  ? 11 LYS A HE2  2  
ATOM   336  H HE3  . LYS A 1 9  ? -4.323 -1.947 5.252  1.00 35.55 ? 11 LYS A HE3  2  
ATOM   337  H HZ1  . LYS A 1 9  ? -3.602 -0.900 2.628  1.00 44.51 ? 11 LYS A HZ1  2  
HETATM 338  N N    . NH2 A 1 10 ? -7.837 2.716  0.989  1.00 24.35 ? 12 NH2 A N    2  
HETATM 339  H HN1  . NH2 A 1 10 ? -8.839 2.775  0.791  1.00 71.12 ? 12 NH2 A HN1  2  
HETATM 340  H HN2  . NH2 A 1 10 ? -7.107 3.403  0.777  1.00 14.20 ? 12 NH2 A HN2  2  
HETATM 341  C C    . ACE A 1 1  ? -2.819 3.764  2.708  1.00 1.42  ? 3  ACE A C    3  
HETATM 342  O O    . ACE A 1 1  ? -3.552 3.086  1.988  1.00 25.23 ? 3  ACE A O    3  
HETATM 343  C CH3  . ACE A 1 1  ? -3.404 4.698  3.752  1.00 11.32 ? 3  ACE A CH3  3  
HETATM 344  H H1   . ACE A 1 1  ? -3.199 5.754  3.503  1.00 11.05 ? 3  ACE A H1   3  
HETATM 345  H H2   . ACE A 1 1  ? -4.500 4.579  3.813  1.00 31.00 ? 3  ACE A H2   3  
HETATM 346  H H3   . ACE A 1 1  ? -2.998 4.490  4.759  1.00 0.00  ? 3  ACE A H3   3  
HETATM 347  N N    . NLE A 1 2  ? -1.488 3.762  2.642  1.00 24.32 ? 4  NLE A N    3  
HETATM 348  C CA   . NLE A 1 2  ? -0.719 2.879  1.727  1.00 22.54 ? 4  NLE A CA   3  
HETATM 349  C C    . NLE A 1 2  ? -0.157 1.633  2.491  1.00 51.12 ? 4  NLE A C    3  
HETATM 350  O O    . NLE A 1 2  ? 0.515  1.760  3.521  1.00 4.44  ? 4  NLE A O    3  
HETATM 351  C CB   . NLE A 1 2  ? 0.470  3.657  1.113  1.00 51.41 ? 4  NLE A CB   3  
HETATM 352  C CG   . NLE A 1 2  ? 0.197  4.904  0.243  1.00 53.53 ? 4  NLE A CG   3  
HETATM 353  C CD   . NLE A 1 2  ? 1.467  5.531  -0.367 1.00 13.25 ? 4  NLE A CD   3  
HETATM 354  C CE   . NLE A 1 2  ? 2.394  6.209  0.654  1.00 21.12 ? 4  NLE A CE   3  
HETATM 355  H H    . NLE A 1 2  ? -1.014 4.370  3.313  1.00 73.41 ? 4  NLE A H    3  
HETATM 356  H HA   . NLE A 1 2  ? -1.363 2.549  0.886  1.00 13.34 ? 4  NLE A HA   3  
HETATM 357  H HB2  . NLE A 1 2  ? 1.008  2.954  0.465  1.00 12.25 ? 4  NLE A HB2  3  
HETATM 358  H HB3  . NLE A 1 2  ? 1.185  3.904  1.918  1.00 64.43 ? 4  NLE A HB3  3  
HETATM 359  H HG2  . NLE A 1 2  ? -0.359 5.666  0.820  1.00 24.40 ? 4  NLE A HG2  3  
HETATM 360  H HG3  . NLE A 1 2  ? -0.464 4.612  -0.590 1.00 61.35 ? 4  NLE A HG3  3  
HETATM 361  H HD2  . NLE A 1 2  ? 1.166  6.282  -1.123 1.00 34.12 ? 4  NLE A HD2  3  
HETATM 362  H HD3  . NLE A 1 2  ? 2.035  4.767  -0.935 1.00 2.42  ? 4  NLE A HD3  3  
HETATM 363  H HE1  . NLE A 1 2  ? 2.819  5.483  1.373  1.00 35.54 ? 4  NLE A HE1  3  
HETATM 364  H HE2  . NLE A 1 2  ? 3.250  6.698  0.153  1.00 13.20 ? 4  NLE A HE2  3  
HETATM 365  H HE3  . NLE A 1 2  ? 1.865  6.987  1.236  1.00 14.24 ? 4  NLE A HE3  3  
ATOM   366  N N    . ASP A 1 3  ? -0.377 0.433  1.939  1.00 42.23 ? 5  ASP A N    3  
ATOM   367  C CA   . ASP A 1 3  ? 0.142  -0.842 2.507  1.00 14.33 ? 5  ASP A CA   3  
ATOM   368  C C    . ASP A 1 3  ? 1.395  -1.330 1.716  1.00 70.04 ? 5  ASP A C    3  
ATOM   369  O O    . ASP A 1 3  ? 1.318  -1.566 0.505  1.00 71.01 ? 5  ASP A O    3  
ATOM   370  C CB   . ASP A 1 3  ? -0.988 -1.905 2.457  1.00 73.01 ? 5  ASP A CB   3  
ATOM   371  C CG   . ASP A 1 3  ? -2.102 -1.714 3.497  1.00 3.02  ? 5  ASP A CG   3  
ATOM   372  O OD1  . ASP A 1 3  ? -1.825 -1.588 4.689  1.00 41.31 ? 5  ASP A OD1  3  
ATOM   373  H H    . ASP A 1 3  ? -0.880 0.469  1.037  1.00 62.10 ? 5  ASP A H    3  
ATOM   374  H HA   . ASP A 1 3  ? 0.422  -0.705 3.573  1.00 60.50 ? 5  ASP A HA   3  
ATOM   375  H HB2  . ASP A 1 3  ? -1.389 -1.983 1.428  1.00 0.00  ? 5  ASP A HB2  3  
ATOM   376  H HB3  . ASP A 1 3  ? -0.557 -2.900 2.659  1.00 72.20 ? 5  ASP A HB3  3  
ATOM   377  N N    . TRP A 1 4  ? 2.539  -1.508 2.406  1.00 0.00  ? 6  TRP A N    3  
ATOM   378  C CA   . TRP A 1 4  ? 3.824  -1.952 1.784  1.00 0.00  ? 6  TRP A CA   3  
ATOM   379  C C    . TRP A 1 4  ? 3.744  -3.348 1.041  1.00 0.00  ? 6  TRP A C    3  
ATOM   380  O O    . TRP A 1 4  ? 3.170  -4.277 1.622  1.00 0.00  ? 6  TRP A O    3  
ATOM   381  C CB   . TRP A 1 4  ? 4.887  -1.943 2.924  1.00 0.00  ? 6  TRP A CB   3  
ATOM   382  C CG   . TRP A 1 4  ? 6.342  -2.166 2.478  1.00 0.00  ? 6  TRP A CG   3  
ATOM   383  C CD1  . TRP A 1 4  ? 6.961  -3.423 2.281  1.00 0.00  ? 6  TRP A CD1  3  
ATOM   384  C CD2  . TRP A 1 4  ? 7.284  -1.230 2.084  1.00 0.00  ? 6  TRP A CD2  3  
ATOM   385  N NE1  . TRP A 1 4  ? 8.267  -3.292 1.770  1.00 0.00  ? 6  TRP A NE1  3  
ATOM   386  C CE2  . TRP A 1 4  ? 8.442  -1.924 1.652  1.00 0.00  ? 6  TRP A CE2  3  
ATOM   387  C CE3  . TRP A 1 4  ? 7.227  0.184  2.006  1.00 0.00  ? 6  TRP A CE3  3  
ATOM   388  C CZ2  . TRP A 1 4  ? 9.547  -1.210 1.135  1.00 0.00  ? 6  TRP A CZ2  3  
ATOM   389  C CZ3  . TRP A 1 4  ? 8.331  0.869  1.499  1.00 0.00  ? 6  TRP A CZ3  3  
ATOM   390  C CH2  . TRP A 1 4  ? 9.474  0.184  1.069  1.00 0.00  ? 6  TRP A CH2  3  
ATOM   391  H H    . TRP A 1 4  ? 2.467  -1.317 3.410  1.00 0.00  ? 6  TRP A H    3  
ATOM   392  H HA   . TRP A 1 4  ? 4.106  -1.167 1.059  1.00 0.00  ? 6  TRP A HA   3  
ATOM   393  H HB2  . TRP A 1 4  ? 4.849  -0.979 3.469  1.00 0.00  ? 6  TRP A HB2  3  
ATOM   394  H HB3  . TRP A 1 4  ? 4.626  -2.703 3.684  1.00 0.00  ? 6  TRP A HB3  3  
ATOM   395  H HD1  . TRP A 1 4  ? 6.458  -4.371 2.414  1.00 0.00  ? 6  TRP A HD1  3  
ATOM   396  H HE1  . TRP A 1 4  ? 8.926  -4.033 1.507  1.00 0.00  ? 6  TRP A HE1  3  
ATOM   397  H HE3  . TRP A 1 4  ? 6.347  0.720  2.326  1.00 0.00  ? 6  TRP A HE3  3  
ATOM   398  H HZ2  . TRP A 1 4  ? 10.428 -1.732 0.790  1.00 0.00  ? 6  TRP A HZ2  3  
ATOM   399  H HZ3  . TRP A 1 4  ? 8.302  1.946  1.432  1.00 0.00  ? 6  TRP A HZ3  3  
ATOM   400  H HH2  . TRP A 1 4  ? 10.312 0.742  0.675  1.00 0.00  ? 6  TRP A HH2  3  
ATOM   401  N N    . PRO A 1 5  ? 4.280  -3.557 -0.202 1.00 22.14 ? 7  PRO A N    3  
ATOM   402  C CA   . PRO A 1 5  ? 5.171  -2.590 -0.922 1.00 10.30 ? 7  PRO A CA   3  
ATOM   403  C C    . PRO A 1 5  ? 4.549  -1.420 -1.764 1.00 31.43 ? 7  PRO A C    3  
ATOM   404  O O    . PRO A 1 5  ? 5.292  -0.701 -2.437 1.00 11.54 ? 7  PRO A O    3  
ATOM   405  C CB   . PRO A 1 5  ? 6.010  -3.571 -1.768 1.00 73.35 ? 7  PRO A CB   3  
ATOM   406  C CG   . PRO A 1 5  ? 5.053  -4.711 -2.121 1.00 73.14 ? 7  PRO A CG   3  
ATOM   407  C CD   . PRO A 1 5  ? 4.229  -4.886 -0.847 1.00 50.35 ? 7  PRO A CD   3  
ATOM   408  H HA   . PRO A 1 5  ? 5.868  -2.098 -0.223 1.00 70.33 ? 7  PRO A HA   3  
ATOM   409  H HB2  . PRO A 1 5  ? 6.470  -3.104 -2.658 1.00 0.00  ? 7  PRO A HB2  3  
ATOM   410  H HB3  . PRO A 1 5  ? 6.853  -3.959 -1.162 1.00 33.33 ? 7  PRO A HB3  3  
ATOM   411  H HG2  . PRO A 1 5  ? 4.399  -4.416 -2.967 1.00 0.00  ? 7  PRO A HG2  3  
ATOM   412  H HG3  . PRO A 1 5  ? 5.578  -5.636 -2.421 1.00 23.41 ? 7  PRO A HG3  3  
ATOM   413  H HD2  . PRO A 1 5  ? 3.190  -5.202 -1.066 1.00 0.00  ? 7  PRO A HD2  3  
ATOM   414  H HD3  . PRO A 1 5  ? 4.677  -5.656 -0.189 1.00 41.43 ? 7  PRO A HD3  3  
HETATM 415  N N    . 4J2 A 1 6  ? 3.230  -1.189 -1.694 1.00 55.11 ? 8  4J2 A N    3  
HETATM 416  C CA   . 4J2 A 1 6  ? 2.554  -0.018 -2.323 1.00 24.43 ? 8  4J2 A CA   3  
HETATM 417  C CB   . 4J2 A 1 6  ? 2.283  1.100  -1.266 1.00 10.34 ? 8  4J2 A CB   3  
HETATM 418  C CG   . 4J2 A 1 6  ? 3.461  1.784  -0.560 1.00 12.23 ? 8  4J2 A CG   3  
HETATM 419  C CD1  . 4J2 A 1 6  ? 4.418  2.470  -1.304 1.00 0.11  ? 8  4J2 A CD1  3  
HETATM 420  C CD2  . 4J2 A 1 6  ? 3.485  1.852  0.835  1.00 72.21 ? 8  4J2 A CD2  3  
HETATM 421  C CE1  . 4J2 A 1 6  ? 5.397  3.235  -0.678 1.00 51.02 ? 8  4J2 A CE1  3  
HETATM 422  C CZ1  . 4J2 A 1 6  ? 5.417  3.341  0.714  1.00 50.12 ? 8  4J2 A CZ1  3  
HETATM 423  C CZ2  . 4J2 A 1 6  ? 6.360  4.133  1.371  1.00 30.24 ? 8  4J2 A CZ2  3  
HETATM 424  C CZ3  . 4J2 A 1 6  ? 6.346  4.234  2.758  1.00 44.51 ? 8  4J2 A CZ3  3  
HETATM 425  C CE2  . 4J2 A 1 6  ? 4.433  2.634  1.489  1.00 75.11 ? 8  4J2 A CE2  3  
HETATM 426  C CE3  . 4J2 A 1 6  ? 4.433  2.759  2.879  1.00 3.32  ? 8  4J2 A CE3  3  
HETATM 427  C CE4  . 4J2 A 1 6  ? 5.390  3.553  3.506  1.00 51.13 ? 8  4J2 A CE4  3  
HETATM 428  H HE1  . 4J2 A 1 6  ? 6.121  3.758  -1.288 1.00 0.00  ? 8  4J2 A HE1  3  
HETATM 429  C C    . 4J2 A 1 6  ? 1.209  -0.407 -3.019 1.00 22.34 ? 8  4J2 A C    3  
HETATM 430  H HE3  . 4J2 A 1 6  ? 3.697  2.247  3.484  1.00 0.00  ? 8  4J2 A HE3  3  
HETATM 431  O O    . 4J2 A 1 6  ? 1.014  -0.113 -4.201 1.00 52.33 ? 8  4J2 A O    3  
HETATM 432  H HE4  . 4J2 A 1 6  ? 5.387  3.644  4.584  1.00 0.00  ? 8  4J2 A HE4  3  
HETATM 433  H H    . 4J2 A 1 6  ? 2.742  -1.790 -1.016 1.00 71.33 ? 8  4J2 A H    3  
HETATM 434  H HA   . 4J2 A 1 6  ? 3.193  0.408  -3.124 1.00 41.44 ? 8  4J2 A HA   3  
HETATM 435  H HB2  . 4J2 A 1 6  ? 1.695  1.900  -1.749 1.00 40.54 ? 8  4J2 A HB2  3  
HETATM 436  H HB1  . 4J2 A 1 6  ? 1.579  0.711  -0.508 1.00 60.00 ? 8  4J2 A HB1  3  
HETATM 437  H HD1  . 4J2 A 1 6  ? 4.371  2.414  -2.381 1.00 0.00  ? 8  4J2 A HD1  3  
HETATM 438  H HD2  . 4J2 A 1 6  ? 2.721  1.339  1.401  1.00 0.00  ? 8  4J2 A HD2  3  
HETATM 439  H HZ2  . 4J2 A 1 6  ? 7.111  4.679  0.814  1.00 0.00  ? 8  4J2 A HZ2  3  
HETATM 440  H HZ23 . 4J2 A 1 6  ? 7.081  4.848  3.260  1.00 0.00  ? 8  4J2 A HZ23 3  
ATOM   441  N N    . ARG A 1 7  ? 0.258  -0.978 -2.257 1.00 0.00  ? 9  ARG A N    3  
ATOM   442  C CA   . ARG A 1 7  ? -1.183 -0.969 -2.597 1.00 0.00  ? 9  ARG A CA   3  
ATOM   443  C C    . ARG A 1 7  ? -1.921 0.133  -1.767 1.00 0.00  ? 9  ARG A C    3  
ATOM   444  O O    . ARG A 1 7  ? -1.575 0.436  -0.619 1.00 0.00  ? 9  ARG A O    3  
ATOM   445  C CB   . ARG A 1 7  ? -1.713 -2.396 -2.314 1.00 0.00  ? 9  ARG A CB   3  
ATOM   446  C CG   . ARG A 1 7  ? -3.191 -2.695 -2.658 1.00 0.00  ? 9  ARG A CG   3  
ATOM   447  C CD   . ARG A 1 7  ? -3.556 -2.699 -4.158 1.00 0.00  ? 9  ARG A CD   3  
ATOM   448  N NE   . ARG A 1 7  ? -3.887 -1.336 -4.659 1.00 0.00  ? 9  ARG A NE   3  
ATOM   449  C CZ   . ARG A 1 7  ? -3.347 -0.728 -5.716 1.00 0.00  ? 9  ARG A CZ   3  
ATOM   450  N NH1  . ARG A 1 7  ? -2.394 -1.227 -6.457 1.00 0.00  ? 9  ARG A NH1  3  
ATOM   451  N NH2  . ARG A 1 7  ? -3.802 0.444  -6.015 1.00 0.00  ? 9  ARG A NH2  3  
ATOM   452  H H    . ARG A 1 7  ? 0.549  -1.084 -1.277 1.00 0.00  ? 9  ARG A H    3  
ATOM   453  H HA   . ARG A 1 7  ? -1.312 -0.761 -3.679 1.00 0.00  ? 9  ARG A HA   3  
ATOM   454  H HB2  . ARG A 1 7  ? -1.083 -3.130 -2.851 1.00 0.00  ? 9  ARG A HB2  3  
ATOM   455  H HB3  . ARG A 1 7  ? -1.564 -2.619 -1.241 1.00 0.00  ? 9  ARG A HB3  3  
ATOM   456  H HG2  . ARG A 1 7  ? -3.408 -3.699 -2.250 1.00 0.00  ? 9  ARG A HG2  3  
ATOM   457  H HG3  . ARG A 1 7  ? -3.864 -2.021 -2.094 1.00 0.00  ? 9  ARG A HG3  3  
ATOM   458  H HD2  . ARG A 1 7  ? -2.773 -3.215 -4.746 1.00 0.00  ? 9  ARG A HD2  3  
ATOM   459  H HD3  . ARG A 1 7  ? -4.461 -3.322 -4.300 1.00 0.00  ? 9  ARG A HD3  3  
ATOM   460  H HH11 . ARG A 1 7  ? -2.070 -2.150 -6.162 1.00 0.00  ? 9  ARG A HH11 3  
ATOM   461  H HH12 . ARG A 1 7  ? -2.057 -0.652 -7.229 1.00 0.00  ? 9  ARG A HH12 3  
ATOM   462  H HH21 . ARG A 1 7  ? -4.579 0.728  -5.416 1.00 0.00  ? 9  ARG A HH21 3  
ATOM   463  H HH22 . ARG A 1 7  ? -3.413 0.911  -6.836 1.00 0.00  ? 9  ARG A HH22 3  
ATOM   464  N N    . TRP A 1 8  ? -2.964 0.714  -2.365 1.00 0.00  ? 10 TRP A N    3  
ATOM   465  C CA   . TRP A 1 8  ? -3.779 1.774  -1.721 1.00 0.00  ? 10 TRP A CA   3  
ATOM   466  C C    . TRP A 1 8  ? -5.075 1.198  -1.067 1.00 0.00  ? 10 TRP A C    3  
ATOM   467  O O    . TRP A 1 8  ? -5.885 0.526  -1.711 1.00 0.00  ? 10 TRP A O    3  
ATOM   468  C CB   . TRP A 1 8  ? -4.069 2.849  -2.803 1.00 0.00  ? 10 TRP A CB   3  
ATOM   469  C CG   . TRP A 1 8  ? -4.925 4.033  -2.343 1.00 0.00  ? 10 TRP A CG   3  
ATOM   470  C CD1  . TRP A 1 8  ? -6.271 4.219  -2.694 1.00 0.00  ? 10 TRP A CD1  3  
ATOM   471  C CD2  . TRP A 1 8  ? -4.639 5.020  -1.425 1.00 0.00  ? 10 TRP A CD2  3  
ATOM   472  N NE1  . TRP A 1 8  ? -6.842 5.319  -2.022 1.00 0.00  ? 10 TRP A NE1  3  
ATOM   473  C CE2  . TRP A 1 8  ? -5.807 5.797  -1.231 1.00 0.00  ? 10 TRP A CE2  3  
ATOM   474  C CE3  . TRP A 1 8  ? -3.471 5.274  -0.669 1.00 0.00  ? 10 TRP A CE3  3  
ATOM   475  C CZ2  . TRP A 1 8  ? -5.812 6.839  -0.273 1.00 0.00  ? 10 TRP A CZ2  3  
ATOM   476  C CZ3  . TRP A 1 8  ? -3.493 6.312  0.261  1.00 0.00  ? 10 TRP A CZ3  3  
ATOM   477  C CH2  . TRP A 1 8  ? -4.647 7.084  0.458  1.00 0.00  ? 10 TRP A CH2  3  
ATOM   478  H H    . TRP A 1 8  ? -3.306 0.163  -3.168 1.00 0.00  ? 10 TRP A H    3  
ATOM   479  H HA   . TRP A 1 8  ? -3.171 2.282  -0.943 1.00 0.00  ? 10 TRP A HA   3  
ATOM   480  H HB2  . TRP A 1 8  ? -3.122 3.250  -3.202 1.00 0.00  ? 10 TRP A HB2  3  
ATOM   481  H HB3  . TRP A 1 8  ? -4.561 2.371  -3.667 1.00 0.00  ? 10 TRP A HB3  3  
ATOM   482  H HD1  . TRP A 1 8  ? -6.789 3.530  -3.345 1.00 0.00  ? 10 TRP A HD1  3  
ATOM   483  H HE1  . TRP A 1 8  ? -7.821 5.626  -2.024 1.00 0.00  ? 10 TRP A HE1  3  
ATOM   484  H HE3  . TRP A 1 8  ? -2.601 4.653  -0.799 1.00 0.00  ? 10 TRP A HE3  3  
ATOM   485  H HZ2  . TRP A 1 8  ? -6.703 7.425  -0.105 1.00 0.00  ? 10 TRP A HZ2  3  
ATOM   486  H HZ3  . TRP A 1 8  ? -2.607 6.504  0.851  1.00 0.00  ? 10 TRP A HZ3  3  
ATOM   487  H HH2  . TRP A 1 8  ? -4.637 7.875  1.194  1.00 0.00  ? 10 TRP A HH2  3  
ATOM   488  N N    . LYS A 1 9  ? -5.288 1.567  0.202  1.00 74.43 ? 11 LYS A N    3  
ATOM   489  C CA   . LYS A 1 9  ? -6.595 1.424  0.896  1.00 4.20  ? 11 LYS A CA   3  
ATOM   490  C C    . LYS A 1 9  ? -7.257 2.815  1.167  1.00 11.04 ? 11 LYS A C    3  
ATOM   491  O O    . LYS A 1 9  ? -8.390 3.070  0.768  1.00 35.41 ? 11 LYS A O    3  
ATOM   492  C CB   . LYS A 1 9  ? -6.376 0.589  2.184  1.00 41.10 ? 11 LYS A CB   3  
ATOM   493  C CG   . LYS A 1 9  ? -6.170 -0.926 1.935  1.00 44.10 ? 11 LYS A CG   3  
ATOM   494  C CD   . LYS A 1 9  ? -5.854 -1.759 3.196  1.00 33.11 ? 11 LYS A CD   3  
ATOM   495  C CE   . LYS A 1 9  ? -4.519 -1.458 3.904  1.00 70.12 ? 11 LYS A CE   3  
ATOM   496  N NZ   . LYS A 1 9  ? -3.352 -1.712 3.031  1.00 43.51 ? 11 LYS A NZ   3  
ATOM   497  H H    . LYS A 1 9  ? -4.506 2.057  0.657  1.00 20.44 ? 11 LYS A H    3  
ATOM   498  H HA   . LYS A 1 9  ? -7.321 0.873  0.268  1.00 50.52 ? 11 LYS A HA   3  
ATOM   499  H HB2  . LYS A 1 9  ? -5.521 1.011  2.747  1.00 0.00  ? 11 LYS A HB2  3  
ATOM   500  H HB3  . LYS A 1 9  ? -7.246 0.719  2.849  1.00 63.23 ? 11 LYS A HB3  3  
ATOM   501  H HG2  . LYS A 1 9  ? -7.079 -1.341 1.461  1.00 0.00  ? 11 LYS A HG2  3  
ATOM   502  H HG3  . LYS A 1 9  ? -5.364 -1.077 1.192  1.00 60.25 ? 11 LYS A HG3  3  
ATOM   503  H HD2  . LYS A 1 9  ? -6.679 -1.638 3.923  1.00 0.00  ? 11 LYS A HD2  3  
ATOM   504  H HD3  . LYS A 1 9  ? -5.878 -2.833 2.928  1.00 13.13 ? 11 LYS A HD3  3  
ATOM   505  H HE2  . LYS A 1 9  ? -4.504 -0.409 4.257  1.00 0.00  ? 11 LYS A HE2  3  
ATOM   506  H HE3  . LYS A 1 9  ? -4.455 -2.082 4.817  1.00 35.55 ? 11 LYS A HE3  3  
ATOM   507  H HZ1  . LYS A 1 9  ? -3.432 -1.792 2.014  1.00 44.51 ? 11 LYS A HZ1  3  
HETATM 508  N N    . NH2 A 1 10 ? -6.629 3.767  1.841  1.00 24.35 ? 12 NH2 A N    3  
HETATM 509  H HN1  . NH2 A 1 10 ? -5.626 3.614  1.999  1.00 71.12 ? 12 NH2 A HN1  3  
HETATM 510  H HN2  . NH2 A 1 10 ? -7.134 4.656  1.838  1.00 14.20 ? 12 NH2 A HN2  3  
HETATM 511  C C    . ACE A 1 1  ? -1.827 4.447  3.378  1.00 1.42  ? 3  ACE A C    4  
HETATM 512  O O    . ACE A 1 1  ? -2.011 5.353  4.183  1.00 25.23 ? 3  ACE A O    4  
HETATM 513  C CH3  . ACE A 1 1  ? -3.003 3.587  2.933  1.00 11.32 ? 3  ACE A CH3  4  
HETATM 514  H H1   . ACE A 1 1  ? -3.874 3.759  3.589  1.00 11.05 ? 3  ACE A H1   4  
HETATM 515  H H2   . ACE A 1 1  ? -3.302 3.852  1.904  1.00 31.00 ? 3  ACE A H2   4  
HETATM 516  H H3   . ACE A 1 1  ? -2.755 2.513  2.978  1.00 0.00  ? 3  ACE A H3   4  
HETATM 517  N N    . NLE A 1 2  ? -0.587 4.282  2.926  1.00 24.32 ? 4  NLE A N    4  
HETATM 518  C CA   . NLE A 1 2  ? -0.150 3.279  1.916  1.00 22.54 ? 4  NLE A CA   4  
HETATM 519  C C    . NLE A 1 2  ? 0.323  1.927  2.547  1.00 51.12 ? 4  NLE A C    4  
HETATM 520  O O    . NLE A 1 2  ? 1.175  1.884  3.442  1.00 4.44  ? 4  NLE A O    4  
HETATM 521  C CB   . NLE A 1 2  ? 0.922  3.928  0.998  1.00 51.41 ? 4  NLE A CB   4  
HETATM 522  C CG   . NLE A 1 2  ? 2.177  4.575  1.649  1.00 53.53 ? 4  NLE A CG   4  
HETATM 523  C CD   . NLE A 1 2  ? 3.192  5.150  0.644  1.00 13.25 ? 4  NLE A CD   4  
HETATM 524  C CE   . NLE A 1 2  ? 2.732  6.447  -0.039 1.00 21.12 ? 4  NLE A CE   4  
HETATM 525  H H    . NLE A 1 2  ? 0.068  4.963  3.313  1.00 73.41 ? 4  NLE A H    4  
HETATM 526  H HA   . NLE A 1 2  ? -1.004 3.067  1.239  1.00 13.34 ? 4  NLE A HA   4  
HETATM 527  H HB2  . NLE A 1 2  ? 0.418  4.677  0.367  1.00 12.25 ? 4  NLE A HB2  4  
HETATM 528  H HB3  . NLE A 1 2  ? 1.260  3.166  0.274  1.00 64.43 ? 4  NLE A HB3  4  
HETATM 529  H HG2  . NLE A 1 2  ? 2.686  3.817  2.275  1.00 24.40 ? 4  NLE A HG2  4  
HETATM 530  H HG3  . NLE A 1 2  ? 1.883  5.369  2.360  1.00 61.35 ? 4  NLE A HG3  4  
HETATM 531  H HD2  . NLE A 1 2  ? 3.446  4.394  -0.120 1.00 34.12 ? 4  NLE A HD2  4  
HETATM 532  H HD3  . NLE A 1 2  ? 4.146  5.346  1.174  1.00 2.42  ? 4  NLE A HD3  4  
HETATM 533  H HE1  . NLE A 1 2  ? 2.504  7.239  0.698  1.00 35.54 ? 4  NLE A HE1  4  
HETATM 534  H HE2  . NLE A 1 2  ? 3.516  6.840  -0.712 1.00 13.20 ? 4  NLE A HE2  4  
HETATM 535  H HE3  . NLE A 1 2  ? 1.826  6.292  -0.653 1.00 14.24 ? 4  NLE A HE3  4  
ATOM   536  N N    . ASP A 1 3  ? -0.232 0.817  2.041  1.00 42.23 ? 5  ASP A N    4  
ATOM   537  C CA   . ASP A 1 3  ? 0.077  -0.557 2.524  1.00 14.33 ? 5  ASP A CA   4  
ATOM   538  C C    . ASP A 1 3  ? 1.235  -1.210 1.702  1.00 70.04 ? 5  ASP A C    4  
ATOM   539  O O    . ASP A 1 3  ? 1.133  -1.350 0.479  1.00 71.01 ? 5  ASP A O    4  
ATOM   540  C CB   . ASP A 1 3  ? -1.221 -1.411 2.421  1.00 73.01 ? 5  ASP A CB   4  
ATOM   541  C CG   . ASP A 1 3  ? -2.248 -1.235 3.554  1.00 3.02  ? 5  ASP A CG   4  
ATOM   542  O OD1  . ASP A 1 3  ? -1.875 -0.991 4.703  1.00 41.31 ? 5  ASP A OD1  4  
ATOM   543  H H    . ASP A 1 3  ? -0.771 0.971  1.173  1.00 62.10 ? 5  ASP A H    4  
ATOM   544  H HA   . ASP A 1 3  ? 0.379  -0.519 3.593  1.00 60.50 ? 5  ASP A HA   4  
ATOM   545  H HB2  . ASP A 1 3  ? -1.689 -1.272 1.426  1.00 0.00  ? 5  ASP A HB2  4  
ATOM   546  H HB3  . ASP A 1 3  ? -0.950 -2.483 2.444  1.00 72.20 ? 5  ASP A HB3  4  
ATOM   547  N N    . TRP A 1 4  ? 2.316  -1.644 2.383  1.00 0.00  ? 6  TRP A N    4  
ATOM   548  C CA   . TRP A 1 4  ? 3.494  -2.301 1.739  1.00 0.00  ? 6  TRP A CA   4  
ATOM   549  C C    . TRP A 1 4  ? 3.149  -3.621 0.934  1.00 0.00  ? 6  TRP A C    4  
ATOM   550  O O    . TRP A 1 4  ? 2.386  -4.438 1.464  1.00 0.00  ? 6  TRP A O    4  
ATOM   551  C CB   . TRP A 1 4  ? 4.529  -2.550 2.879  1.00 0.00  ? 6  TRP A CB   4  
ATOM   552  C CG   . TRP A 1 4  ? 5.905  -3.081 2.439  1.00 0.00  ? 6  TRP A CG   4  
ATOM   553  C CD1  . TRP A 1 4  ? 6.230  -4.439 2.217  1.00 0.00  ? 6  TRP A CD1  4  
ATOM   554  C CD2  . TRP A 1 4  ? 7.036  -2.370 2.071  1.00 0.00  ? 6  TRP A CD2  4  
ATOM   555  N NE1  . TRP A 1 4  ? 7.539  -4.594 1.720  1.00 0.00  ? 6  TRP A NE1  4  
ATOM   556  C CE2  . TRP A 1 4  ? 8.016  -3.298 1.631  1.00 0.00  ? 6  TRP A CE2  4  
ATOM   557  C CE3  . TRP A 1 4  ? 7.293  -0.979 2.015  1.00 0.00  ? 6  TRP A CE3  4  
ATOM   558  C CZ2  . TRP A 1 4  ? 9.256  -2.838 1.133  1.00 0.00  ? 6  TRP A CZ2  4  
ATOM   559  C CZ3  . TRP A 1 4  ? 8.527  -0.546 1.527  1.00 0.00  ? 6  TRP A CZ3  4  
ATOM   560  C CH2  . TRP A 1 4  ? 9.495  -1.462 1.093  1.00 0.00  ? 6  TRP A CH2  4  
ATOM   561  H H    . TRP A 1 4  ? 2.271  -1.495 3.395  1.00 0.00  ? 6  TRP A H    4  
ATOM   562  H HA   . TRP A 1 4  ? 3.932  -1.556 1.049  1.00 0.00  ? 6  TRP A HA   4  
ATOM   563  H HB2  . TRP A 1 4  ? 4.696  -1.614 3.446  1.00 0.00  ? 6  TRP A HB2  4  
ATOM   564  H HB3  . TRP A 1 4  ? 4.102  -3.252 3.621  1.00 0.00  ? 6  TRP A HB3  4  
ATOM   565  H HD1  . TRP A 1 4  ? 5.528  -5.253 2.324  1.00 0.00  ? 6  TRP A HD1  4  
ATOM   566  H HE1  . TRP A 1 4  ? 8.019  -5.458 1.444  1.00 0.00  ? 6  TRP A HE1  4  
ATOM   567  H HE3  . TRP A 1 4  ? 6.551  -0.267 2.336  1.00 0.00  ? 6  TRP A HE3  4  
ATOM   568  H HZ2  . TRP A 1 4  ? 10.003 -3.536 0.785  1.00 0.00  ? 6  TRP A HZ2  4  
ATOM   569  H HZ3  . TRP A 1 4  ? 8.738  0.511  1.477  1.00 0.00  ? 6  TRP A HZ3  4  
ATOM   570  H HH2  . TRP A 1 4  ? 10.439 -1.097 0.713  1.00 0.00  ? 6  TRP A HH2  4  
ATOM   571  N N    . PRO A 1 5  ? 3.666  -3.886 -0.307 1.00 22.14 ? 7  PRO A N    4  
ATOM   572  C CA   . PRO A 1 5  ? 4.735  -3.078 -0.982 1.00 10.30 ? 7  PRO A CA   4  
ATOM   573  C C    . PRO A 1 5  ? 4.345  -1.804 -1.813 1.00 31.43 ? 7  PRO A C    4  
ATOM   574  O O    . PRO A 1 5  ? 5.203  -1.239 -2.496 1.00 11.54 ? 7  PRO A O    4  
ATOM   575  C CB   . PRO A 1 5  ? 5.408  -4.179 -1.826 1.00 73.35 ? 7  PRO A CB   4  
ATOM   576  C CG   . PRO A 1 5  ? 4.272  -5.114 -2.241 1.00 73.14 ? 7  PRO A CG   4  
ATOM   577  C CD   . PRO A 1 5  ? 3.382  -5.163 -1.001 1.00 50.35 ? 7  PRO A CD   4  
ATOM   578  H HA   . PRO A 1 5  ? 5.488  -2.728 -0.256 1.00 70.33 ? 7  PRO A HA   4  
ATOM   579  H HB2  . PRO A 1 5  ? 5.980  -3.787 -2.686 1.00 0.00  ? 7  PRO A HB2  4  
ATOM   580  H HB3  . PRO A 1 5  ? 6.143  -4.730 -1.203 1.00 33.33 ? 7  PRO A HB3  4  
ATOM   581  H HG2  . PRO A 1 5  ? 3.716  -4.686 -3.098 1.00 0.00  ? 7  PRO A HG2  4  
ATOM   582  H HG3  . PRO A 1 5  ? 4.629  -6.114 -2.549 1.00 23.41 ? 7  PRO A HG3  4  
ATOM   583  H HD2  . PRO A 1 5  ? 2.311  -5.262 -1.260 1.00 0.00  ? 7  PRO A HD2  4  
ATOM   584  H HD3  . PRO A 1 5  ? 3.649  -6.023 -0.355 1.00 41.43 ? 7  PRO A HD3  4  
HETATM 585  N N    . 4J2 A 1 6  ? 3.097  -1.324 -1.720 1.00 55.11 ? 8  4J2 A N    4  
HETATM 586  C CA   . 4J2 A 1 6  ? 2.638  -0.050 -2.351 1.00 24.43 ? 8  4J2 A CA   4  
HETATM 587  C CB   . 4J2 A 1 6  ? 2.547  1.091  -1.287 1.00 10.34 ? 8  4J2 A CB   4  
HETATM 588  C CG   . 4J2 A 1 6  ? 3.813  1.508  -0.529 1.00 12.23 ? 8  4J2 A CG   4  
HETATM 589  C CD1  . 4J2 A 1 6  ? 4.904  2.024  -1.224 1.00 0.11  ? 8  4J2 A CD1  4  
HETATM 590  C CD2  . 4J2 A 1 6  ? 3.832  1.469  0.865  1.00 72.21 ? 8  4J2 A CD2  4  
HETATM 591  C CE1  . 4J2 A 1 6  ? 6.025  2.495  -0.547 1.00 51.02 ? 8  4J2 A CE1  4  
HETATM 592  C CZ1  . 4J2 A 1 6  ? 6.055  2.478  0.849  1.00 50.12 ? 8  4J2 A CZ1  4  
HETATM 593  C CZ2  . 4J2 A 1 6  ? 7.147  2.980  1.560  1.00 30.24 ? 8  4J2 A CZ2  4  
HETATM 594  C CZ3  . 4J2 A 1 6  ? 7.139  2.974  2.951  1.00 44.51 ? 8  4J2 A CZ3  4  
HETATM 595  C CE2  . 4J2 A 1 6  ? 4.928  1.955  1.573  1.00 75.11 ? 8  4J2 A CE2  4  
HETATM 596  C CE3  . 4J2 A 1 6  ? 4.940  1.969  2.968  1.00 3.32  ? 8  4J2 A CE3  4  
HETATM 597  C CE4  . 4J2 A 1 6  ? 6.043  2.474  3.651  1.00 51.13 ? 8  4J2 A CE4  4  
HETATM 598  H HE1  . 4J2 A 1 6  ? 6.852  2.893  -1.118 1.00 0.00  ? 8  4J2 A HE1  4  
HETATM 599  C C    . 4J2 A 1 6  ? 1.252  -0.206 -3.054 1.00 22.34 ? 8  4J2 A C    4  
HETATM 600  H HE3  . 4J2 A 1 6  ? 4.094  1.601  3.534  1.00 0.00  ? 8  4J2 A HE3  4  
HETATM 601  O O    . 4J2 A 1 6  ? 1.095  0.156  -4.221 1.00 52.33 ? 8  4J2 A O    4  
HETATM 602  H HE4  . 4J2 A 1 6  ? 6.046  2.482  4.731  1.00 0.00  ? 8  4J2 A HE4  4  
HETATM 603  H H    . 4J2 A 1 6  ? 2.514  -1.827 -1.041 1.00 71.33 ? 8  4J2 A H    4  
HETATM 604  H HA   . 4J2 A 1 6  ? 3.348  0.266  -3.142 1.00 41.44 ? 8  4J2 A HA   4  
HETATM 605  H HB2  . 4J2 A 1 6  ? 2.149  1.995  -1.778 1.00 40.54 ? 8  4J2 A HB2  4  
HETATM 606  H HB1  . 4J2 A 1 6  ? 1.752  0.845  -0.558 1.00 60.00 ? 8  4J2 A HB1  4  
HETATM 607  H HD1  . 4J2 A 1 6  ? 4.847  2.076  -2.300 1.00 0.00  ? 8  4J2 A HD1  4  
HETATM 608  H HD2  . 4J2 A 1 6  ? 2.959  1.110  1.392  1.00 0.00  ? 8  4J2 A HD2  4  
HETATM 609  H HZ2  . 4J2 A 1 6  ? 8.008  3.383  1.044  1.00 0.00  ? 8  4J2 A HZ2  4  
HETATM 610  H HZ23 . 4J2 A 1 6  ? 7.987  3.365  3.495  1.00 0.00  ? 8  4J2 A HZ23 4  
ATOM   611  N N    . ARG A 1 7  ? 0.235  -0.660 -2.300 1.00 0.00  ? 9  ARG A N    4  
ATOM   612  C CA   . ARG A 1 7  ? -1.194 -0.463 -2.624 1.00 0.00  ? 9  ARG A CA   4  
ATOM   613  C C    . ARG A 1 7  ? -1.778 0.658  -1.703 1.00 0.00  ? 9  ARG A C    4  
ATOM   614  O O    . ARG A 1 7  ? -1.397 0.820  -0.537 1.00 0.00  ? 9  ARG A O    4  
ATOM   615  C CB   . ARG A 1 7  ? -1.877 -1.838 -2.404 1.00 0.00  ? 9  ARG A CB   4  
ATOM   616  C CG   . ARG A 1 7  ? -3.370 -1.909 -2.787 1.00 0.00  ? 9  ARG A CG   4  
ATOM   617  C CD   . ARG A 1 7  ? -3.966 -3.313 -2.605 1.00 0.00  ? 9  ARG A CD   4  
ATOM   618  N NE   . ARG A 1 7  ? -5.407 -3.265 -2.948 1.00 0.00  ? 9  ARG A NE   4  
ATOM   619  C CZ   . ARG A 1 7  ? -6.252 -4.291 -2.878 1.00 0.00  ? 9  ARG A CZ   4  
ATOM   620  N NH1  . ARG A 1 7  ? -5.920 -5.498 -2.495 1.00 0.00  ? 9  ARG A NH1  4  
ATOM   621  N NH2  . ARG A 1 7  ? -7.482 -4.071 -3.213 1.00 0.00  ? 9  ARG A NH2  4  
ATOM   622  H H    . ARG A 1 7  ? 0.519  -0.796 -1.322 1.00 0.00  ? 9  ARG A H    4  
ATOM   623  H HA   . ARG A 1 7  ? -1.313 -0.176 -3.691 1.00 0.00  ? 9  ARG A HA   4  
ATOM   624  H HB2  . ARG A 1 7  ? -1.337 -2.602 -2.994 1.00 0.00  ? 9  ARG A HB2  4  
ATOM   625  H HB3  . ARG A 1 7  ? -1.764 -2.137 -1.345 1.00 0.00  ? 9  ARG A HB3  4  
ATOM   626  H HG2  . ARG A 1 7  ? -3.947 -1.192 -2.169 1.00 0.00  ? 9  ARG A HG2  4  
ATOM   627  H HG3  . ARG A 1 7  ? -3.499 -1.581 -3.836 1.00 0.00  ? 9  ARG A HG3  4  
ATOM   628  H HD2  . ARG A 1 7  ? -3.439 -4.042 -3.253 1.00 0.00  ? 9  ARG A HD2  4  
ATOM   629  H HD3  . ARG A 1 7  ? -3.831 -3.654 -1.559 1.00 0.00  ? 9  ARG A HD3  4  
ATOM   630  H HH11 . ARG A 1 7  ? -4.933 -5.596 -2.252 1.00 0.00  ? 9  ARG A HH11 4  
ATOM   631  H HH12 . ARG A 1 7  ? -6.657 -6.204 -2.486 1.00 0.00  ? 9  ARG A HH12 4  
ATOM   632  H HH21 . ARG A 1 7  ? -7.639 -3.104 -3.499 1.00 0.00  ? 9  ARG A HH21 4  
ATOM   633  H HH22 . ARG A 1 7  ? -8.139 -4.852 -3.167 1.00 0.00  ? 9  ARG A HH22 4  
ATOM   634  N N    . TRP A 1 8  ? -2.757 1.402  -2.226 1.00 0.00  ? 10 TRP A N    4  
ATOM   635  C CA   . TRP A 1 8  ? -3.564 2.335  -1.402 1.00 0.00  ? 10 TRP A CA   4  
ATOM   636  C C    . TRP A 1 8  ? -4.811 1.600  -0.807 1.00 0.00  ? 10 TRP A C    4  
ATOM   637  O O    . TRP A 1 8  ? -5.524 0.867  -1.502 1.00 0.00  ? 10 TRP A O    4  
ATOM   638  C CB   . TRP A 1 8  ? -3.917 3.563  -2.278 1.00 0.00  ? 10 TRP A CB   4  
ATOM   639  C CG   . TRP A 1 8  ? -4.536 4.708  -1.481 1.00 0.00  ? 10 TRP A CG   4  
ATOM   640  C CD1  . TRP A 1 8  ? -5.913 4.894  -1.316 1.00 0.00  ? 10 TRP A CD1  4  
ATOM   641  C CD2  . TRP A 1 8  ? -3.925 5.614  -0.639 1.00 0.00  ? 10 TRP A CD2  4  
ATOM   642  N NE1  . TRP A 1 8  ? -6.195 5.904  -0.374 1.00 0.00  ? 10 TRP A NE1  4  
ATOM   643  C CE2  . TRP A 1 8  ? -4.941 6.333  0.037  1.00 0.00  ? 10 TRP A CE2  4  
ATOM   644  C CE3  . TRP A 1 8  ? -2.559 5.830  -0.333 1.00 0.00  ? 10 TRP A CE3  4  
ATOM   645  C CZ2  . TRP A 1 8  ? -4.594 7.273  1.036  1.00 0.00  ? 10 TRP A CZ2  4  
ATOM   646  C CZ3  . TRP A 1 8  ? -2.240 6.774  0.644  1.00 0.00  ? 10 TRP A CZ3  4  
ATOM   647  C CH2  . TRP A 1 8  ? -3.242 7.482  1.323  1.00 0.00  ? 10 TRP A CH2  4  
ATOM   648  H H    . TRP A 1 8  ? -3.135 1.003  -3.089 1.00 0.00  ? 10 TRP A H    4  
ATOM   649  H HA   . TRP A 1 8  ? -2.937 2.715  -0.569 1.00 0.00  ? 10 TRP A HA   4  
ATOM   650  H HB2  . TRP A 1 8  ? -3.015 3.956  -2.774 1.00 0.00  ? 10 TRP A HB2  4  
ATOM   651  H HB3  . TRP A 1 8  ? -4.590 3.270  -3.103 1.00 0.00  ? 10 TRP A HB3  4  
ATOM   652  H HD1  . TRP A 1 8  ? -6.625 4.238  -1.792 1.00 0.00  ? 10 TRP A HD1  4  
ATOM   653  H HE1  . TRP A 1 8  ? -7.109 6.183  0.004  1.00 0.00  ? 10 TRP A HE1  4  
ATOM   654  H HE3  . TRP A 1 8  ? -1.790 5.264  -0.838 1.00 0.00  ? 10 TRP A HE3  4  
ATOM   655  H HZ2  . TRP A 1 8  ? -5.361 7.809  1.577  1.00 0.00  ? 10 TRP A HZ2  4  
ATOM   656  H HZ3  . TRP A 1 8  ? -1.203 6.946  0.900  1.00 0.00  ? 10 TRP A HZ3  4  
ATOM   657  H HH2  . TRP A 1 8  ? -2.964 8.190  2.090  1.00 0.00  ? 10 TRP A HH2  4  
ATOM   658  N N    . LYS A 1 9  ? -5.075 1.819  0.489  1.00 74.43 ? 11 LYS A N    4  
ATOM   659  C CA   . LYS A 1 9  ? -6.139 1.110  1.237  1.00 4.20  ? 11 LYS A CA   4  
ATOM   660  C C    . LYS A 1 9  ? -7.575 1.667  0.947  1.00 11.04 ? 11 LYS A C    4  
ATOM   661  O O    . LYS A 1 9  ? -8.129 2.509  1.650  1.00 35.41 ? 11 LYS A O    4  
ATOM   662  C CB   . LYS A 1 9  ? -5.691 1.225  2.718  1.00 41.10 ? 11 LYS A CB   4  
ATOM   663  C CG   . LYS A 1 9  ? -6.414 0.303  3.714  1.00 44.10 ? 11 LYS A CG   4  
ATOM   664  C CD   . LYS A 1 9  ? -6.002 -1.189 3.691  1.00 33.11 ? 11 LYS A CD   4  
ATOM   665  C CE   . LYS A 1 9  ? -4.598 -1.501 4.256  1.00 70.12 ? 11 LYS A CE   4  
ATOM   666  N NZ   . LYS A 1 9  ? -3.530 -1.434 3.232  1.00 43.51 ? 11 LYS A NZ   4  
ATOM   667  H H    . LYS A 1 9  ? -4.430 2.436  0.990  1.00 20.44 ? 11 LYS A H    4  
ATOM   668  H HA   . LYS A 1 9  ? -6.116 0.036  0.969  1.00 50.52 ? 11 LYS A HA   4  
ATOM   669  H HB2  . LYS A 1 9  ? -4.605 1.042  2.829  1.00 0.00  ? 11 LYS A HB2  4  
ATOM   670  H HB3  . LYS A 1 9  ? -5.835 2.272  3.047  1.00 63.23 ? 11 LYS A HB3  4  
ATOM   671  H HG2  . LYS A 1 9  ? -6.244 0.710  4.727  1.00 0.00  ? 11 LYS A HG2  4  
ATOM   672  H HG3  . LYS A 1 9  ? -7.503 0.396  3.549  1.00 60.25 ? 11 LYS A HG3  4  
ATOM   673  H HD2  . LYS A 1 9  ? -6.736 -1.733 4.316  1.00 0.00  ? 11 LYS A HD2  4  
ATOM   674  H HD3  . LYS A 1 9  ? -6.136 -1.626 2.683  1.00 13.13 ? 11 LYS A HD3  4  
ATOM   675  H HE2  . LYS A 1 9  ? -4.383 -0.836 5.120  1.00 0.00  ? 11 LYS A HE2  4  
ATOM   676  H HE3  . LYS A 1 9  ? -4.603 -2.523 4.683  1.00 35.55 ? 11 LYS A HE3  4  
ATOM   677  H HZ1  . LYS A 1 9  ? -3.696 -1.644 2.244  1.00 44.51 ? 11 LYS A HZ1  4  
HETATM 678  N N    . NH2 A 1 10 ? -8.232 1.220  -0.104 1.00 24.35 ? 12 NH2 A N    4  
HETATM 679  H HN1  . NH2 A 1 10 ? -7.653 0.743  -0.806 1.00 71.12 ? 12 NH2 A HN1  4  
HETATM 680  H HN2  . NH2 A 1 10 ? -9.119 1.708  -0.257 1.00 14.20 ? 12 NH2 A HN2  4  
HETATM 681  C C    . ACE A 1 1  ? -2.772 3.358  2.610  1.00 1.42  ? 3  ACE A C    5  
HETATM 682  O O    . ACE A 1 1  ? -3.280 2.413  2.008  1.00 25.23 ? 3  ACE A O    5  
HETATM 683  C CH3  . ACE A 1 1  ? -3.623 4.283  3.459  1.00 11.32 ? 3  ACE A CH3  5  
HETATM 684  H H1   . ACE A 1 1  ? -3.670 5.296  3.021  1.00 11.05 ? 3  ACE A H1   5  
HETATM 685  H H2   . ACE A 1 1  ? -4.659 3.904  3.528  1.00 31.00 ? 3  ACE A H2   5  
HETATM 686  H H3   . ACE A 1 1  ? -3.235 4.364  4.490  1.00 0.00  ? 3  ACE A H3   5  
HETATM 687  N N    . NLE A 1 2  ? -1.474 3.654  2.564  1.00 24.32 ? 4  NLE A N    5  
HETATM 688  C CA   . NLE A 1 2  ? -0.499 2.885  1.747  1.00 22.54 ? 4  NLE A CA   5  
HETATM 689  C C    . NLE A 1 2  ? 0.129  1.672  2.504  1.00 51.12 ? 4  NLE A C    5  
HETATM 690  O O    . NLE A 1 2  ? 0.842  1.819  3.501  1.00 4.44  ? 4  NLE A O    5  
HETATM 691  C CB   . NLE A 1 2  ? 0.554  3.852  1.147  1.00 51.41 ? 4  NLE A CB   5  
HETATM 692  C CG   . NLE A 1 2  ? 1.457  4.677  2.102  1.00 53.53 ? 4  NLE A CG   5  
HETATM 693  C CD   . NLE A 1 2  ? 2.506  5.543  1.377  1.00 13.25 ? 4  NLE A CD   5  
HETATM 694  C CE   . NLE A 1 2  ? 1.921  6.752  0.633  1.00 21.12 ? 4  NLE A CE   5  
HETATM 695  H H    . NLE A 1 2  ? -1.198 4.496  3.072  1.00 73.41 ? 4  NLE A H    5  
HETATM 696  H HA   . NLE A 1 2  ? -1.041 2.495  0.857  1.00 13.34 ? 4  NLE A HA   5  
HETATM 697  H HB2  . NLE A 1 2  ? 0.023  4.530  0.465  1.00 12.25 ? 4  NLE A HB2  5  
HETATM 698  H HB3  . NLE A 1 2  ? 1.203  3.269  0.476  1.00 64.43 ? 4  NLE A HB3  5  
HETATM 699  H HG2  . NLE A 1 2  ? 1.991  3.987  2.781  1.00 24.40 ? 4  NLE A HG2  5  
HETATM 700  H HG3  . NLE A 1 2  ? 0.844  5.315  2.767  1.00 61.35 ? 4  NLE A HG3  5  
HETATM 701  H HD2  . NLE A 1 2  ? 3.097  4.921  0.678  1.00 34.12 ? 4  NLE A HD2  5  
HETATM 702  H HD3  . NLE A 1 2  ? 3.243  5.905  2.120  1.00 2.42  ? 4  NLE A HD3  5  
HETATM 703  H HE1  . NLE A 1 2  ? 1.349  7.414  1.310  1.00 35.54 ? 4  NLE A HE1  5  
HETATM 704  H HE2  . NLE A 1 2  ? 2.721  7.364  0.175  1.00 13.20 ? 4  NLE A HE2  5  
HETATM 705  H HE3  . NLE A 1 2  ? 1.243  6.446  -0.186 1.00 14.24 ? 4  NLE A HE3  5  
ATOM   706  N N    . ASP A 1 3  ? -0.135 0.466  1.988  1.00 42.23 ? 5  ASP A N    5  
ATOM   707  C CA   . ASP A 1 3  ? 0.339  -0.813 2.591  1.00 14.33 ? 5  ASP A CA   5  
ATOM   708  C C    . ASP A 1 3  ? 1.535  -1.381 1.770  1.00 70.04 ? 5  ASP A C    5  
ATOM   709  O O    . ASP A 1 3  ? 1.397  -1.633 0.569  1.00 71.01 ? 5  ASP A O    5  
ATOM   710  C CB   . ASP A 1 3  ? -0.848 -1.813 2.612  1.00 73.01 ? 5  ASP A CB   5  
ATOM   711  C CG   . ASP A 1 3  ? -1.928 -1.537 3.665  1.00 3.02  ? 5  ASP A CG   5  
ATOM   712  O OD1  . ASP A 1 3  ? -1.815 -2.005 4.798  1.00 41.31 ? 5  ASP A OD1  5  
ATOM   713  H H    . ASP A 1 3  ? -0.777 0.488  1.180  1.00 62.10 ? 5  ASP A H    5  
ATOM   714  H HA   . ASP A 1 3  ? 0.663  -0.653 3.643  1.00 60.50 ? 5  ASP A HA   5  
ATOM   715  H HB2  . ASP A 1 3  ? -1.298 -1.914 1.604  1.00 0.00  ? 5  ASP A HB2  5  
ATOM   716  H HB3  . ASP A 1 3  ? -0.460 -2.824 2.830  1.00 72.20 ? 5  ASP A HB3  5  
ATOM   717  N N    . TRP A 1 4  ? 2.702  -1.596 2.411  1.00 0.00  ? 6  TRP A N    5  
ATOM   718  C CA   . TRP A 1 4  ? 3.948  -2.066 1.727  1.00 0.00  ? 6  TRP A CA   5  
ATOM   719  C C    . TRP A 1 4  ? 3.794  -3.427 0.934  1.00 0.00  ? 6  TRP A C    5  
ATOM   720  O O    . TRP A 1 4  ? 3.228  -4.367 1.506  1.00 0.00  ? 6  TRP A O    5  
ATOM   721  C CB   . TRP A 1 4  ? 5.058  -2.135 2.818  1.00 0.00  ? 6  TRP A CB   5  
ATOM   722  C CG   . TRP A 1 4  ? 6.482  -2.405 2.300  1.00 0.00  ? 6  TRP A CG   5  
ATOM   723  C CD1  . TRP A 1 4  ? 7.030  -3.679 2.025  1.00 0.00  ? 6  TRP A CD1  5  
ATOM   724  C CD2  . TRP A 1 4  ? 7.449  -1.497 1.900  1.00 0.00  ? 6  TRP A CD2  5  
ATOM   725  N NE1  . TRP A 1 4  ? 8.318  -3.588 1.462  1.00 0.00  ? 6  TRP A NE1  5  
ATOM   726  C CE2  . TRP A 1 4  ? 8.554  -2.226 1.389  1.00 0.00  ? 6  TRP A CE2  5  
ATOM   727  C CE3  . TRP A 1 4  ? 7.455  -0.080 1.879  1.00 0.00  ? 6  TRP A CE3  5  
ATOM   728  C CZ2  . TRP A 1 4  ? 9.670  -1.543 0.854  1.00 0.00  ? 6  TRP A CZ2  5  
ATOM   729  C CZ3  . TRP A 1 4  ? 8.570  0.573  1.353  1.00 0.00  ? 6  TRP A CZ3  5  
ATOM   730  C CH2  . TRP A 1 4  ? 9.661  -0.147 0.847  1.00 0.00  ? 6  TRP A CH2  5  
ATOM   731  H H    . TRP A 1 4  ? 2.685  -1.390 3.415  1.00 0.00  ? 6  TRP A H    5  
ATOM   732  H HA   . TRP A 1 4  ? 4.230  -1.262 1.023  1.00 0.00  ? 6  TRP A HA   5  
ATOM   733  H HB2  . TRP A 1 4  ? 5.082  -1.190 3.395  1.00 0.00  ? 6  TRP A HB2  5  
ATOM   734  H HB3  . TRP A 1 4  ? 4.798  -2.910 3.566  1.00 0.00  ? 6  TRP A HB3  5  
ATOM   735  H HD1  . TRP A 1 4  ? 6.490  -4.608 2.138  1.00 0.00  ? 6  TRP A HD1  5  
ATOM   736  H HE1  . TRP A 1 4  ? 8.929  -4.348 1.140  1.00 0.00  ? 6  TRP A HE1  5  
ATOM   737  H HE3  . TRP A 1 4  ? 6.617  0.483  2.256  1.00 0.00  ? 6  TRP A HE3  5  
ATOM   738  H HZ2  . TRP A 1 4  ? 10.508 -2.091 0.452  1.00 0.00  ? 6  TRP A HZ2  5  
ATOM   739  H HZ3  . TRP A 1 4  ? 8.593  1.652  1.330  1.00 0.00  ? 6  TRP A HZ3  5  
ATOM   740  H HH2  . TRP A 1 4  ? 10.507 0.388  0.440  1.00 0.00  ? 6  TRP A HH2  5  
ATOM   741  N N    . PRO A 1 5  ? 4.262  -3.595 -0.343 1.00 22.14 ? 7  PRO A N    5  
ATOM   742  C CA   . PRO A 1 5  ? 5.131  -2.613 -1.071 1.00 10.30 ? 7  PRO A CA   5  
ATOM   743  C C    . PRO A 1 5  ? 4.478  -1.413 -1.849 1.00 31.43 ? 7  PRO A C    5  
ATOM   744  O O    . PRO A 1 5  ? 5.186  -0.703 -2.567 1.00 11.54 ? 7  PRO A O    5  
ATOM   745  C CB   . PRO A 1 5  ? 5.917  -3.578 -1.983 1.00 73.35 ? 7  PRO A CB   5  
ATOM   746  C CG   . PRO A 1 5  ? 4.928  -4.690 -2.336 1.00 73.14 ? 7  PRO A CG   5  
ATOM   747  C CD   . PRO A 1 5  ? 4.152  -4.897 -1.037 1.00 50.35 ? 7  PRO A CD   5  
ATOM   748  H HA   . PRO A 1 5  ? 5.865  -2.151 -0.388 1.00 70.33 ? 7  PRO A HA   5  
ATOM   749  H HB2  . PRO A 1 5  ? 6.350  -3.089 -2.874 1.00 0.00  ? 7  PRO A HB2  5  
ATOM   750  H HB3  . PRO A 1 5  ? 6.776  -4.001 -1.425 1.00 33.33 ? 7  PRO A HB3  5  
ATOM   751  H HG2  . PRO A 1 5  ? 4.246  -4.354 -3.142 1.00 0.00  ? 7  PRO A HG2  5  
ATOM   752  H HG3  . PRO A 1 5  ? 5.425  -5.611 -2.689 1.00 23.41 ? 7  PRO A HG3  5  
ATOM   753  H HD2  . PRO A 1 5  ? 3.098  -5.180 -1.222 1.00 0.00  ? 7  PRO A HD2  5  
ATOM   754  H HD3  . PRO A 1 5  ? 4.609  -5.702 -0.427 1.00 41.43 ? 7  PRO A HD3  5  
HETATM 755  N N    . 4J2 A 1 6  ? 3.175  -1.149 -1.669 1.00 55.11 ? 8  4J2 A N    5  
HETATM 756  C CA   . 4J2 A 1 6  ? 2.477  0.045  -2.227 1.00 24.43 ? 8  4J2 A CA   5  
HETATM 757  C CB   . 4J2 A 1 6  ? 2.303  1.148  -1.133 1.00 10.34 ? 8  4J2 A CB   5  
HETATM 758  C CG   . 4J2 A 1 6  ? 3.542  1.770  -0.472 1.00 12.23 ? 8  4J2 A CG   5  
HETATM 759  C CD1  . 4J2 A 1 6  ? 4.499  2.415  -1.251 1.00 0.11  ? 8  4J2 A CD1  5  
HETATM 760  C CD2  . 4J2 A 1 6  ? 3.643  1.797  0.919  1.00 72.21 ? 8  4J2 A CD2  5  
HETATM 761  C CE1  . 4J2 A 1 6  ? 5.564  3.089  -0.661 1.00 51.02 ? 8  4J2 A CE1  5  
HETATM 762  C CZ1  . 4J2 A 1 6  ? 5.671  3.144  0.730  1.00 50.12 ? 8  4J2 A CZ1  5  
HETATM 763  C CZ2  . 4J2 A 1 6  ? 6.703  3.849  1.353  1.00 30.24 ? 8  4J2 A CZ2  5  
HETATM 764  C CZ3  . 4J2 A 1 6  ? 6.775  3.903  2.743  1.00 44.51 ? 8  4J2 A CZ3  5  
HETATM 765  C CE2  . 4J2 A 1 6  ? 4.686  2.481  1.540  1.00 75.11 ? 8  4J2 A CE2  5  
HETATM 766  C CE3  . 4J2 A 1 6  ? 4.775  2.557  2.930  1.00 3.32  ? 8  4J2 A CE3  5  
HETATM 767  C CE4  . 4J2 A 1 6  ? 5.817  3.262  3.525  1.00 51.13 ? 8  4J2 A CE4  5  
HETATM 768  H HE1  . 4J2 A 1 6  ? 6.288  3.580  -1.296 1.00 0.00  ? 8  4J2 A HE1  5  
HETATM 769  C C    . 4J2 A 1 6  ? 1.078  -0.320 -2.825 1.00 22.34 ? 8  4J2 A C    5  
HETATM 770  H HE3  . 4J2 A 1 6  ? 4.039  2.077  3.562  1.00 0.00  ? 8  4J2 A HE3  5  
HETATM 771  O O    . 4J2 A 1 6  ? 0.802  -0.030 -3.990 1.00 52.33 ? 8  4J2 A O    5  
HETATM 772  H HE4  . 4J2 A 1 6  ? 5.883  3.317  4.601  1.00 0.00  ? 8  4J2 A HE4  5  
HETATM 773  H H    . 4J2 A 1 6  ? 2.725  -1.753 -0.970 1.00 71.33 ? 8  4J2 A H    5  
HETATM 774  H HA   . 4J2 A 1 6  ? 3.061  0.475  -3.066 1.00 41.44 ? 8  4J2 A HA   5  
HETATM 775  H HB2  . 4J2 A 1 6  ? 1.719  1.978  -1.568 1.00 40.54 ? 8  4J2 A HB2  5  
HETATM 776  H HB1  . 4J2 A 1 6  ? 1.631  0.762  -0.346 1.00 60.00 ? 8  4J2 A HB1  5  
HETATM 777  H HD1  . 4J2 A 1 6  ? 4.389  2.394  -2.324 1.00 0.00  ? 8  4J2 A HD1  5  
HETATM 778  H HD2  . 4J2 A 1 6  ? 2.872  1.329  1.514  1.00 0.00  ? 8  4J2 A HD2  5  
HETATM 779  H HZ2  . 4J2 A 1 6  ? 7.457  4.361  0.771  1.00 0.00  ? 8  4J2 A HZ2  5  
HETATM 780  H HZ23 . 4J2 A 1 6  ? 7.577  4.449  3.218  1.00 0.00  ? 8  4J2 A HZ23 5  
ATOM   781  N N    . ARG A 1 7  ? 0.182  -0.882 -1.994 1.00 0.00  ? 9  ARG A N    5  
ATOM   782  C CA   . ARG A 1 7  ? -1.265 -1.015 -2.290 1.00 0.00  ? 9  ARG A CA   5  
ATOM   783  C C    . ARG A 1 7  ? -2.043 0.067  -1.477 1.00 0.00  ? 9  ARG A C    5  
ATOM   784  O O    . ARG A 1 7  ? -1.905 0.180  -0.252 1.00 0.00  ? 9  ARG A O    5  
ATOM   785  C CB   . ARG A 1 7  ? -1.745 -2.433 -1.894 1.00 0.00  ? 9  ARG A CB   5  
ATOM   786  C CG   . ARG A 1 7  ? -1.175 -3.606 -2.732 1.00 0.00  ? 9  ARG A CG   5  
ATOM   787  C CD   . ARG A 1 7  ? -1.671 -4.995 -2.288 1.00 0.00  ? 9  ARG A CD   5  
ATOM   788  N NE   . ARG A 1 7  ? -3.098 -5.198 -2.652 1.00 0.00  ? 9  ARG A NE   5  
ATOM   789  C CZ   . ARG A 1 7  ? -3.828 -6.268 -2.345 1.00 0.00  ? 9  ARG A CZ   5  
ATOM   790  N NH1  . ARG A 1 7  ? -3.384 -7.299 -1.675 1.00 0.00  ? 9  ARG A NH1  5  
ATOM   791  N NH2  . ARG A 1 7  ? -5.060 -6.278 -2.740 1.00 0.00  ? 9  ARG A NH2  5  
ATOM   792  H H    . ARG A 1 7  ? 0.553  -1.014 -1.044 1.00 0.00  ? 9  ARG A H    5  
ATOM   793  H HA   . ARG A 1 7  ? -1.455 -0.886 -3.377 1.00 0.00  ? 9  ARG A HA   5  
ATOM   794  H HB2  . ARG A 1 7  ? -1.544 -2.597 -0.821 1.00 0.00  ? 9  ARG A HB2  5  
ATOM   795  H HB3  . ARG A 1 7  ? -2.847 -2.467 -1.971 1.00 0.00  ? 9  ARG A HB3  5  
ATOM   796  H HG2  . ARG A 1 7  ? -1.403 -3.457 -3.807 1.00 0.00  ? 9  ARG A HG2  5  
ATOM   797  H HG3  . ARG A 1 7  ? -0.070 -3.591 -2.671 1.00 0.00  ? 9  ARG A HG3  5  
ATOM   798  H HD2  . ARG A 1 7  ? -1.053 -5.775 -2.776 1.00 0.00  ? 9  ARG A HD2  5  
ATOM   799  H HD3  . ARG A 1 7  ? -1.519 -5.122 -1.196 1.00 0.00  ? 9  ARG A HD3  5  
ATOM   800  H HH11 . ARG A 1 7  ? -2.403 -7.220 -1.399 1.00 0.00  ? 9  ARG A HH11 5  
ATOM   801  H HH12 . ARG A 1 7  ? -4.039 -8.061 -1.500 1.00 0.00  ? 9  ARG A HH12 5  
ATOM   802  H HH21 . ARG A 1 7  ? -5.310 -5.430 -3.253 1.00 0.00  ? 9  ARG A HH21 5  
ATOM   803  H HH22 . ARG A 1 7  ? -5.630 -7.092 -2.509 1.00 0.00  ? 9  ARG A HH22 5  
ATOM   804  N N    . TRP A 1 8  ? -2.866 0.863  -2.169 1.00 0.00  ? 10 TRP A N    5  
ATOM   805  C CA   . TRP A 1 8  ? -3.642 1.960  -1.542 1.00 0.00  ? 10 TRP A CA   5  
ATOM   806  C C    . TRP A 1 8  ? -5.058 1.481  -1.087 1.00 0.00  ? 10 TRP A C    5  
ATOM   807  O O    . TRP A 1 8  ? -5.883 1.035  -1.890 1.00 0.00  ? 10 TRP A O    5  
ATOM   808  C CB   . TRP A 1 8  ? -3.693 3.131  -2.556 1.00 0.00  ? 10 TRP A CB   5  
ATOM   809  C CG   . TRP A 1 8  ? -4.377 4.396  -2.035 1.00 0.00  ? 10 TRP A CG   5  
ATOM   810  C CD1  . TRP A 1 8  ? -5.708 4.742  -2.304 1.00 0.00  ? 10 TRP A CD1  5  
ATOM   811  C CD2  . TRP A 1 8  ? -3.911 5.348  -1.155 1.00 0.00  ? 10 TRP A CD2  5  
ATOM   812  N NE1  . TRP A 1 8  ? -6.100 5.903  -1.606 1.00 0.00  ? 10 TRP A NE1  5  
ATOM   813  C CE2  . TRP A 1 8  ? -4.965 6.257  -0.893 1.00 0.00  ? 10 TRP A CE2  5  
ATOM   814  C CE3  . TRP A 1 8  ? -2.656 5.494  -0.523 1.00 0.00  ? 10 TRP A CE3  5  
ATOM   815  C CZ2  . TRP A 1 8  ? -4.767 7.323  0.017  1.00 0.00  ? 10 TRP A CZ2  5  
ATOM   816  C CZ3  . TRP A 1 8  ? -2.479 6.555  0.367  1.00 0.00  ? 10 TRP A CZ3  5  
ATOM   817  C CH2  . TRP A 1 8  ? -3.520 7.456  0.635  1.00 0.00  ? 10 TRP A CH2  5  
ATOM   818  H H    . TRP A 1 8  ? -3.006 0.588  -3.144 1.00 0.00  ? 10 TRP A H    5  
ATOM   819  H HA   . TRP A 1 8  ? -3.080 2.345  -0.664 1.00 0.00  ? 10 TRP A HA   5  
ATOM   820  H HB2  . TRP A 1 8  ? -2.674 3.408  -2.871 1.00 0.00  ? 10 TRP A HB2  5  
ATOM   821  H HB3  . TRP A 1 8  ? -4.200 2.800  -3.479 1.00 0.00  ? 10 TRP A HB3  5  
ATOM   822  H HD1  . TRP A 1 8  ? -6.334 4.128  -2.936 1.00 0.00  ? 10 TRP A HD1  5  
ATOM   823  H HE1  . TRP A 1 8  ? -7.014 6.370  -1.612 1.00 0.00  ? 10 TRP A HE1  5  
ATOM   824  H HE3  . TRP A 1 8  ? -1.863 4.793  -0.734 1.00 0.00  ? 10 TRP A HE3  5  
ATOM   825  H HZ2  . TRP A 1 8  ? -5.566 8.017  0.230  1.00 0.00  ? 10 TRP A HZ2  5  
ATOM   826  H HZ3  . TRP A 1 8  ? -1.526 6.682  0.859  1.00 0.00  ? 10 TRP A HZ3  5  
ATOM   827  H HH2  . TRP A 1 8  ? -3.355 8.266  1.332  1.00 0.00  ? 10 TRP A HH2  5  
ATOM   828  N N    . LYS A 1 9  ? -5.336 1.661  0.207  1.00 74.43 ? 11 LYS A N    5  
ATOM   829  C CA   . LYS A 1 9  ? -6.676 1.410  0.810  1.00 4.20  ? 11 LYS A CA   5  
ATOM   830  C C    . LYS A 1 9  ? -7.612 2.663  0.802  1.00 11.04 ? 11 LYS A C    5  
ATOM   831  O O    . LYS A 1 9  ? -8.769 2.588  0.398  1.00 35.41 ? 11 LYS A O    5  
ATOM   832  C CB   . LYS A 1 9  ? -6.456 0.841  2.235  1.00 41.10 ? 11 LYS A CB   5  
ATOM   833  C CG   . LYS A 1 9  ? -5.929 -0.616 2.282  1.00 44.10 ? 11 LYS A CG   5  
ATOM   834  C CD   . LYS A 1 9  ? -5.423 -1.078 3.665  1.00 33.11 ? 11 LYS A CD   5  
ATOM   835  C CE   . LYS A 1 9  ? -4.100 -0.445 4.149  1.00 70.12 ? 11 LYS A CE   5  
ATOM   836  N NZ   . LYS A 1 9  ? -2.960 -0.790 3.267  1.00 43.51 ? 11 LYS A NZ   5  
ATOM   837  H H    . LYS A 1 9  ? -4.519 1.930  0.782  1.00 20.44 ? 11 LYS A H    5  
ATOM   838  H HA   . LYS A 1 9  ? -7.211 0.632  0.231  1.00 50.52 ? 11 LYS A HA   5  
ATOM   839  H HB2  . LYS A 1 9  ? -5.779 1.518  2.791  1.00 0.00  ? 11 LYS A HB2  5  
ATOM   840  H HB3  . LYS A 1 9  ? -7.406 0.877  2.796  1.00 63.23 ? 11 LYS A HB3  5  
ATOM   841  H HG2  . LYS A 1 9  ? -6.734 -1.299 1.951  1.00 0.00  ? 11 LYS A HG2  5  
ATOM   842  H HG3  . LYS A 1 9  ? -5.118 -0.757 1.543  1.00 60.25 ? 11 LYS A HG3  5  
ATOM   843  H HD2  . LYS A 1 9  ? -6.210 -0.899 4.422  1.00 0.00  ? 11 LYS A HD2  5  
ATOM   844  H HD3  . LYS A 1 9  ? -5.298 -2.179 3.652  1.00 13.13 ? 11 LYS A HD3  5  
ATOM   845  H HE2  . LYS A 1 9  ? -4.202 0.656  4.187  1.00 0.00  ? 11 LYS A HE2  5  
ATOM   846  H HE3  . LYS A 1 9  ? -3.921 -0.753 5.198  1.00 35.55 ? 11 LYS A HE3  5  
ATOM   847  H HZ1  . LYS A 1 9  ? -2.872 -0.421 2.314  1.00 44.51 ? 11 LYS A HZ1  5  
HETATM 848  N N    . NH2 A 1 10 ? -7.207 3.843  1.246  1.00 24.35 ? 12 NH2 A N    5  
HETATM 849  H HN1  . NH2 A 1 10 ? -6.197 3.943  1.381  1.00 71.12 ? 12 NH2 A HN1  5  
HETATM 850  H HN2  . NH2 A 1 10 ? -7.894 4.585  1.087  1.00 14.20 ? 12 NH2 A HN2  5  
HETATM 851  C C    . ACE A 1 1  ? -2.516 3.602  2.741  1.00 1.42  ? 3  ACE A C    6  
HETATM 852  O O    . ACE A 1 1  ? -3.098 2.697  2.146  1.00 25.23 ? 3  ACE A O    6  
HETATM 853  C CH3  . ACE A 1 1  ? -3.287 4.596  3.586  1.00 11.32 ? 3  ACE A CH3  6  
HETATM 854  H H1   . ACE A 1 1  ? -3.001 4.524  4.652  1.00 11.05 ? 3  ACE A H1   6  
HETATM 855  H H2   . ACE A 1 1  ? -3.118 5.633  3.248  1.00 31.00 ? 3  ACE A H2   6  
HETATM 856  H H3   . ACE A 1 1  ? -4.372 4.404  3.519  1.00 0.00  ? 3  ACE A H3   6  
HETATM 857  N N    . NLE A 1 2  ? -1.198 3.790  2.689  1.00 24.32 ? 4  NLE A N    6  
HETATM 858  C CA   . NLE A 1 2  ? -0.296 2.958  1.851  1.00 22.54 ? 4  NLE A CA   6  
HETATM 859  C C    . NLE A 1 2  ? 0.304  1.732  2.610  1.00 51.12 ? 4  NLE A C    6  
HETATM 860  O O    . NLE A 1 2  ? 1.118  1.864  3.528  1.00 4.44  ? 4  NLE A O    6  
HETATM 861  C CB   . NLE A 1 2  ? 0.772  3.864  1.189  1.00 51.41 ? 4  NLE A CB   6  
HETATM 862  C CG   . NLE A 1 2  ? 1.745  4.678  2.083  1.00 53.53 ? 4  NLE A CG   6  
HETATM 863  C CD   . NLE A 1 2  ? 2.797  5.485  1.299  1.00 13.25 ? 4  NLE A CD   6  
HETATM 864  C CE   . NLE A 1 2  ? 2.230  6.697  0.545  1.00 21.12 ? 4  NLE A CE   6  
HETATM 865  H H    . NLE A 1 2  ? -0.857 4.620  3.178  1.00 73.41 ? 4  NLE A H    6  
HETATM 866  H HA   . NLE A 1 2  ? -0.889 2.573  0.992  1.00 13.34 ? 4  NLE A HA   6  
HETATM 867  H HB2  . NLE A 1 2  ? 0.243  4.544  0.507  1.00 12.25 ? 4  NLE A HB2  6  
HETATM 868  H HB3  . NLE A 1 2  ? 1.372  3.237  0.512  1.00 64.43 ? 4  NLE A HB3  6  
HETATM 869  H HG2  . NLE A 1 2  ? 2.281  3.983  2.758  1.00 24.40 ? 4  NLE A HG2  6  
HETATM 870  H HG3  . NLE A 1 2  ? 1.185  5.353  2.757  1.00 61.35 ? 4  NLE A HG3  6  
HETATM 871  H HD2  . NLE A 1 2  ? 3.340  4.823  0.595  1.00 34.12 ? 4  NLE A HD2  6  
HETATM 872  H HD3  . NLE A 1 2  ? 3.574  5.839  2.004  1.00 2.42  ? 4  NLE A HD3  6  
HETATM 873  H HE1  . NLE A 1 2  ? 1.512  6.399  -0.241 1.00 35.54 ? 4  NLE A HE1  6  
HETATM 874  H HE2  . NLE A 1 2  ? 1.708  7.396  1.224  1.00 13.20 ? 4  NLE A HE2  6  
HETATM 875  H HE3  . NLE A 1 2  ? 3.034  7.267  0.045  1.00 14.24 ? 4  NLE A HE3  6  
ATOM   876  N N    . ASP A 1 3  ? -0.087 0.526  2.176  1.00 42.23 ? 5  ASP A N    6  
ATOM   877  C CA   . ASP A 1 3  ? 0.460  -0.754 2.711  1.00 14.33 ? 5  ASP A CA   6  
ATOM   878  C C    . ASP A 1 3  ? 1.618  -1.278 1.808  1.00 70.04 ? 5  ASP A C    6  
ATOM   879  O O    . ASP A 1 3  ? 1.477  -1.328 0.584  1.00 71.01 ? 5  ASP A O    6  
ATOM   880  C CB   . ASP A 1 3  ? -0.688 -1.798 2.772  1.00 73.01 ? 5  ASP A CB   6  
ATOM   881  C CG   . ASP A 1 3  ? -1.651 -1.680 3.961  1.00 3.02  ? 5  ASP A CG   6  
ATOM   882  O OD1  . ASP A 1 3  ? -1.498 -2.390 4.955  1.00 41.31 ? 5  ASP A OD1  6  
ATOM   883  H H    . ASP A 1 3  ? -0.747 0.559  1.382  1.00 62.10 ? 5  ASP A H    6  
ATOM   884  H HA   . ASP A 1 3  ? 0.847  -0.608 3.742  1.00 60.50 ? 5  ASP A HA   6  
ATOM   885  H HB2  . ASP A 1 3  ? -1.254 -1.825 1.820  1.00 0.00  ? 5  ASP A HB2  6  
ATOM   886  H HB3  . ASP A 1 3  ? -0.255 -2.812 2.842  1.00 72.20 ? 5  ASP A HB3  6  
ATOM   887  N N    . TRP A 1 4  ? 2.750  -1.708 2.398  1.00 0.00  ? 6  TRP A N    6  
ATOM   888  C CA   . TRP A 1 4  ? 3.907  -2.273 1.637  1.00 0.00  ? 6  TRP A CA   6  
ATOM   889  C C    . TRP A 1 4  ? 3.562  -3.588 0.823  1.00 0.00  ? 6  TRP A C    6  
ATOM   890  O O    . TRP A 1 4  ? 2.933  -4.474 1.415  1.00 0.00  ? 6  TRP A O    6  
ATOM   891  C CB   . TRP A 1 4  ? 5.054  -2.490 2.667  1.00 0.00  ? 6  TRP A CB   6  
ATOM   892  C CG   . TRP A 1 4  ? 6.417  -2.848 2.054  1.00 0.00  ? 6  TRP A CG   6  
ATOM   893  C CD1  . TRP A 1 4  ? 6.890  -4.154 1.802  1.00 0.00  ? 6  TRP A CD1  6  
ATOM   894  C CD2  . TRP A 1 4  ? 7.377  -1.999 1.529  1.00 0.00  ? 6  TRP A CD2  6  
ATOM   895  N NE1  . TRP A 1 4  ? 8.130  -4.143 1.132  1.00 0.00  ? 6  TRP A NE1  6  
ATOM   896  C CE2  . TRP A 1 4  ? 8.407  -2.796 0.967  1.00 0.00  ? 6  TRP A CE2  6  
ATOM   897  C CE3  . TRP A 1 4  ? 7.422  -0.587 1.418  1.00 0.00  ? 6  TRP A CE3  6  
ATOM   898  C CZ2  . TRP A 1 4  ? 9.489  -2.185 0.293  1.00 0.00  ? 6  TRP A CZ2  6  
ATOM   899  C CZ3  . TRP A 1 4  ? 8.502  -0.006 0.754  1.00 0.00  ? 6  TRP A CZ3  6  
ATOM   900  C CH2  . TRP A 1 4  ? 9.520  -0.792 0.199  1.00 0.00  ? 6  TRP A CH2  6  
ATOM   901  H H    . TRP A 1 4  ? 2.737  -1.687 3.423  1.00 0.00  ? 6  TRP A H    6  
ATOM   902  H HA   . TRP A 1 4  ? 4.244  -1.481 0.944  1.00 0.00  ? 6  TRP A HA   6  
ATOM   903  H HB2  . TRP A 1 4  ? 5.193  -1.578 3.280  1.00 0.00  ? 6  TRP A HB2  6  
ATOM   904  H HB3  . TRP A 1 4  ? 4.763  -3.274 3.393  1.00 0.00  ? 6  TRP A HB3  6  
ATOM   905  H HD1  . TRP A 1 4  ? 6.329  -5.053 2.019  1.00 0.00  ? 6  TRP A HD1  6  
ATOM   906  H HE1  . TRP A 1 4  ? 8.684  -4.942 0.803  1.00 0.00  ? 6  TRP A HE1  6  
ATOM   907  H HE3  . TRP A 1 4  ? 6.635  0.026  1.829  1.00 0.00  ? 6  TRP A HE3  6  
ATOM   908  H HZ2  . TRP A 1 4  ? 10.270 -2.785 -0.152 1.00 0.00  ? 6  TRP A HZ2  6  
ATOM   909  H HZ3  . TRP A 1 4  ? 8.551  1.070  0.658  1.00 0.00  ? 6  TRP A HZ3  6  
ATOM   910  H HH2  . TRP A 1 4  ? 10.341 -0.312 -0.316 1.00 0.00  ? 6  TRP A HH2  6  
ATOM   911  N N    . PRO A 1 5  ? 3.932  -3.786 -0.486 1.00 22.14 ? 7  PRO A N    6  
ATOM   912  C CA   . PRO A 1 5  ? 4.860  -2.898 -1.259 1.00 10.30 ? 7  PRO A CA   6  
ATOM   913  C C    . PRO A 1 5  ? 4.215  -1.772 -2.148 1.00 31.43 ? 7  PRO A C    6  
ATOM   914  O O    . PRO A 1 5  ? 4.591  -1.572 -3.308 1.00 11.54 ? 7  PRO A O    6  
ATOM   915  C CB   . PRO A 1 5  ? 5.635  -3.974 -2.050 1.00 73.35 ? 7  PRO A CB   6  
ATOM   916  C CG   . PRO A 1 5  ? 4.589  -5.035 -2.398 1.00 73.14 ? 7  PRO A CG   6  
ATOM   917  C CD   . PRO A 1 5  ? 3.701  -5.086 -1.155 1.00 50.35 ? 7  PRO A CD   6  
ATOM   918  H HA   . PRO A 1 5  ? 5.592  -2.391 -0.607 1.00 70.33 ? 7  PRO A HA   6  
ATOM   919  H HB2  . PRO A 1 5  ? 6.155  -3.576 -2.939 1.00 0.00  ? 7  PRO A HB2  6  
ATOM   920  H HB3  . PRO A 1 5  ? 6.426  -4.415 -1.410 1.00 33.33 ? 7  PRO A HB3  6  
ATOM   921  H HG2  . PRO A 1 5  ? 3.996  -4.714 -3.275 1.00 0.00  ? 7  PRO A HG2  6  
ATOM   922  H HG3  . PRO A 1 5  ? 5.037  -6.015 -2.646 1.00 23.41 ? 7  PRO A HG3  6  
ATOM   923  H HD2  . PRO A 1 5  ? 2.634  -5.229 -1.413 1.00 0.00  ? 7  PRO A HD2  6  
ATOM   924  H HD3  . PRO A 1 5  ? 3.999  -5.930 -0.500 1.00 41.43 ? 7  PRO A HD3  6  
HETATM 925  N N    . 4J2 A 1 6  ? 3.292  -0.995 -1.573 1.00 55.11 ? 8  4J2 A N    6  
HETATM 926  C CA   . 4J2 A 1 6  ? 2.648  0.179  -2.230 1.00 24.43 ? 8  4J2 A CA   6  
HETATM 927  C CB   . 4J2 A 1 6  ? 2.529  1.349  -1.199 1.00 10.34 ? 8  4J2 A CB   6  
HETATM 928  C CG   . 4J2 A 1 6  ? 3.792  1.865  -0.497 1.00 12.23 ? 8  4J2 A CG   6  
HETATM 929  C CD1  . 4J2 A 1 6  ? 4.797  2.487  -1.233 1.00 0.11  ? 8  4J2 A CD1  6  
HETATM 930  C CD2  . 4J2 A 1 6  ? 3.894  1.778  0.891  1.00 72.21 ? 8  4J2 A CD2  6  
HETATM 931  C CE1  . 4J2 A 1 6  ? 5.913  3.027  -0.599 1.00 51.02 ? 8  4J2 A CE1  6  
HETATM 932  C CZ1  . 4J2 A 1 6  ? 6.027  2.962  0.792  1.00 50.12 ? 8  4J2 A CZ1  6  
HETATM 933  C CZ2  . 4J2 A 1 6  ? 7.124  3.508  1.459  1.00 30.24 ? 8  4J2 A CZ2  6  
HETATM 934  C CZ3  . 4J2 A 1 6  ? 7.212  3.427  2.846  1.00 44.51 ? 8  4J2 A CZ3  6  
HETATM 935  C CE2  . 4J2 A 1 6  ? 4.991  2.321  1.554  1.00 75.11 ? 8  4J2 A CE2  6  
HETATM 936  C CE3  . 4J2 A 1 6  ? 5.097  2.261  2.945  1.00 3.32  ? 8  4J2 A CE3  6  
HETATM 937  C CE4  . 4J2 A 1 6  ? 6.205  2.808  3.583  1.00 51.13 ? 8  4J2 A CE4  6  
HETATM 938  H HE1  . 4J2 A 1 6  ? 6.675  3.507  -1.198 1.00 0.00  ? 8  4J2 A HE1  6  
HETATM 939  C C    . 4J2 A 1 6  ? 1.241  -0.182 -2.816 1.00 22.34 ? 8  4J2 A C    6  
HETATM 940  H HE3  . 4J2 A 1 6  ? 4.325  1.794  3.542  1.00 0.00  ? 8  4J2 A HE3  6  
HETATM 941  O O    . 4J2 A 1 6  ? 1.024  -0.113 -4.027 1.00 52.33 ? 8  4J2 A O    6  
HETATM 942  H HE4  . 4J2 A 1 6  ? 6.284  2.758  4.659  1.00 0.00  ? 8  4J2 A HE4  6  
HETATM 943  H H    . 4J2 A 1 6  ? 2.926  -1.357 -0.681 1.00 71.33 ? 8  4J2 A H    6  
HETATM 944  H HA   . 4J2 A 1 6  ? 3.269  0.535  -3.076 1.00 41.44 ? 8  4J2 A HA   6  
HETATM 945  H HB2  . 4J2 A 1 6  ? 2.049  2.208  -1.697 1.00 40.54 ? 8  4J2 A HB2  6  
HETATM 946  H HB1  . 4J2 A 1 6  ? 1.788  1.070  -0.427 1.00 60.00 ? 8  4J2 A HB1  6  
HETATM 947  H HD1  . 4J2 A 1 6  ? 4.685  2.554  -2.304 1.00 0.00  ? 8  4J2 A HD1  6  
HETATM 948  H HD2  . 4J2 A 1 6  ? 3.090  1.318  1.446  1.00 0.00  ? 8  4J2 A HD2  6  
HETATM 949  H HZ2  . 4J2 A 1 6  ? 7.921  3.998  0.913  1.00 0.00  ? 8  4J2 A HZ2  6  
HETATM 950  H HZ23 . 4J2 A 1 6  ? 8.066  3.850  3.355  1.00 0.00  ? 8  4J2 A HZ23 6  
ATOM   951  N N    . ARG A 1 7  ? 0.294  -0.540 -1.933 1.00 0.00  ? 9  ARG A N    6  
ATOM   952  C CA   . ARG A 1 7  ? -1.129 -0.784 -2.261 1.00 0.00  ? 9  ARG A CA   6  
ATOM   953  C C    . ARG A 1 7  ? -1.981 0.179  -1.375 1.00 0.00  ? 9  ARG A C    6  
ATOM   954  O O    . ARG A 1 7  ? -1.847 0.214  -0.145 1.00 0.00  ? 9  ARG A O    6  
ATOM   955  C CB   . ARG A 1 7  ? -1.491 -2.271 -1.992 1.00 0.00  ? 9  ARG A CB   6  
ATOM   956  C CG   . ARG A 1 7  ? -0.643 -3.365 -2.694 1.00 0.00  ? 9  ARG A CG   6  
ATOM   957  C CD   . ARG A 1 7  ? -0.708 -3.351 -4.236 1.00 0.00  ? 9  ARG A CD   6  
ATOM   958  N NE   . ARG A 1 7  ? 0.261  -4.323 -4.805 1.00 0.00  ? 9  ARG A NE   6  
ATOM   959  C CZ   . ARG A 1 7  ? 1.527  -4.058 -5.135 1.00 0.00  ? 9  ARG A CZ   6  
ATOM   960  N NH1  . ARG A 1 7  ? 2.104  -2.892 -4.996 1.00 0.00  ? 9  ARG A NH1  6  
ATOM   961  N NH2  . ARG A 1 7  ? 2.227  -5.030 -5.623 1.00 0.00  ? 9  ARG A NH2  6  
ATOM   962  H H    . ARG A 1 7  ? 0.656  -0.641 -0.975 1.00 0.00  ? 9  ARG A H    6  
ATOM   963  H HA   . ARG A 1 7  ? -1.320 -0.571 -3.333 1.00 0.00  ? 9  ARG A HA   6  
ATOM   964  H HB2  . ARG A 1 7  ? -1.448 -2.444 -0.901 1.00 0.00  ? 9  ARG A HB2  6  
ATOM   965  H HB3  . ARG A 1 7  ? -2.553 -2.425 -2.247 1.00 0.00  ? 9  ARG A HB3  6  
ATOM   966  H HG2  . ARG A 1 7  ? 0.411  -3.273 -2.367 1.00 0.00  ? 9  ARG A HG2  6  
ATOM   967  H HG3  . ARG A 1 7  ? -0.956 -4.364 -2.335 1.00 0.00  ? 9  ARG A HG3  6  
ATOM   968  H HD2  . ARG A 1 7  ? -1.727 -3.624 -4.571 1.00 0.00  ? 9  ARG A HD2  6  
ATOM   969  H HD3  . ARG A 1 7  ? -0.540 -2.335 -4.645 1.00 0.00  ? 9  ARG A HD3  6  
ATOM   970  H HH11 . ARG A 1 7  ? 1.501  -2.162 -4.603 1.00 0.00  ? 9  ARG A HH11 6  
ATOM   971  H HH12 . ARG A 1 7  ? 3.091  -2.818 -5.246 1.00 0.00  ? 9  ARG A HH12 6  
ATOM   972  H HH21 . ARG A 1 7  ? 1.685  -5.895 -5.707 1.00 0.00  ? 9  ARG A HH21 6  
ATOM   973  H HH22 . ARG A 1 7  ? 3.186  -4.832 -5.903 1.00 0.00  ? 9  ARG A HH22 6  
ATOM   974  N N    . TRP A 1 8  ? -2.841 0.986  -2.010 1.00 0.00  ? 10 TRP A N    6  
ATOM   975  C CA   . TRP A 1 8  ? -3.594 2.063  -1.320 1.00 0.00  ? 10 TRP A CA   6  
ATOM   976  C C    . TRP A 1 8  ? -4.983 1.578  -0.790 1.00 0.00  ? 10 TRP A C    6  
ATOM   977  O O    . TRP A 1 8  ? -5.801 1.010  -1.520 1.00 0.00  ? 10 TRP A O    6  
ATOM   978  C CB   . TRP A 1 8  ? -3.701 3.250  -2.314 1.00 0.00  ? 10 TRP A CB   6  
ATOM   979  C CG   . TRP A 1 8  ? -4.297 4.522  -1.714 1.00 0.00  ? 10 TRP A CG   6  
ATOM   980  C CD1  . TRP A 1 8  ? -5.651 4.870  -1.795 1.00 0.00  ? 10 TRP A CD1  6  
ATOM   981  C CD2  . TRP A 1 8  ? -3.709 5.472  -0.907 1.00 0.00  ? 10 TRP A CD2  6  
ATOM   982  N NE1  . TRP A 1 8  ? -5.943 6.025  -1.041 1.00 0.00  ? 10 TRP A NE1  6  
ATOM   983  C CE2  . TRP A 1 8  ? -4.716 6.378  -0.494 1.00 0.00  ? 10 TRP A CE2  6  
ATOM   984  C CE3  . TRP A 1 8  ? -2.378 5.618  -0.456 1.00 0.00  ? 10 TRP A CE3  6  
ATOM   985  C CZ2  . TRP A 1 8  ? -4.395 7.438  0.386  1.00 0.00  ? 10 TRP A CZ2  6  
ATOM   986  C CZ3  . TRP A 1 8  ? -2.079 6.675  0.405  1.00 0.00  ? 10 TRP A CZ3  6  
ATOM   987  C CH2  . TRP A 1 8  ? -3.073 7.572  0.820  1.00 0.00  ? 10 TRP A CH2  6  
ATOM   988  H H    . TRP A 1 8  ? -2.969 0.792  -3.006 1.00 0.00  ? 10 TRP A H    6  
ATOM   989  H HA   . TRP A 1 8  ? -2.983 2.430  -0.467 1.00 0.00  ? 10 TRP A HA   6  
ATOM   990  H HB2  . TRP A 1 8  ? -2.707 3.509  -2.713 1.00 0.00  ? 10 TRP A HB2  6  
ATOM   991  H HB3  . TRP A 1 8  ? -4.292 2.951  -3.197 1.00 0.00  ? 10 TRP A HB3  6  
ATOM   992  H HD1  . TRP A 1 8  ? -6.358 4.250  -2.325 1.00 0.00  ? 10 TRP A HD1  6  
ATOM   993  H HE1  . TRP A 1 8  ? -6.855 6.460  -0.864 1.00 0.00  ? 10 TRP A HE1  6  
ATOM   994  H HE3  . TRP A 1 8  ? -1.620 4.919  -0.778 1.00 0.00  ? 10 TRP A HE3  6  
ATOM   995  H HZ2  . TRP A 1 8  ? -5.158 8.129  0.716  1.00 0.00  ? 10 TRP A HZ2  6  
ATOM   996  H HZ3  . TRP A 1 8  ? -1.067 6.802  0.759  1.00 0.00  ? 10 TRP A HZ3  6  
ATOM   997  H HH2  . TRP A 1 8  ? -2.814 8.379  1.492  1.00 0.00  ? 10 TRP A HH2  6  
ATOM   998  N N    . LYS A 1 9  ? -5.261 1.900  0.480  1.00 74.43 ? 11 LYS A N    6  
ATOM   999  C CA   . LYS A 1 9  ? -6.560 1.601  1.142  1.00 4.20  ? 11 LYS A CA   6  
ATOM   1000 C C    . LYS A 1 9  ? -7.639 2.681  0.801  1.00 11.04 ? 11 LYS A C    6  
ATOM   1001 O O    . LYS A 1 9  ? -7.853 3.670  1.499  1.00 35.41 ? 11 LYS A O    6  
ATOM   1002 C CB   . LYS A 1 9  ? -6.284 1.485  2.666  1.00 41.10 ? 11 LYS A CB   6  
ATOM   1003 C CG   . LYS A 1 9  ? -5.476 0.237  3.099  1.00 44.10 ? 11 LYS A CG   6  
ATOM   1004 C CD   . LYS A 1 9  ? -4.716 0.440  4.431  1.00 33.11 ? 11 LYS A CD   6  
ATOM   1005 C CE   . LYS A 1 9  ? -3.749 -0.699 4.810  1.00 70.12 ? 11 LYS A CE   6  
ATOM   1006 N NZ   . LYS A 1 9  ? -2.651 -0.811 3.827  1.00 43.51 ? 11 LYS A NZ   6  
ATOM   1007 H H    . LYS A 1 9  ? -4.455 2.270  1.013  1.00 20.44 ? 11 LYS A H    6  
ATOM   1008 H HA   . LYS A 1 9  ? -6.943 0.617  0.810  1.00 50.52 ? 11 LYS A HA   6  
ATOM   1009 H HB2  . LYS A 1 9  ? -5.778 2.412  3.001  1.00 0.00  ? 11 LYS A HB2  6  
ATOM   1010 H HB3  . LYS A 1 9  ? -7.242 1.483  3.217  1.00 63.23 ? 11 LYS A HB3  6  
ATOM   1011 H HG2  . LYS A 1 9  ? -6.140 -0.647 3.160  1.00 0.00  ? 11 LYS A HG2  6  
ATOM   1012 H HG3  . LYS A 1 9  ? -4.742 -0.016 2.310  1.00 60.25 ? 11 LYS A HG3  6  
ATOM   1013 H HD2  . LYS A 1 9  ? -4.147 1.391  4.398  1.00 0.00  ? 11 LYS A HD2  6  
ATOM   1014 H HD3  . LYS A 1 9  ? -5.449 0.577  5.249  1.00 13.13 ? 11 LYS A HD3  6  
ATOM   1015 H HE2  . LYS A 1 9  ? -3.333 -0.510 5.820  1.00 0.00  ? 11 LYS A HE2  6  
ATOM   1016 H HE3  . LYS A 1 9  ? -4.298 -1.659 4.886  1.00 35.55 ? 11 LYS A HE3  6  
ATOM   1017 H HZ1  . LYS A 1 9  ? -2.600 -0.231 2.982  1.00 44.51 ? 11 LYS A HZ1  6  
HETATM 1018 N N    . NH2 A 1 10 ? -8.355 2.541  -0.296 1.00 24.35 ? 12 NH2 A N    6  
HETATM 1019 H HN1  . NH2 A 1 10 ? -8.951 3.350  -0.485 1.00 71.12 ? 12 NH2 A HN1  6  
HETATM 1020 H HN2  . NH2 A 1 10 ? -8.002 1.849  -0.968 1.00 14.20 ? 12 NH2 A HN2  6  
HETATM 1021 C C    . ACE A 1 1  ? -2.431 4.027  2.695  1.00 1.42  ? 3  ACE A C    7  
HETATM 1022 O O    . ACE A 1 1  ? -3.109 3.606  1.761  1.00 25.23 ? 3  ACE A O    7  
HETATM 1023 C CH3  . ACE A 1 1  ? -3.024 4.985  3.709  1.00 11.32 ? 3  ACE A CH3  7  
HETATM 1024 H H1   . ACE A 1 1  ? -2.995 4.563  4.729  1.00 11.05 ? 3  ACE A H1   7  
HETATM 1025 H H2   . ACE A 1 1  ? -2.490 5.952  3.710  1.00 31.00 ? 3  ACE A H2   7  
HETATM 1026 H H3   . ACE A 1 1  ? -4.081 5.195  3.466  1.00 0.00  ? 3  ACE A H3   7  
HETATM 1027 N N    . NLE A 1 2  ? -1.154 3.701  2.893  1.00 24.32 ? 4  NLE A N    7  
HETATM 1028 C CA   . NLE A 1 2  ? -0.367 2.872  1.942  1.00 22.54 ? 4  NLE A CA   7  
HETATM 1029 C C    . NLE A 1 2  ? 0.237  1.600  2.616  1.00 51.12 ? 4  NLE A C    7  
HETATM 1030 O O    . NLE A 1 2  ? 1.063  1.676  3.531  1.00 4.44  ? 4  NLE A O    7  
HETATM 1031 C CB   . NLE A 1 2  ? 0.687  3.765  1.240  1.00 51.41 ? 4  NLE A CB   7  
HETATM 1032 C CG   . NLE A 1 2  ? 1.721  4.546  2.094  1.00 53.53 ? 4  NLE A CG   7  
HETATM 1033 C CD   . NLE A 1 2  ? 2.758  5.333  1.269  1.00 13.25 ? 4  NLE A CD   7  
HETATM 1034 C CE   . NLE A 1 2  ? 2.192  6.562  0.544  1.00 21.12 ? 4  NLE A CE   7  
HETATM 1035 H H    . NLE A 1 2  ? -0.681 4.246  3.615  1.00 73.41 ? 4  NLE A H    7  
HETATM 1036 H HA   . NLE A 1 2  ? -1.029 2.528  1.120  1.00 13.34 ? 4  NLE A HA   7  
HETATM 1037 H HB2  . NLE A 1 2  ? 0.132  4.470  0.603  1.00 12.25 ? 4  NLE A HB2  7  
HETATM 1038 H HB3  . NLE A 1 2  ? 1.235  3.137  0.525  1.00 64.43 ? 4  NLE A HB3  7  
HETATM 1039 H HG2  . NLE A 1 2  ? 2.264  3.833  2.745  1.00 24.40 ? 4  NLE A HG2  7  
HETATM 1040 H HG3  . NLE A 1 2  ? 1.208  5.234  2.793  1.00 61.35 ? 4  NLE A HG3  7  
HETATM 1041 H HD2  . NLE A 1 2  ? 3.253  4.663  0.540  1.00 34.12 ? 4  NLE A HD2  7  
HETATM 1042 H HD3  . NLE A 1 2  ? 3.573  5.662  1.945  1.00 2.42  ? 4  NLE A HD3  7  
HETATM 1043 H HE1  . NLE A 1 2  ? 2.990  7.120  0.020  1.00 35.54 ? 4  NLE A HE1  7  
HETATM 1044 H HE2  . NLE A 1 2  ? 1.442  6.283  -0.220 1.00 13.20 ? 4  NLE A HE2  7  
HETATM 1045 H HE3  . NLE A 1 2  ? 1.708  7.267  1.245  1.00 14.24 ? 4  NLE A HE3  7  
ATOM   1046 N N    . ASP A 1 3  ? -0.165 0.420  2.120  1.00 42.23 ? 5  ASP A N    7  
ATOM   1047 C CA   . ASP A 1 3  ? 0.331  -0.895 2.618  1.00 14.33 ? 5  ASP A CA   7  
ATOM   1048 C C    . ASP A 1 3  ? 1.522  -1.412 1.750  1.00 70.04 ? 5  ASP A C    7  
ATOM   1049 O O    . ASP A 1 3  ? 1.372  -1.581 0.536  1.00 71.01 ? 5  ASP A O    7  
ATOM   1050 C CB   . ASP A 1 3  ? -0.837 -1.916 2.572  1.00 73.01 ? 5  ASP A CB   7  
ATOM   1051 C CG   . ASP A 1 3  ? -1.905 -1.753 3.661  1.00 3.02  ? 5  ASP A CG   7  
ATOM   1052 O OD1  . ASP A 1 3  ? -1.653 -2.084 4.820  1.00 41.31 ? 5  ASP A OD1  7  
ATOM   1053 H H    . ASP A 1 3  ? -0.843 0.497  1.344  1.00 62.10 ? 5  ASP A H    7  
ATOM   1054 H HA   . ASP A 1 3  ? 0.663  -0.806 3.674  1.00 60.50 ? 5  ASP A HA   7  
ATOM   1055 H HB2  . ASP A 1 3  ? -1.291 -1.943 1.562  1.00 0.00  ? 5  ASP A HB2  7  
ATOM   1056 H HB3  . ASP A 1 3  ? -0.434 -2.934 2.707  1.00 72.20 ? 5  ASP A HB3  7  
ATOM   1057 N N    . TRP A 1 4  ? 2.687  -1.702 2.364  1.00 0.00  ? 6  TRP A N    7  
ATOM   1058 C CA   . TRP A 1 4  ? 3.899  -2.204 1.643  1.00 0.00  ? 6  TRP A CA   7  
ATOM   1059 C C    . TRP A 1 4  ? 3.667  -3.529 0.807  1.00 0.00  ? 6  TRP A C    7  
ATOM   1060 O O    . TRP A 1 4  ? 3.058  -4.456 1.355  1.00 0.00  ? 6  TRP A O    7  
ATOM   1061 C CB   . TRP A 1 4  ? 5.022  -2.365 2.712  1.00 0.00  ? 6  TRP A CB   7  
ATOM   1062 C CG   . TRP A 1 4  ? 6.421  -2.703 2.165  1.00 0.00  ? 6  TRP A CG   7  
ATOM   1063 C CD1  . TRP A 1 4  ? 6.891  -3.998 1.849  1.00 0.00  ? 6  TRP A CD1  7  
ATOM   1064 C CD2  . TRP A 1 4  ? 7.433  -1.840 1.772  1.00 0.00  ? 6  TRP A CD2  7  
ATOM   1065 N NE1  . TRP A 1 4  ? 8.172  -3.966 1.268  1.00 0.00  ? 6  TRP A NE1  7  
ATOM   1066 C CE2  . TRP A 1 4  ? 8.486  -2.619 1.226  1.00 0.00  ? 6  TRP A CE2  7  
ATOM   1067 C CE3  . TRP A 1 4  ? 7.521  -0.427 1.785  1.00 0.00  ? 6  TRP A CE3  7  
ATOM   1068 C CZ2  . TRP A 1 4  ? 9.630  -1.988 0.689  1.00 0.00  ? 6  TRP A CZ2  7  
ATOM   1069 C CZ3  . TRP A 1 4  ? 8.664  0.174  1.256  1.00 0.00  ? 6  TRP A CZ3  7  
ATOM   1070 C CH2  . TRP A 1 4  ? 9.704  -0.594 0.716  1.00 0.00  ? 6  TRP A CH2  7  
ATOM   1071 H H    . TRP A 1 4  ? 2.684  -1.561 3.380  1.00 0.00  ? 6  TRP A H    7  
ATOM   1072 H HA   . TRP A 1 4  ? 4.212  -1.392 0.961  1.00 0.00  ? 6  TRP A HA   7  
ATOM   1073 H HB2  . TRP A 1 4  ? 5.107  -1.437 3.311  1.00 0.00  ? 6  TRP A HB2  7  
ATOM   1074 H HB3  . TRP A 1 4  ? 4.729  -3.142 3.443  1.00 0.00  ? 6  TRP A HB3  7  
ATOM   1075 H HD1  . TRP A 1 4  ? 6.297  -4.896 1.949  1.00 0.00  ? 6  TRP A HD1  7  
ATOM   1076 H HE1  . TRP A 1 4  ? 8.735  -4.751 0.919  1.00 0.00  ? 6  TRP A HE1  7  
ATOM   1077 H HE3  . TRP A 1 4  ? 6.723  0.173  2.190  1.00 0.00  ? 6  TRP A HE3  7  
ATOM   1078 H HZ2  . TRP A 1 4  ? 10.432 -2.573 0.260  1.00 0.00  ? 6  TRP A HZ2  7  
ATOM   1079 H HZ3  . TRP A 1 4  ? 8.748  1.250  1.259  1.00 0.00  ? 6  TRP A HZ3  7  
ATOM   1080 H HH2  . TRP A 1 4  ? 10.574 -0.099 0.308  1.00 0.00  ? 6  TRP A HH2  7  
ATOM   1081 N N    . PRO A 1 5  ? 4.112  -3.682 -0.480 1.00 22.14 ? 7  PRO A N    7  
ATOM   1082 C CA   . PRO A 1 5  ? 5.020  -2.722 -1.193 1.00 10.30 ? 7  PRO A CA   7  
ATOM   1083 C C    . PRO A 1 5  ? 4.415  -1.477 -1.937 1.00 31.43 ? 7  PRO A C    7  
ATOM   1084 O O    . PRO A 1 5  ? 5.139  -0.789 -2.660 1.00 11.54 ? 7  PRO A O    7  
ATOM   1085 C CB   . PRO A 1 5  ? 5.750  -3.701 -2.134 1.00 73.35 ? 7  PRO A CB   7  
ATOM   1086 C CG   . PRO A 1 5  ? 4.702  -4.748 -2.512 1.00 73.14 ? 7  PRO A CG   7  
ATOM   1087 C CD   . PRO A 1 5  ? 3.926  -4.954 -1.212 1.00 50.35 ? 7  PRO A CD   7  
ATOM   1088 H HA   . PRO A 1 5  ? 5.780  -2.310 -0.506 1.00 70.33 ? 7  PRO A HA   7  
ATOM   1089 H HB2  . PRO A 1 5  ? 6.206  -3.210 -3.013 1.00 0.00  ? 7  PRO A HB2  7  
ATOM   1090 H HB3  . PRO A 1 5  ? 6.589  -4.185 -1.592 1.00 33.33 ? 7  PRO A HB3  7  
ATOM   1091 H HG2  . PRO A 1 5  ? 4.032  -4.354 -3.301 1.00 0.00  ? 7  PRO A HG2  7  
ATOM   1092 H HG3  . PRO A 1 5  ? 5.146  -5.685 -2.896 1.00 23.41 ? 7  PRO A HG3  7  
ATOM   1093 H HD2  . PRO A 1 5  ? 2.856  -5.172 -1.397 1.00 0.00  ? 7  PRO A HD2  7  
ATOM   1094 H HD3  . PRO A 1 5  ? 4.342  -5.802 -0.631 1.00 41.43 ? 7  PRO A HD3  7  
HETATM 1095 N N    . 4J2 A 1 6  ? 3.131  -1.156 -1.723 1.00 55.11 ? 8  4J2 A N    7  
HETATM 1096 C CA   . 4J2 A 1 6  ? 2.477  0.085  -2.233 1.00 24.43 ? 8  4J2 A CA   7  
HETATM 1097 C CB   . 4J2 A 1 6  ? 2.368  1.156  -1.103 1.00 10.34 ? 8  4J2 A CB   7  
HETATM 1098 C CG   . 4J2 A 1 6  ? 3.642  1.687  -0.430 1.00 12.23 ? 8  4J2 A CG   7  
HETATM 1099 C CD1  . 4J2 A 1 6  ? 4.623  2.316  -1.193 1.00 0.11  ? 8  4J2 A CD1  7  
HETATM 1100 C CD2  . 4J2 A 1 6  ? 3.758  1.646  0.958  1.00 72.21 ? 8  4J2 A CD2  7  
HETATM 1101 C CE1  . 4J2 A 1 6  ? 5.729  2.905  -0.586 1.00 51.02 ? 8  4J2 A CE1  7  
HETATM 1102 C CZ1  . 4J2 A 1 6  ? 5.854  2.891  0.804  1.00 50.12 ? 8  4J2 A CZ1  7  
HETATM 1103 C CZ2  . 4J2 A 1 6  ? 6.927  3.512  1.445  1.00 30.24 ? 8  4J2 A CZ2  7  
HETATM 1104 C CZ3  . 4J2 A 1 6  ? 7.015  3.499  2.834  1.00 44.51 ? 8  4J2 A CZ3  7  
HETATM 1105 C CE2  . 4J2 A 1 6  ? 4.842  2.245  1.595  1.00 75.11 ? 8  4J2 A CE2  7  
HETATM 1106 C CE3  . 4J2 A 1 6  ? 4.949  2.254  2.987  1.00 3.32  ? 8  4J2 A CE3  7  
HETATM 1107 C CE4  . 4J2 A 1 6  ? 6.033  2.875  3.598  1.00 51.13 ? 8  4J2 A CE4  7  
HETATM 1108 H HE1  . 4J2 A 1 6  ? 6.471  3.387  -1.209 1.00 0.00  ? 8  4J2 A HE1  7  
HETATM 1109 C C    . 4J2 A 1 6  ? 1.046  -0.189 -2.803 1.00 22.34 ? 8  4J2 A C    7  
HETATM 1110 H HE3  . 4J2 A 1 6  ? 4.195  1.786  3.606  1.00 0.00  ? 8  4J2 A HE3  7  
HETATM 1111 O O    . 4J2 A 1 6  ? 0.731  0.233  -3.918 1.00 52.33 ? 8  4J2 A O    7  
HETATM 1112 H HE4  . 4J2 A 1 6  ? 6.111  2.877  4.677  1.00 0.00  ? 8  4J2 A HE4  7  
HETATM 1113 H H    . 4J2 A 1 6  ? 2.668  -1.757 -1.029 1.00 71.33 ? 8  4J2 A H    7  
HETATM 1114 H HA   . 4J2 A 1 6  ? 3.064  0.513  -3.070 1.00 41.44 ? 8  4J2 A HA   7  
HETATM 1115 H HB2  . 4J2 A 1 6  ? 1.830  2.028  -1.510 1.00 40.54 ? 8  4J2 A HB2  7  
HETATM 1116 H HB1  . 4J2 A 1 6  ? 1.677  0.785  -0.324 1.00 60.00 ? 8  4J2 A HB1  7  
HETATM 1117 H HD1  . 4J2 A 1 6  ? 4.500  2.349  -2.265 1.00 0.00  ? 8  4J2 A HD1  7  
HETATM 1118 H HD2  . 4J2 A 1 6  ? 2.972  1.190  1.541  1.00 0.00  ? 8  4J2 A HD2  7  
HETATM 1119 H HZ2  . 4J2 A 1 6  ? 7.702  4.009  0.877  1.00 0.00  ? 8  4J2 A HZ2  7  
HETATM 1120 H HZ23 . 4J2 A 1 6  ? 7.850  3.980  3.324  1.00 0.00  ? 8  4J2 A HZ23 7  
ATOM   1121 N N    . ARG A 1 7  ? 0.171  -0.810 -1.989 1.00 0.00  ? 9  ARG A N    7  
ATOM   1122 C CA   . ARG A 1 7  ? -1.280 -0.931 -2.257 1.00 0.00  ? 9  ARG A CA   7  
ATOM   1123 C C    . ARG A 1 7  ? -2.022 0.146  -1.406 1.00 0.00  ? 9  ARG A C    7  
ATOM   1124 O O    . ARG A 1 7  ? -1.880 0.209  -0.178 1.00 0.00  ? 9  ARG A O    7  
ATOM   1125 C CB   . ARG A 1 7  ? -1.778 -2.352 -1.877 1.00 0.00  ? 9  ARG A CB   7  
ATOM   1126 C CG   . ARG A 1 7  ? -1.141 -3.585 -2.577 1.00 0.00  ? 9  ARG A CG   7  
ATOM   1127 C CD   . ARG A 1 7  ? -1.408 -3.732 -4.092 1.00 0.00  ? 9  ARG A CD   7  
ATOM   1128 N NE   . ARG A 1 7  ? -0.541 -2.849 -4.919 1.00 0.00  ? 9  ARG A NE   7  
ATOM   1129 C CZ   . ARG A 1 7  ? 0.707  -3.112 -5.308 1.00 0.00  ? 9  ARG A CZ   7  
ATOM   1130 N NH1  . ARG A 1 7  ? 1.346  -4.222 -5.042 1.00 0.00  ? 9  ARG A NH1  7  
ATOM   1131 N NH2  . ARG A 1 7  ? 1.321  -2.200 -5.988 1.00 0.00  ? 9  ARG A NH2  7  
ATOM   1132 H H    . ARG A 1 7  ? 0.568  -0.998 -1.058 1.00 0.00  ? 9  ARG A H    7  
ATOM   1133 H HA   . ARG A 1 7  ? -1.486 -0.781 -3.338 1.00 0.00  ? 9  ARG A HA   7  
ATOM   1134 H HB2  . ARG A 1 7  ? -1.661 -2.474 -0.785 1.00 0.00  ? 9  ARG A HB2  7  
ATOM   1135 H HB3  . ARG A 1 7  ? -2.870 -2.392 -2.033 1.00 0.00  ? 9  ARG A HB3  7  
ATOM   1136 H HG2  . ARG A 1 7  ? -0.052 -3.608 -2.379 1.00 0.00  ? 9  ARG A HG2  7  
ATOM   1137 H HG3  . ARG A 1 7  ? -1.528 -4.493 -2.075 1.00 0.00  ? 9  ARG A HG3  7  
ATOM   1138 H HD2  . ARG A 1 7  ? -1.294 -4.788 -4.406 1.00 0.00  ? 9  ARG A HD2  7  
ATOM   1139 H HD3  . ARG A 1 7  ? -2.467 -3.500 -4.315 1.00 0.00  ? 9  ARG A HD3  7  
ATOM   1140 H HH11 . ARG A 1 7  ? 0.798  -4.891 -4.498 1.00 0.00  ? 9  ARG A HH11 7  
ATOM   1141 H HH12 . ARG A 1 7  ? 2.293  -4.310 -5.409 1.00 0.00  ? 9  ARG A HH12 7  
ATOM   1142 H HH21 . ARG A 1 7  ? 0.766  -1.345 -6.067 1.00 0.00  ? 9  ARG A HH21 7  
ATOM   1143 H HH22 . ARG A 1 7  ? 2.291  -2.370 -6.253 1.00 0.00  ? 9  ARG A HH22 7  
ATOM   1144 N N    . TRP A 1 8  ? -2.816 1.000  -2.063 1.00 0.00  ? 10 TRP A N    7  
ATOM   1145 C CA   . TRP A 1 8  ? -3.534 2.108  -1.388 1.00 0.00  ? 10 TRP A CA   7  
ATOM   1146 C C    . TRP A 1 8  ? -4.880 1.639  -0.736 1.00 0.00  ? 10 TRP A C    7  
ATOM   1147 O O    . TRP A 1 8  ? -5.678 0.909  -1.334 1.00 0.00  ? 10 TRP A O    7  
ATOM   1148 C CB   . TRP A 1 8  ? -3.704 3.240  -2.436 1.00 0.00  ? 10 TRP A CB   7  
ATOM   1149 C CG   . TRP A 1 8  ? -4.272 4.539  -1.865 1.00 0.00  ? 10 TRP A CG   7  
ATOM   1150 C CD1  . TRP A 1 8  ? -5.633 4.870  -1.877 1.00 0.00  ? 10 TRP A CD1  7  
ATOM   1151 C CD2  . TRP A 1 8  ? -3.652 5.512  -1.110 1.00 0.00  ? 10 TRP A CD2  7  
ATOM   1152 N NE1  . TRP A 1 8  ? -5.897 6.035  -1.130 1.00 0.00  ? 10 TRP A NE1  7  
ATOM   1153 C CE2  . TRP A 1 8  ? -4.649 6.411  -0.654 1.00 0.00  ? 10 TRP A CE2  7  
ATOM   1154 C CE3  . TRP A 1 8  ? -2.303 5.666  -0.711 1.00 0.00  ? 10 TRP A CE3  7  
ATOM   1155 C CZ2  . TRP A 1 8  ? -4.300 7.468  0.219  1.00 0.00  ? 10 TRP A CZ2  7  
ATOM   1156 C CZ3  . TRP A 1 8  ? -1.980 6.724  0.141  1.00 0.00  ? 10 TRP A CZ3  7  
ATOM   1157 C CH2  . TRP A 1 8  ? -2.963 7.610  0.602  1.00 0.00  ? 10 TRP A CH2  7  
ATOM   1158 H H    . TRP A 1 8  ? -2.966 0.774  -3.048 1.00 0.00  ? 10 TRP A H    7  
ATOM   1159 H HA   . TRP A 1 8  ? -2.873 2.515  -0.593 1.00 0.00  ? 10 TRP A HA   7  
ATOM   1160 H HB2  . TRP A 1 8  ? -2.738 3.483  -2.906 1.00 0.00  ? 10 TRP A HB2  7  
ATOM   1161 H HB3  . TRP A 1 8  ? -4.345 2.895  -3.267 1.00 0.00  ? 10 TRP A HB3  7  
ATOM   1162 H HD1  . TRP A 1 8  ? -6.363 4.221  -2.335 1.00 0.00  ? 10 TRP A HD1  7  
ATOM   1163 H HE1  . TRP A 1 8  ? -6.808 6.440  -0.882 1.00 0.00  ? 10 TRP A HE1  7  
ATOM   1164 H HE3  . TRP A 1 8  ? -1.553 4.967  -1.052 1.00 0.00  ? 10 TRP A HE3  7  
ATOM   1165 H HZ2  . TRP A 1 8  ? -5.056 8.147  0.588  1.00 0.00  ? 10 TRP A HZ2  7  
ATOM   1166 H HZ3  . TRP A 1 8  ? -0.958 6.853  0.464  1.00 0.00  ? 10 TRP A HZ3  7  
ATOM   1167 H HH2  . TRP A 1 8  ? -2.684 8.414  1.269  1.00 0.00  ? 10 TRP A HH2  7  
ATOM   1168 N N    . LYS A 1 9  ? -5.142 2.129  0.484  1.00 74.43 ? 11 LYS A N    7  
ATOM   1169 C CA   . LYS A 1 9  ? -6.390 1.839  1.241  1.00 4.20  ? 11 LYS A CA   7  
ATOM   1170 C C    . LYS A 1 9  ? -7.606 2.674  0.718  1.00 11.04 ? 11 LYS A C    7  
ATOM   1171 O O    . LYS A 1 9  ? -7.966 3.739  1.215  1.00 35.41 ? 11 LYS A O    7  
ATOM   1172 C CB   . LYS A 1 9  ? -6.104 2.094  2.749  1.00 41.10 ? 11 LYS A CB   7  
ATOM   1173 C CG   . LYS A 1 9  ? -5.013 1.243  3.445  1.00 44.10 ? 11 LYS A CG   7  
ATOM   1174 C CD   . LYS A 1 9  ? -5.344 -0.260 3.579  1.00 33.11 ? 11 LYS A CD   7  
ATOM   1175 C CE   . LYS A 1 9  ? -4.214 -1.093 4.213  1.00 70.12 ? 11 LYS A CE   7  
ATOM   1176 N NZ   . LYS A 1 9  ? -3.085 -1.267 3.272  1.00 43.51 ? 11 LYS A NZ   7  
ATOM   1177 H H    . LYS A 1 9  ? -4.382 2.687  0.908  1.00 20.44 ? 11 LYS A H    7  
ATOM   1178 H HA   . LYS A 1 9  ? -6.645 0.768  1.140  1.00 50.52 ? 11 LYS A HA   7  
ATOM   1179 H HB2  . LYS A 1 9  ? -5.838 3.163  2.874  1.00 0.00  ? 11 LYS A HB2  7  
ATOM   1180 H HB3  . LYS A 1 9  ? -7.046 1.980  3.314  1.00 63.23 ? 11 LYS A HB3  7  
ATOM   1181 H HG2  . LYS A 1 9  ? -4.052 1.370  2.910  1.00 0.00  ? 11 LYS A HG2  7  
ATOM   1182 H HG3  . LYS A 1 9  ? -4.825 1.663  4.451  1.00 60.25 ? 11 LYS A HG3  7  
ATOM   1183 H HD2  . LYS A 1 9  ? -6.254 -0.369 4.199  1.00 0.00  ? 11 LYS A HD2  7  
ATOM   1184 H HD3  . LYS A 1 9  ? -5.615 -0.692 2.598  1.00 13.13 ? 11 LYS A HD3  7  
ATOM   1185 H HE2  . LYS A 1 9  ? -3.877 -0.626 5.161  1.00 0.00  ? 11 LYS A HE2  7  
ATOM   1186 H HE3  . LYS A 1 9  ? -4.604 -2.090 4.498  1.00 35.55 ? 11 LYS A HE3  7  
ATOM   1187 H HZ1  . LYS A 1 9  ? -3.125 -0.970 2.294  1.00 44.51 ? 11 LYS A HZ1  7  
HETATM 1188 N N    . NH2 A 1 10 ? -8.289 2.227  -0.317 1.00 24.35 ? 12 NH2 A N    7  
HETATM 1189 H HN1  . NH2 A 1 10 ? -8.987 2.898  -0.646 1.00 71.12 ? 12 NH2 A HN1  7  
HETATM 1190 H HN2  . NH2 A 1 10 ? -7.816 1.498  -0.864 1.00 14.20 ? 12 NH2 A HN2  7  
HETATM 1191 C C    . ACE A 1 1  ? -2.657 3.259  2.646  1.00 1.42  ? 3  ACE A C    8  
HETATM 1192 O O    . ACE A 1 1  ? -3.135 2.219  2.196  1.00 25.23 ? 3  ACE A O    8  
HETATM 1193 C CH3  . ACE A 1 1  ? -3.520 4.227  3.433  1.00 11.32 ? 3  ACE A CH3  8  
HETATM 1194 H H1   . ACE A 1 1  ? -4.561 3.859  3.492  1.00 11.05 ? 3  ACE A H1   8  
HETATM 1195 H H2   . ACE A 1 1  ? -3.150 4.346  4.467  1.00 31.00 ? 3  ACE A H2   8  
HETATM 1196 H H3   . ACE A 1 1  ? -3.553 5.222  2.953  1.00 0.00  ? 3  ACE A H3   8  
HETATM 1197 N N    . NLE A 1 2  ? -1.386 3.618  2.473  1.00 24.32 ? 4  NLE A N    8  
HETATM 1198 C CA   . NLE A 1 2  ? -0.426 2.823  1.664  1.00 22.54 ? 4  NLE A CA   8  
HETATM 1199 C C    . NLE A 1 2  ? 0.240  1.642  2.437  1.00 51.12 ? 4  NLE A C    8  
HETATM 1200 O O    . NLE A 1 2  ? 1.060  1.825  3.342  1.00 4.44  ? 4  NLE A O    8  
HETATM 1201 C CB   . NLE A 1 2  ? 0.597  3.755  0.973  1.00 51.41 ? 4  NLE A CB   8  
HETATM 1202 C CG   . NLE A 1 2  ? 1.470  4.699  1.830  1.00 53.53 ? 4  NLE A CG   8  
HETATM 1203 C CD   . NLE A 1 2  ? 2.398  5.556  0.951  1.00 13.25 ? 4  NLE A CD   8  
HETATM 1204 C CE   . NLE A 1 2  ? 3.229  6.533  1.785  1.00 21.12 ? 4  NLE A CE   8  
HETATM 1205 H H    . NLE A 1 2  ? -1.131 4.527  2.866  1.00 73.41 ? 4  NLE A H    8  
HETATM 1206 H HA   . NLE A 1 2  ? -0.996 2.393  0.812  1.00 13.34 ? 4  NLE A HA   8  
HETATM 1207 H HB2  . NLE A 1 2  ? 0.054  4.342  0.221  1.00 12.25 ? 4  NLE A HB2  8  
HETATM 1208 H HB3  . NLE A 1 2  ? 1.268  3.130  0.367  1.00 64.43 ? 4  NLE A HB3  8  
HETATM 1209 H HG2  . NLE A 1 2  ? 2.073  4.110  2.548  1.00 24.40 ? 4  NLE A HG2  8  
HETATM 1210 H HG3  . NLE A 1 2  ? 0.829  5.359  2.447  1.00 61.35 ? 4  NLE A HG3  8  
HETATM 1211 H HD2  . NLE A 1 2  ? 1.806  6.124  0.206  1.00 34.12 ? 4  NLE A HD2  8  
HETATM 1212 H HD3  . NLE A 1 2  ? 3.076  4.905  0.363  1.00 2.42  ? 4  NLE A HD3  8  
HETATM 1213 H HE1  . NLE A 1 2  ? 2.587  7.229  2.357  1.00 35.54 ? 4  NLE A HE1  8  
HETATM 1214 H HE2  . NLE A 1 2  ? 3.877  6.001  2.506  1.00 13.20 ? 4  NLE A HE2  8  
HETATM 1215 H HE3  . NLE A 1 2  ? 3.885  7.146  1.141  1.00 14.24 ? 4  NLE A HE3  8  
ATOM   1216 N N    . ASP A 1 3  ? -0.110 0.418  2.025  1.00 42.23 ? 5  ASP A N    8  
ATOM   1217 C CA   . ASP A 1 3  ? 0.412  -0.839 2.629  1.00 14.33 ? 5  ASP A CA   8  
ATOM   1218 C C    . ASP A 1 3  ? 1.598  -1.392 1.780  1.00 70.04 ? 5  ASP A C    8  
ATOM   1219 O O    . ASP A 1 3  ? 1.445  -1.614 0.574  1.00 71.01 ? 5  ASP A O    8  
ATOM   1220 C CB   . ASP A 1 3  ? -0.743 -1.873 2.690  1.00 73.01 ? 5  ASP A CB   8  
ATOM   1221 C CG   . ASP A 1 3  ? -1.829 -1.587 3.737  1.00 3.02  ? 5  ASP A CG   8  
ATOM   1222 O OD1  . ASP A 1 3  ? -1.636 -1.883 4.916  1.00 41.31 ? 5  ASP A OD1  8  
ATOM   1223 H H    . ASP A 1 3  ? -0.833 0.417  1.288  1.00 62.10 ? 5  ASP A H    8  
ATOM   1224 H HA   . ASP A 1 3  ? 0.760  -0.653 3.668  1.00 60.50 ? 5  ASP A HA   8  
ATOM   1225 H HB2  . ASP A 1 3  ? -1.187 -2.025 1.687  1.00 0.00  ? 5  ASP A HB2  8  
ATOM   1226 H HB3  . ASP A 1 3  ? -0.327 -2.861 2.948  1.00 72.20 ? 5  ASP A HB3  8  
ATOM   1227 N N    . TRP A 1 4  ? 2.766  -1.634 2.403  1.00 0.00  ? 6  TRP A N    8  
ATOM   1228 C CA   . TRP A 1 4  ? 3.991  -2.119 1.696  1.00 0.00  ? 6  TRP A CA   8  
ATOM   1229 C C    . TRP A 1 4  ? 3.806  -3.482 0.910  1.00 0.00  ? 6  TRP A C    8  
ATOM   1230 O O    . TRP A 1 4  ? 3.239  -4.411 1.498  1.00 0.00  ? 6  TRP A O    8  
ATOM   1231 C CB   . TRP A 1 4  ? 5.119  -2.199 2.768  1.00 0.00  ? 6  TRP A CB   8  
ATOM   1232 C CG   . TRP A 1 4  ? 6.531  -2.476 2.224  1.00 0.00  ? 6  TRP A CG   8  
ATOM   1233 C CD1  . TRP A 1 4  ? 7.082  -3.754 1.974  1.00 0.00  ? 6  TRP A CD1  8  
ATOM   1234 C CD2  . TRP A 1 4  ? 7.480  -1.572 1.776  1.00 0.00  ? 6  TRP A CD2  8  
ATOM   1235 N NE1  . TRP A 1 4  ? 8.354  -3.669 1.378  1.00 0.00  ? 6  TRP A NE1  8  
ATOM   1236 C CE2  . TRP A 1 4  ? 8.577  -2.308 1.259  1.00 0.00  ? 6  TRP A CE2  8  
ATOM   1237 C CE3  . TRP A 1 4  ? 7.472  -0.156 1.712  1.00 0.00  ? 6  TRP A CE3  8  
ATOM   1238 C CZ2  . TRP A 1 4  ? 9.674  -1.632 0.677  1.00 0.00  ? 6  TRP A CZ2  8  
ATOM   1239 C CZ3  . TRP A 1 4  ? 8.569  0.490  1.139  1.00 0.00  ? 6  TRP A CZ3  8  
ATOM   1240 C CH2  . TRP A 1 4  ? 9.653  -0.236 0.628  1.00 0.00  ? 6  TRP A CH2  8  
ATOM   1241 H H    . TRP A 1 4  ? 2.762  -1.453 3.410  1.00 0.00  ? 6  TRP A H    8  
ATOM   1242 H HA   . TRP A 1 4  ? 4.271  -1.320 0.984  1.00 0.00  ? 6  TRP A HA   8  
ATOM   1243 H HB2  . TRP A 1 4  ? 5.161  -1.255 3.346  1.00 0.00  ? 6  TRP A HB2  8  
ATOM   1244 H HB3  . TRP A 1 4  ? 4.866  -2.973 3.519  1.00 0.00  ? 6  TRP A HB3  8  
ATOM   1245 H HD1  . TRP A 1 4  ? 6.553  -4.682 2.138  1.00 0.00  ? 6  TRP A HD1  8  
ATOM   1246 H HE1  . TRP A 1 4  ? 8.965  -4.433 1.066  1.00 0.00  ? 6  TRP A HE1  8  
ATOM   1247 H HE3  . TRP A 1 4  ? 6.639  0.410  2.093  1.00 0.00  ? 6  TRP A HE3  8  
ATOM   1248 H HZ2  . TRP A 1 4  ? 10.507 -2.185 0.270  1.00 0.00  ? 6  TRP A HZ2  8  
ATOM   1249 H HZ3  . TRP A 1 4  ? 8.581  1.567  1.085  1.00 0.00  ? 6  TRP A HZ3  8  
ATOM   1250 H HH2  . TRP A 1 4  ? 10.485 0.293  0.185  1.00 0.00  ? 6  TRP A HH2  8  
ATOM   1251 N N    . PRO A 1 5  ? 4.248  -3.663 -0.376 1.00 22.14 ? 7  PRO A N    8  
ATOM   1252 C CA   . PRO A 1 5  ? 5.114  -2.694 -1.124 1.00 10.30 ? 7  PRO A CA   8  
ATOM   1253 C C    . PRO A 1 5  ? 4.445  -1.538 -1.953 1.00 31.43 ? 7  PRO A C    8  
ATOM   1254 O O    . PRO A 1 5  ? 5.108  -0.934 -2.800 1.00 11.54 ? 7  PRO A O    8  
ATOM   1255 C CB   . PRO A 1 5  ? 5.935  -3.684 -1.977 1.00 73.35 ? 7  PRO A CB   8  
ATOM   1256 C CG   . PRO A 1 5  ? 4.967  -4.816 -2.319 1.00 73.14 ? 7  PRO A CG   8  
ATOM   1257 C CD   . PRO A 1 5  ? 4.129  -4.973 -1.050 1.00 50.35 ? 7  PRO A CD   8  
ATOM   1258 H HA   . PRO A 1 5  ? 5.828  -2.190 -0.451 1.00 70.33 ? 7  PRO A HA   8  
ATOM   1259 H HB2  . PRO A 1 5  ? 6.390  -3.222 -2.872 1.00 0.00  ? 7  PRO A HB2  8  
ATOM   1260 H HB3  . PRO A 1 5  ? 6.782  -4.079 -1.379 1.00 33.33 ? 7  PRO A HB3  8  
ATOM   1261 H HG2  . PRO A 1 5  ? 4.323  -4.522 -3.169 1.00 0.00  ? 7  PRO A HG2  8  
ATOM   1262 H HG3  . PRO A 1 5  ? 5.483  -5.750 -2.609 1.00 23.41 ? 7  PRO A HG3  8  
ATOM   1263 H HD2  . PRO A 1 5  ? 3.076  -5.225 -1.281 1.00 0.00  ? 7  PRO A HD2  8  
ATOM   1264 H HD3  . PRO A 1 5  ? 4.531  -5.784 -0.411 1.00 41.43 ? 7  PRO A HD3  8  
HETATM 1265 N N    . 4J2 A 1 6  ? 3.181  -1.181 -1.673 1.00 55.11 ? 8  4J2 A N    8  
HETATM 1266 C CA   . 4J2 A 1 6  ? 2.506  0.018  -2.244 1.00 24.43 ? 8  4J2 A CA   8  
HETATM 1267 C CB   . 4J2 A 1 6  ? 2.417  1.151  -1.173 1.00 10.34 ? 8  4J2 A CB   8  
HETATM 1268 C CG   . 4J2 A 1 6  ? 3.692  1.752  -0.567 1.00 12.23 ? 8  4J2 A CG   8  
HETATM 1269 C CD1  . 4J2 A 1 6  ? 4.635  2.360  -1.391 1.00 0.11  ? 8  4J2 A CD1  8  
HETATM 1270 C CD2  . 4J2 A 1 6  ? 3.824  1.830  0.821  1.00 72.21 ? 8  4J2 A CD2  8  
HETATM 1271 C CE1  . 4J2 A 1 6  ? 5.711  3.056  -0.848 1.00 51.02 ? 8  4J2 A CE1  8  
HETATM 1272 C CZ1  . 4J2 A 1 6  ? 5.844  3.172  0.537  1.00 50.12 ? 8  4J2 A CZ1  8  
HETATM 1273 C CZ2  . 4J2 A 1 6  ? 6.885  3.904  1.110  1.00 30.24 ? 8  4J2 A CZ2  8  
HETATM 1274 C CZ3  . 4J2 A 1 6  ? 6.984  4.015  2.494  1.00 44.51 ? 8  4J2 A CZ3  8  
HETATM 1275 C CE2  . 4J2 A 1 6  ? 4.875  2.544  1.392  1.00 75.11 ? 8  4J2 A CE2  8  
HETATM 1276 C CE3  . 4J2 A 1 6  ? 4.992  2.677  2.776  1.00 3.32  ? 8  4J2 A CE3  8  
HETATM 1277 C CE4  . 4J2 A 1 6  ? 6.043  3.406  3.321  1.00 51.13 ? 8  4J2 A CE4  8  
HETATM 1278 H HE1  . 4J2 A 1 6  ? 6.422  3.524  -1.517 1.00 0.00  ? 8  4J2 A HE1  8  
HETATM 1279 C C    . 4J2 A 1 6  ? 1.081  -0.332 -2.787 1.00 22.34 ? 8  4J2 A C    8  
HETATM 1280 H HE3  . 4J2 A 1 6  ? 4.268  2.223  3.441  1.00 0.00  ? 8  4J2 A HE3  8  
HETATM 1281 O O    . 4J2 A 1 6  ? 0.832  -0.243 -3.990 1.00 52.33 ? 8  4J2 A O    8  
HETATM 1282 H HE4  . 4J2 A 1 6  ? 6.129  3.505  4.392  1.00 0.00  ? 8  4J2 A HE4  8  
HETATM 1283 H H    . 4J2 A 1 6  ? 2.759  -1.714 -0.897 1.00 71.33 ? 8  4J2 A H    8  
HETATM 1284 H HA   . 4J2 A 1 6  ? 3.074  0.409  -3.112 1.00 41.44 ? 8  4J2 A HA   8  
HETATM 1285 H HB2  . 4J2 A 1 6  ? 1.847  1.989  -1.612 1.00 40.54 ? 8  4J2 A HB2  8  
HETATM 1286 H HB1  . 4J2 A 1 6  ? 1.762  0.809  -0.352 1.00 60.00 ? 8  4J2 A HB1  8  
HETATM 1287 H HD1  . 4J2 A 1 6  ? 4.501  2.304  -2.460 1.00 0.00  ? 8  4J2 A HD1  8  
HETATM 1288 H HD2  . 4J2 A 1 6  ? 3.068  1.379  1.450  1.00 0.00  ? 8  4J2 A HD2  8  
HETATM 1289 H HZ2  . 4J2 A 1 6  ? 7.627  4.393  0.491  1.00 0.00  ? 8  4J2 A HZ2  8  
HETATM 1290 H HZ23 . 4J2 A 1 6  ? 7.794  4.582  2.930  1.00 0.00  ? 8  4J2 A HZ23 8  
ATOM   1291 N N    . ARG A 1 7  ? 0.151  -0.694 -1.886 1.00 0.00  ? 9  ARG A N    8  
ATOM   1292 C CA   . ARG A 1 7  ? -1.287 -0.883 -2.189 1.00 0.00  ? 9  ARG A CA   8  
ATOM   1293 C C    . ARG A 1 7  ? -2.089 0.152  -1.336 1.00 0.00  ? 9  ARG A C    8  
ATOM   1294 O O    . ARG A 1 7  ? -2.056 0.129  -0.100 1.00 0.00  ? 9  ARG A O    8  
ATOM   1295 C CB   . ARG A 1 7  ? -1.729 -2.333 -1.857 1.00 0.00  ? 9  ARG A CB   8  
ATOM   1296 C CG   . ARG A 1 7  ? -1.119 -3.474 -2.712 1.00 0.00  ? 9  ARG A CG   8  
ATOM   1297 C CD   . ARG A 1 7  ? 0.223  -4.029 -2.186 1.00 0.00  ? 9  ARG A CD   8  
ATOM   1298 N NE   . ARG A 1 7  ? 0.811  -5.004 -3.141 1.00 0.00  ? 9  ARG A NE   8  
ATOM   1299 C CZ   . ARG A 1 7  ? 1.569  -4.699 -4.198 1.00 0.00  ? 9  ARG A CZ   8  
ATOM   1300 N NH1  . ARG A 1 7  ? 1.884  -3.481 -4.556 1.00 0.00  ? 9  ARG A NH1  8  
ATOM   1301 N NH2  . ARG A 1 7  ? 2.013  -5.682 -4.910 1.00 0.00  ? 9  ARG A NH2  8  
ATOM   1302 H H    . ARG A 1 7  ? 0.534  -0.832 -0.941 1.00 0.00  ? 9  ARG A H    8  
ATOM   1303 H HA   . ARG A 1 7  ? -1.487 -0.714 -3.267 1.00 0.00  ? 9  ARG A HA   8  
ATOM   1304 H HB2  . ARG A 1 7  ? -1.585 -2.526 -0.779 1.00 0.00  ? 9  ARG A HB2  8  
ATOM   1305 H HB3  . ARG A 1 7  ? -2.826 -2.378 -1.986 1.00 0.00  ? 9  ARG A HB3  8  
ATOM   1306 H HG2  . ARG A 1 7  ? -1.835 -4.318 -2.761 1.00 0.00  ? 9  ARG A HG2  8  
ATOM   1307 H HG3  . ARG A 1 7  ? -1.013 -3.141 -3.762 1.00 0.00  ? 9  ARG A HG3  8  
ATOM   1308 H HD2  . ARG A 1 7  ? 0.949  -3.229 -1.953 1.00 0.00  ? 9  ARG A HD2  8  
ATOM   1309 H HD3  . ARG A 1 7  ? 0.062  -4.538 -1.217 1.00 0.00  ? 9  ARG A HD3  8  
ATOM   1310 H HH11 . ARG A 1 7  ? 1.474  -2.751 -3.968 1.00 0.00  ? 9  ARG A HH11 8  
ATOM   1311 H HH12 . ARG A 1 7  ? 2.461  -3.372 -5.390 1.00 0.00  ? 9  ARG A HH12 8  
ATOM   1312 H HH21 . ARG A 1 7  ? 1.701  -6.590 -4.559 1.00 0.00  ? 9  ARG A HH21 8  
ATOM   1313 H HH22 . ARG A 1 7  ? 2.581  -5.460 -5.729 1.00 0.00  ? 9  ARG A HH22 8  
ATOM   1314 N N    . TRP A 1 8  ? -2.802 1.068  -2.007 1.00 0.00  ? 10 TRP A N    8  
ATOM   1315 C CA   . TRP A 1 8  ? -3.561 2.155  -1.336 1.00 0.00  ? 10 TRP A CA   8  
ATOM   1316 C C    . TRP A 1 8  ? -4.996 1.696  -0.919 1.00 0.00  ? 10 TRP A C    8  
ATOM   1317 O O    . TRP A 1 8  ? -5.834 1.335  -1.751 1.00 0.00  ? 10 TRP A O    8  
ATOM   1318 C CB   . TRP A 1 8  ? -3.558 3.382  -2.284 1.00 0.00  ? 10 TRP A CB   8  
ATOM   1319 C CG   . TRP A 1 8  ? -4.287 4.623  -1.756 1.00 0.00  ? 10 TRP A CG   8  
ATOM   1320 C CD1  . TRP A 1 8  ? -5.621 4.930  -2.057 1.00 0.00  ? 10 TRP A CD1  8  
ATOM   1321 C CD2  . TRP A 1 8  ? -3.870 5.591  -0.867 1.00 0.00  ? 10 TRP A CD2  8  
ATOM   1322 N NE1  . TRP A 1 8  ? -6.069 6.073  -1.363 1.00 0.00  ? 10 TRP A NE1  8  
ATOM   1323 C CE2  . TRP A 1 8  ? -4.962 6.463  -0.625 1.00 0.00  ? 10 TRP A CE2  8  
ATOM   1324 C CE3  . TRP A 1 8  ? -2.628 5.800  -0.223 1.00 0.00  ? 10 TRP A CE3  8  
ATOM   1325 C CZ2  . TRP A 1 8  ? -4.817 7.545  0.274  1.00 0.00  ? 10 TRP A CZ2  8  
ATOM   1326 C CZ3  . TRP A 1 8  ? -2.505 6.876  0.657  1.00 0.00  ? 10 TRP A CZ3  8  
ATOM   1327 C CH2  . TRP A 1 8  ? -3.585 7.735  0.904  1.00 0.00  ? 10 TRP A CH2  8  
ATOM   1328 H H    . TRP A 1 8  ? -2.865 0.899  -3.013 1.00 0.00  ? 10 TRP A H    8  
ATOM   1329 H HA   . TRP A 1 8  ? -3.000 2.478  -0.433 1.00 0.00  ? 10 TRP A HA   8  
ATOM   1330 H HB2  . TRP A 1 8  ? -2.523 3.674  -2.523 1.00 0.00  ? 10 TRP A HB2  8  
ATOM   1331 H HB3  . TRP A 1 8  ? -4.005 3.100  -3.252 1.00 0.00  ? 10 TRP A HB3  8  
ATOM   1332 H HD1  . TRP A 1 8  ? -6.210 4.309  -2.714 1.00 0.00  ? 10 TRP A HD1  8  
ATOM   1333 H HE1  . TRP A 1 8  ? -6.995 6.516  -1.386 1.00 0.00  ? 10 TRP A HE1  8  
ATOM   1334 H HE3  . TRP A 1 8  ? -1.797 5.143  -0.421 1.00 0.00  ? 10 TRP A HE3  8  
ATOM   1335 H HZ2  . TRP A 1 8  ? -5.645 8.213  0.469  1.00 0.00  ? 10 TRP A HZ2  8  
ATOM   1336 H HZ3  . TRP A 1 8  ? -1.561 7.049  1.153  1.00 0.00  ? 10 TRP A HZ3  8  
ATOM   1337 H HH2  . TRP A 1 8  ? -3.461 8.559  1.592  1.00 0.00  ? 10 TRP A HH2  8  
ATOM   1338 N N    . LYS A 1 9  ? -5.274 1.802  0.383  1.00 74.43 ? 11 LYS A N    8  
ATOM   1339 C CA   . LYS A 1 9  ? -6.614 1.528  0.967  1.00 4.20  ? 11 LYS A CA   8  
ATOM   1340 C C    . LYS A 1 9  ? -7.431 2.853  1.077  1.00 11.04 ? 11 LYS A C    8  
ATOM   1341 O O    . LYS A 1 9  ? -7.335 3.627  2.028  1.00 35.41 ? 11 LYS A O    8  
ATOM   1342 C CB   . LYS A 1 9  ? -6.395 0.839  2.339  1.00 41.10 ? 11 LYS A CB   8  
ATOM   1343 C CG   . LYS A 1 9  ? -5.900 -0.628 2.263  1.00 44.10 ? 11 LYS A CG   8  
ATOM   1344 C CD   . LYS A 1 9  ? -5.429 -1.220 3.608  1.00 33.11 ? 11 LYS A CD   8  
ATOM   1345 C CE   . LYS A 1 9  ? -4.094 -0.675 4.159  1.00 70.12 ? 11 LYS A CE   8  
ATOM   1346 N NZ   . LYS A 1 9  ? -2.951 -1.026 3.283  1.00 43.51 ? 11 LYS A NZ   8  
ATOM   1347 H H    . LYS A 1 9  ? -4.459 2.027  0.977  1.00 20.44 ? 11 LYS A H    8  
ATOM   1348 H HA   . LYS A 1 9  ? -7.183 0.817  0.336  1.00 50.52 ? 11 LYS A HA   8  
ATOM   1349 H HB2  . LYS A 1 9  ? -5.701 1.454  2.943  1.00 0.00  ? 11 LYS A HB2  8  
ATOM   1350 H HB3  . LYS A 1 9  ? -7.340 0.853  2.908  1.00 63.23 ? 11 LYS A HB3  8  
ATOM   1351 H HG2  . LYS A 1 9  ? -6.712 -1.261 1.861  1.00 0.00  ? 11 LYS A HG2  8  
ATOM   1352 H HG3  . LYS A 1 9  ? -5.078 -0.718 1.527  1.00 60.25 ? 11 LYS A HG3  8  
ATOM   1353 H HD2  . LYS A 1 9  ? -6.220 -1.072 4.367  1.00 0.00  ? 11 LYS A HD2  8  
ATOM   1354 H HD3  . LYS A 1 9  ? -5.345 -2.320 3.508  1.00 13.13 ? 11 LYS A HD3  8  
ATOM   1355 H HE2  . LYS A 1 9  ? -4.144 0.425  4.264  1.00 0.00  ? 11 LYS A HE2  8  
ATOM   1356 H HE3  . LYS A 1 9  ? -3.958 -1.061 5.187  1.00 35.55 ? 11 LYS A HE3  8  
ATOM   1357 H HZ1  . LYS A 1 9  ? -2.913 -0.741 2.298  1.00 44.51 ? 11 LYS A HZ1  8  
HETATM 1358 N N    . NH2 A 1 10 ? -8.262 3.178  0.105  1.00 24.35 ? 12 NH2 A N    8  
HETATM 1359 H HN1  . NH2 A 1 10 ? -8.676 4.106  0.228  1.00 71.12 ? 12 NH2 A HN1  8  
HETATM 1360 H HN2  . NH2 A 1 10 ? -8.189 2.633  -0.758 1.00 14.20 ? 12 NH2 A HN2  8  
HETATM 1361 C C    . ACE A 1 1  ? -2.689 4.247  2.523  1.00 1.42  ? 3  ACE A C    9  
HETATM 1362 O O    . ACE A 1 1  ? -3.397 3.958  1.561  1.00 25.23 ? 3  ACE A O    9  
HETATM 1363 C CH3  . ACE A 1 1  ? -3.126 5.305  3.515  1.00 11.32 ? 3  ACE A CH3  9  
HETATM 1364 H H1   . ACE A 1 1  ? -2.418 6.154  3.535  1.00 11.05 ? 3  ACE A H1   9  
HETATM 1365 H H2   . ACE A 1 1  ? -4.116 5.711  3.235  1.00 31.00 ? 3  ACE A H2   9  
HETATM 1366 H H3   . ACE A 1 1  ? -3.212 4.893  4.536  1.00 0.00  ? 3  ACE A H3   9  
HETATM 1367 N N    . NLE A 1 2  ? -1.508 3.679  2.770  1.00 24.32 ? 4  NLE A N    9  
HETATM 1368 C CA   . NLE A 1 2  ? -0.853 2.730  1.835  1.00 22.54 ? 4  NLE A CA   9  
HETATM 1369 C C    . NLE A 1 2  ? -0.083 1.587  2.568  1.00 51.12 ? 4  NLE A C    9  
HETATM 1370 O O    . NLE A 1 2  ? 0.722  1.828  3.474  1.00 4.44  ? 4  NLE A O    9  
HETATM 1371 C CB   . NLE A 1 2  ? 0.047  3.504  0.836  1.00 51.41 ? 4  NLE A CB   9  
HETATM 1372 C CG   . NLE A 1 2  ? 1.121  4.477  1.380  1.00 53.53 ? 4  NLE A CG   9  
HETATM 1373 C CD   . NLE A 1 2  ? 1.874  5.198  0.249  1.00 13.25 ? 4  NLE A CD   9  
HETATM 1374 C CE   . NLE A 1 2  ? 2.940  6.157  0.788  1.00 21.12 ? 4  NLE A CE   9  
HETATM 1375 H H    . NLE A 1 2  ? -0.945 4.163  3.471  1.00 73.41 ? 4  NLE A H    9  
HETATM 1376 H HA   . NLE A 1 2  ? -1.645 2.247  1.228  1.00 13.34 ? 4  NLE A HA   9  
HETATM 1377 H HB2  . NLE A 1 2  ? -0.622 4.054  0.159  1.00 12.25 ? 4  NLE A HB2  9  
HETATM 1378 H HB3  . NLE A 1 2  ? 0.535  2.764  0.187  1.00 64.43 ? 4  NLE A HB3  9  
HETATM 1379 H HG2  . NLE A 1 2  ? 1.835  3.927  2.023  1.00 24.40 ? 4  NLE A HG2  9  
HETATM 1380 H HG3  . NLE A 1 2  ? 0.650  5.231  2.039  1.00 61.35 ? 4  NLE A HG3  9  
HETATM 1381 H HD2  . NLE A 1 2  ? 1.161  5.758  -0.388 1.00 34.12 ? 4  NLE A HD2  9  
HETATM 1382 H HD3  . NLE A 1 2  ? 2.352  4.458  -0.421 1.00 2.42  ? 4  NLE A HD3  9  
HETATM 1383 H HE1  . NLE A 1 2  ? 2.498  6.950  1.420  1.00 35.54 ? 4  NLE A HE1  9  
HETATM 1384 H HE2  . NLE A 1 2  ? 3.696  5.626  1.398  1.00 13.20 ? 4  NLE A HE2  9  
HETATM 1385 H HE3  . NLE A 1 2  ? 3.482  6.657  -0.036 1.00 14.24 ? 4  NLE A HE3  9  
ATOM   1386 N N    . ASP A 1 3  ? -0.314 0.336  2.133  1.00 42.23 ? 5  ASP A N    9  
ATOM   1387 C CA   . ASP A 1 3  ? 0.345  -0.868 2.718  1.00 14.33 ? 5  ASP A CA   9  
ATOM   1388 C C    . ASP A 1 3  ? 1.517  -1.367 1.816  1.00 70.04 ? 5  ASP A C    9  
ATOM   1389 O O    . ASP A 1 3  ? 1.347  -1.575 0.608  1.00 71.01 ? 5  ASP A O    9  
ATOM   1390 C CB   . ASP A 1 3  ? -0.699 -1.999 2.910  1.00 73.01 ? 5  ASP A CB   9  
ATOM   1391 C CG   . ASP A 1 3  ? -1.757 -1.752 3.990  1.00 3.02  ? 5  ASP A CG   9  
ATOM   1392 O OD1  . ASP A 1 3  ? -1.434 -1.758 5.178  1.00 41.31 ? 5  ASP A OD1  9  
ATOM   1393 H H    . ASP A 1 3  ? -0.913 0.288  1.294  1.00 62.10 ? 5  ASP A H    9  
ATOM   1394 H HA   . ASP A 1 3  ? 0.744  -0.626 3.727  1.00 60.50 ? 5  ASP A HA   9  
ATOM   1395 H HB2  . ASP A 1 3  ? -1.167 -2.264 1.947  1.00 0.00  ? 5  ASP A HB2  9  
ATOM   1396 H HB3  . ASP A 1 3  ? -0.173 -2.919 3.209  1.00 72.20 ? 5  ASP A HB3  9  
ATOM   1397 N N    . TRP A 1 4  ? 2.702  -1.590 2.421  1.00 0.00  ? 6  TRP A N    9  
ATOM   1398 C CA   . TRP A 1 4  ? 3.928  -2.055 1.706  1.00 0.00  ? 6  TRP A CA   9  
ATOM   1399 C C    . TRP A 1 4  ? 3.763  -3.440 0.961  1.00 0.00  ? 6  TRP A C    9  
ATOM   1400 O O    . TRP A 1 4  ? 3.193  -4.357 1.567  1.00 0.00  ? 6  TRP A O    9  
ATOM   1401 C CB   . TRP A 1 4  ? 5.063  -2.074 2.773  1.00 0.00  ? 6  TRP A CB   9  
ATOM   1402 C CG   . TRP A 1 4  ? 6.482  -2.327 2.241  1.00 0.00  ? 6  TRP A CG   9  
ATOM   1403 C CD1  . TRP A 1 4  ? 7.062  -3.595 2.008  1.00 0.00  ? 6  TRP A CD1  9  
ATOM   1404 C CD2  . TRP A 1 4  ? 7.414  -1.408 1.788  1.00 0.00  ? 6  TRP A CD2  9  
ATOM   1405 N NE1  . TRP A 1 4  ? 8.337  -3.489 1.419  1.00 0.00  ? 6  TRP A NE1  9  
ATOM   1406 C CE2  . TRP A 1 4  ? 8.530  -2.126 1.286  1.00 0.00  ? 6  TRP A CE2  9  
ATOM   1407 C CE3  . TRP A 1 4  ? 7.376  0.006  1.706  1.00 0.00  ? 6  TRP A CE3  9  
ATOM   1408 C CZ2  . TRP A 1 4  ? 9.614  -1.432 0.699  1.00 0.00  ? 6  TRP A CZ2  9  
ATOM   1409 C CZ3  . TRP A 1 4  ? 8.459  0.669  1.128  1.00 0.00  ? 6  TRP A CZ3  9  
ATOM   1410 C CH2  . TRP A 1 4  ? 9.560  -0.037 0.630  1.00 0.00  ? 6  TRP A CH2  9  
ATOM   1411 H H    . TRP A 1 4  ? 2.701  -1.431 3.434  1.00 0.00  ? 6  TRP A H    9  
ATOM   1412 H HA   . TRP A 1 4  ? 4.173  -1.270 0.966  1.00 0.00  ? 6  TRP A HA   9  
ATOM   1413 H HB2  . TRP A 1 4  ? 5.080  -1.114 3.326  1.00 0.00  ? 6  TRP A HB2  9  
ATOM   1414 H HB3  . TRP A 1 4  ? 4.833  -2.834 3.547  1.00 0.00  ? 6  TRP A HB3  9  
ATOM   1415 H HD1  . TRP A 1 4  ? 6.552  -4.534 2.174  1.00 0.00  ? 6  TRP A HD1  9  
ATOM   1416 H HE1  . TRP A 1 4  ? 8.964  -4.243 1.116  1.00 0.00  ? 6  TRP A HE1  9  
ATOM   1417 H HE3  . TRP A 1 4  ? 6.528  0.559  2.077  1.00 0.00  ? 6  TRP A HE3  9  
ATOM   1418 H HZ2  . TRP A 1 4  ? 10.462 -1.971 0.302  1.00 0.00  ? 6  TRP A HZ2  9  
ATOM   1419 H HZ3  . TRP A 1 4  ? 8.444  1.747  1.056  1.00 0.00  ? 6  TRP A HZ3  9  
ATOM   1420 H HH2  . TRP A 1 4  ? 10.381 0.504  0.182  1.00 0.00  ? 6  TRP A HH2  9  
ATOM   1421 N N    . PRO A 1 5  ? 4.221  -3.656 -0.312 1.00 22.14 ? 7  PRO A N    9  
ATOM   1422 C CA   . PRO A 1 5  ? 5.110  -2.715 -1.072 1.00 10.30 ? 7  PRO A CA   9  
ATOM   1423 C C    . PRO A 1 5  ? 4.491  -1.510 -1.863 1.00 31.43 ? 7  PRO A C    9  
ATOM   1424 O O    . PRO A 1 5  ? 5.230  -0.805 -2.553 1.00 11.54 ? 7  PRO A O    9  
ATOM   1425 C CB   . PRO A 1 5  ? 5.857  -3.717 -1.975 1.00 73.35 ? 7  PRO A CB   9  
ATOM   1426 C CG   . PRO A 1 5  ? 4.839  -4.815 -2.283 1.00 73.14 ? 7  PRO A CG   9  
ATOM   1427 C CD   . PRO A 1 5  ? 4.085  -4.977 -0.965 1.00 50.35 ? 7  PRO A CD   9  
ATOM   1428 H HA   . PRO A 1 5  ? 5.863  -2.262 -0.409 1.00 70.33 ? 7  PRO A HA   9  
ATOM   1429 H HB2  . PRO A 1 5  ? 6.284  -3.257 -2.885 1.00 0.00  ? 7  PRO A HB2  9  
ATOM   1430 H HB3  . PRO A 1 5  ? 6.718  -4.145 -1.423 1.00 33.33 ? 7  PRO A HB3  9  
ATOM   1431 H HG2  . PRO A 1 5  ? 4.149  -4.486 -3.084 1.00 0.00  ? 7  PRO A HG2  9  
ATOM   1432 H HG3  . PRO A 1 5  ? 5.311  -5.756 -2.623 1.00 23.41 ? 7  PRO A HG3  9  
ATOM   1433 H HD2  . PRO A 1 5  ? 3.024  -5.252 -1.125 1.00 0.00  ? 7  PRO A HD2  9  
ATOM   1434 H HD3  . PRO A 1 5  ? 4.543  -5.768 -0.340 1.00 41.43 ? 7  PRO A HD3  9  
HETATM 1435 N N    . 4J2 A 1 6  ? 3.182  -1.240 -1.736 1.00 55.11 ? 8  4J2 A N    9  
HETATM 1436 C CA   . 4J2 A 1 6  ? 2.517  -0.053 -2.350 1.00 24.43 ? 8  4J2 A CA   9  
HETATM 1437 C CB   . 4J2 A 1 6  ? 2.239  1.045  -1.274 1.00 10.34 ? 8  4J2 A CB   9  
HETATM 1438 C CG   . 4J2 A 1 6  ? 3.419  1.704  -0.550 1.00 12.23 ? 8  4J2 A CG   9  
HETATM 1439 C CD1  . 4J2 A 1 6  ? 4.378  2.403  -1.278 1.00 0.11  ? 8  4J2 A CD1  9  
HETATM 1440 C CD2  . 4J2 A 1 6  ? 3.460  1.714  0.843  1.00 72.21 ? 8  4J2 A CD2  9  
HETATM 1441 C CE1  . 4J2 A 1 6  ? 5.394  3.102  -0.634 1.00 51.02 ? 8  4J2 A CE1  9  
HETATM 1442 C CZ1  . 4J2 A 1 6  ? 5.447  3.129  0.761  1.00 50.12 ? 8  4J2 A CZ1  9  
HETATM 1443 C CZ2  . 4J2 A 1 6  ? 6.434  3.849  1.438  1.00 30.24 ? 8  4J2 A CZ2  9  
HETATM 1444 C CZ3  . 4J2 A 1 6  ? 6.452  3.870  2.829  1.00 44.51 ? 8  4J2 A CZ3  9  
HETATM 1445 C CE2  . 4J2 A 1 6  ? 4.453  2.418  1.518  1.00 75.11 ? 8  4J2 A CE2  9  
HETATM 1446 C CE3  . 4J2 A 1 6  ? 4.489  2.463  2.912  1.00 3.32  ? 8  4J2 A CE3  9  
HETATM 1447 C CE4  . 4J2 A 1 6  ? 5.487  3.184  3.561  1.00 51.13 ? 8  4J2 A CE4  9  
HETATM 1448 H HE1  . 4J2 A 1 6  ? 6.121  3.636  -1.231 1.00 0.00  ? 8  4J2 A HE1  9  
HETATM 1449 C C    . 4J2 A 1 6  ? 1.175  -0.413 -3.063 1.00 22.34 ? 8  4J2 A C    9  
HETATM 1450 H HE3  . 4J2 A 1 6  ? 3.745  1.948  3.505  1.00 0.00  ? 8  4J2 A HE3  9  
HETATM 1451 O O    . 4J2 A 1 6  ? 0.966  -0.044 -4.222 1.00 52.33 ? 8  4J2 A O    9  
HETATM 1452 H HE4  . 4J2 A 1 6  ? 5.512  3.214  4.640  1.00 0.00  ? 8  4J2 A HE4  9  
HETATM 1453 H H    . 4J2 A 1 6  ? 2.706  -1.833 -1.046 1.00 71.33 ? 8  4J2 A H    9  
HETATM 1454 H HA   . 4J2 A 1 6  ? 3.162  0.389  -3.136 1.00 41.44 ? 8  4J2 A HA   9  
HETATM 1455 H HB2  . 4J2 A 1 6  ? 1.661  1.858  -1.746 1.00 40.54 ? 8  4J2 A HB2  9  
HETATM 1456 H HB1  . 4J2 A 1 6  ? 1.528  0.645  -0.528 1.00 60.00 ? 8  4J2 A HB1  9  
HETATM 1457 H HD1  . 4J2 A 1 6  ? 4.298  2.414  -2.355 1.00 0.00  ? 8  4J2 A HD1  9  
HETATM 1458 H HD2  . 4J2 A 1 6  ? 2.682  1.209  1.396  1.00 0.00  ? 8  4J2 A HD2  9  
HETATM 1459 H HZ2  . 4J2 A 1 6  ? 7.192  4.397  0.895  1.00 0.00  ? 8  4J2 A HZ2  9  
HETATM 1460 H HZ23 . 4J2 A 1 6  ? 7.221  4.429  3.346  1.00 0.00  ? 8  4J2 A HZ23 9  
ATOM   1461 N N    . ARG A 1 7  ? 0.232  -1.024 -2.327 1.00 0.00  ? 9  ARG A N    9  
ATOM   1462 C CA   . ARG A 1 7  ? -1.218 -0.868 -2.581 1.00 0.00  ? 9  ARG A CA   9  
ATOM   1463 C C    . ARG A 1 7  ? -1.814 0.320  -1.748 1.00 0.00  ? 9  ARG A C    9  
ATOM   1464 O O    . ARG A 1 7  ? -1.321 0.666  -0.667 1.00 0.00  ? 9  ARG A O    9  
ATOM   1465 C CB   . ARG A 1 7  ? -1.924 -2.212 -2.263 1.00 0.00  ? 9  ARG A CB   9  
ATOM   1466 C CG   . ARG A 1 7  ? -1.846 -2.737 -0.799 1.00 0.00  ? 9  ARG A CG   9  
ATOM   1467 C CD   . ARG A 1 7  ? -3.080 -3.516 -0.307 1.00 0.00  ? 9  ARG A CD   9  
ATOM   1468 N NE   . ARG A 1 7  ? -4.243 -2.595 -0.190 1.00 0.00  ? 9  ARG A NE   9  
ATOM   1469 C CZ   . ARG A 1 7  ? -5.466 -2.931 0.208  1.00 0.00  ? 9  ARG A CZ   9  
ATOM   1470 N NH1  . ARG A 1 7  ? -5.801 -4.121 0.634  1.00 0.00  ? 9  ARG A NH1  9  
ATOM   1471 N NH2  . ARG A 1 7  ? -6.379 -2.017 0.154  1.00 0.00  ? 9  ARG A NH2  9  
ATOM   1472 H H    . ARG A 1 7  ? 0.536  -1.152 -1.357 1.00 0.00  ? 9  ARG A H    9  
ATOM   1473 H HA   . ARG A 1 7  ? -1.385 -0.658 -3.659 1.00 0.00  ? 9  ARG A HA   9  
ATOM   1474 H HB2  . ARG A 1 7  ? -2.981 -2.070 -2.529 1.00 0.00  ? 9  ARG A HB2  9  
ATOM   1475 H HB3  . ARG A 1 7  ? -1.580 -2.990 -2.965 1.00 0.00  ? 9  ARG A HB3  9  
ATOM   1476 H HG2  . ARG A 1 7  ? -0.936 -3.357 -0.681 1.00 0.00  ? 9  ARG A HG2  9  
ATOM   1477 H HG3  . ARG A 1 7  ? -1.687 -1.887 -0.112 1.00 0.00  ? 9  ARG A HG3  9  
ATOM   1478 H HD2  . ARG A 1 7  ? -3.309 -4.350 -1.001 1.00 0.00  ? 9  ARG A HD2  9  
ATOM   1479 H HD3  . ARG A 1 7  ? -2.862 -3.978 0.676  1.00 0.00  ? 9  ARG A HD3  9  
ATOM   1480 H HH11 . ARG A 1 7  ? -5.031 -4.792 0.638  1.00 0.00  ? 9  ARG A HH11 9  
ATOM   1481 H HH12 . ARG A 1 7  ? -6.775 -4.260 0.904  1.00 0.00  ? 9  ARG A HH12 9  
ATOM   1482 H HH21 . ARG A 1 7  ? -6.037 -1.146 -0.275 1.00 0.00  ? 9  ARG A HH21 9  
ATOM   1483 H HH22 . ARG A 1 7  ? -7.332 -2.276 0.410  1.00 0.00  ? 9  ARG A HH22 9  
ATOM   1484 N N    . TRP A 1 8  ? -2.905 0.914  -2.247 1.00 0.00  ? 10 TRP A N    9  
ATOM   1485 C CA   . TRP A 1 8  ? -3.629 2.000  -1.534 1.00 0.00  ? 10 TRP A CA   9  
ATOM   1486 C C    . TRP A 1 8  ? -4.864 1.448  -0.743 1.00 0.00  ? 10 TRP A C    9  
ATOM   1487 O O    . TRP A 1 8  ? -5.631 0.612  -1.233 1.00 0.00  ? 10 TRP A O    9  
ATOM   1488 C CB   . TRP A 1 8  ? -3.983 3.060  -2.614 1.00 0.00  ? 10 TRP A CB   9  
ATOM   1489 C CG   . TRP A 1 8  ? -4.575 4.354  -2.062 1.00 0.00  ? 10 TRP A CG   9  
ATOM   1490 C CD1  . TRP A 1 8  ? -5.943 4.638  -2.021 1.00 0.00  ? 10 TRP A CD1  9  
ATOM   1491 C CD2  . TRP A 1 8  ? -3.948 5.410  -1.431 1.00 0.00  ? 10 TRP A CD2  9  
ATOM   1492 N NE1  . TRP A 1 8  ? -6.210 5.851  -1.349 1.00 0.00  ? 10 TRP A NE1  9  
ATOM   1493 C CE2  . TRP A 1 8  ? -4.950 6.307  -0.985 1.00 0.00  ? 10 TRP A CE2  9  
ATOM   1494 C CE3  . TRP A 1 8  ? -2.581 5.665  -1.168 1.00 0.00  ? 10 TRP A CE3  9  
ATOM   1495 C CZ2  . TRP A 1 8  ? -4.588 7.460  -0.249 1.00 0.00  ? 10 TRP A CZ2  9  
ATOM   1496 C CZ3  . TRP A 1 8  ? -2.248 6.809  -0.439 1.00 0.00  ? 10 TRP A CZ3  9  
ATOM   1497 C CH2  . TRP A 1 8  ? -3.236 7.692  0.015  1.00 0.00  ? 10 TRP A CH2  9  
ATOM   1498 H H    . TRP A 1 8  ? -3.325 0.425  -3.040 1.00 0.00  ? 10 TRP A H    9  
ATOM   1499 H HA   . TRP A 1 8  ? -2.941 2.499  -0.821 1.00 0.00  ? 10 TRP A HA   9  
ATOM   1500 H HB2  . TRP A 1 8  ? -3.087 3.335  -3.193 1.00 0.00  ? 10 TRP A HB2  9  
ATOM   1501 H HB3  . TRP A 1 8  ? -4.675 2.627  -3.358 1.00 0.00  ? 10 TRP A HB3  9  
ATOM   1502 H HD1  . TRP A 1 8  ? -6.674 3.948  -2.416 1.00 0.00  ? 10 TRP A HD1  9  
ATOM   1503 H HE1  . TRP A 1 8  ? -7.112 6.312  -1.192 1.00 0.00  ? 10 TRP A HE1  9  
ATOM   1504 H HE3  . TRP A 1 8  ? -1.820 4.985  -1.520 1.00 0.00  ? 10 TRP A HE3  9  
ATOM   1505 H HZ2  . TRP A 1 8  ? -5.346 8.145  0.105  1.00 0.00  ? 10 TRP A HZ2  9  
ATOM   1506 H HZ3  . TRP A 1 8  ? -1.209 7.013  -0.220 1.00 0.00  ? 10 TRP A HZ3  9  
ATOM   1507 H HH2  . TRP A 1 8  ? -2.947 8.567  0.579  1.00 0.00  ? 10 TRP A HH2  9  
ATOM   1508 N N    . LYS A 1 9  ? -5.072 1.964  0.478  1.00 74.43 ? 11 LYS A N    9  
ATOM   1509 C CA   . LYS A 1 9  ? -6.231 1.597  1.344  1.00 4.20  ? 11 LYS A CA   9  
ATOM   1510 C C    . LYS A 1 9  ? -7.602 2.216  0.916  1.00 11.04 ? 11 LYS A C    9  
ATOM   1511 O O    . LYS A 1 9  ? -8.589 1.508  0.742  1.00 35.41 ? 11 LYS A O    9  
ATOM   1512 C CB   . LYS A 1 9  ? -5.875 1.931  2.820  1.00 41.10 ? 11 LYS A CB   9  
ATOM   1513 C CG   . LYS A 1 9  ? -4.773 1.077  3.493  1.00 44.10 ? 11 LYS A CG   9  
ATOM   1514 C CD   . LYS A 1 9  ? -5.194 -0.384 3.781  1.00 33.11 ? 11 LYS A CD   9  
ATOM   1515 C CE   . LYS A 1 9  ? -4.115 -1.226 4.486  1.00 70.12 ? 11 LYS A CE   9  
ATOM   1516 N NZ   . LYS A 1 9  ? -3.004 -1.540 3.563  1.00 43.51 ? 11 LYS A NZ   9  
ATOM   1517 H H    . LYS A 1 9  ? -4.357 2.633  0.808  1.00 20.44 ? 11 LYS A H    9  
ATOM   1518 H HA   . LYS A 1 9  ? -6.379 0.506  1.293  1.00 50.52 ? 11 LYS A HA   9  
ATOM   1519 H HB2  . LYS A 1 9  ? -5.587 2.998  2.885  1.00 0.00  ? 11 LYS A HB2  9  
ATOM   1520 H HB3  . LYS A 1 9  ? -6.787 1.860  3.440  1.00 63.23 ? 11 LYS A HB3  9  
ATOM   1521 H HG2  . LYS A 1 9  ? -3.853 1.100  2.877  1.00 0.00  ? 11 LYS A HG2  9  
ATOM   1522 H HG3  . LYS A 1 9  ? -4.482 1.563  4.446  1.00 60.25 ? 11 LYS A HG3  9  
ATOM   1523 H HD2  . LYS A 1 9  ? -6.099 -0.376 4.417  1.00 0.00  ? 11 LYS A HD2  9  
ATOM   1524 H HD3  . LYS A 1 9  ? -5.506 -0.893 2.849  1.00 13.13 ? 11 LYS A HD3  9  
ATOM   1525 H HE2  . LYS A 1 9  ? -3.761 -0.703 5.397  1.00 0.00  ? 11 LYS A HE2  9  
ATOM   1526 H HE3  . LYS A 1 9  ? -4.560 -2.175 4.846  1.00 35.55 ? 11 LYS A HE3  9  
ATOM   1527 H HZ1  . LYS A 1 9  ? -3.123 -1.555 2.544  1.00 44.51 ? 11 LYS A HZ1  9  
HETATM 1528 N N    . NH2 A 1 10 ? -7.757 3.518  0.756  1.00 24.35 ? 12 NH2 A N    9  
HETATM 1529 H HN1  . NH2 A 1 10 ? -6.897 4.074  0.714  1.00 71.12 ? 12 NH2 A HN1  9  
HETATM 1530 H HN2  . NH2 A 1 10 ? -8.687 3.771  0.412  1.00 14.20 ? 12 NH2 A HN2  9  
HETATM 1531 C C    . ACE A 1 1  ? -2.358 4.086  2.739  1.00 1.42  ? 3  ACE A C    10 
HETATM 1532 O O    . ACE A 1 1  ? -3.087 3.590  1.884  1.00 25.23 ? 3  ACE A O    10 
HETATM 1533 C CH3  . ACE A 1 1  ? -2.914 5.062  3.758  1.00 11.32 ? 3  ACE A CH3  10 
HETATM 1534 H H1   . ACE A 1 1  ? -2.412 6.044  3.694  1.00 11.05 ? 3  ACE A H1   10 
HETATM 1535 H H2   . ACE A 1 1  ? -3.991 5.233  3.577  1.00 31.00 ? 3  ACE A H2   10 
HETATM 1536 H H3   . ACE A 1 1  ? -2.807 4.676  4.787  1.00 0.00  ? 3  ACE A H3   10 
HETATM 1537 N N    . NLE A 1 2  ? -1.055 3.828  2.845  1.00 24.32 ? 4  NLE A N    10 
HETATM 1538 C CA   . NLE A 1 2  ? -0.332 2.929  1.909  1.00 22.54 ? 4  NLE A CA   10 
HETATM 1539 C C    . NLE A 1 2  ? 0.140  1.624  2.633  1.00 51.12 ? 4  NLE A C    10 
HETATM 1540 O O    . NLE A 1 2  ? 0.881  1.671  3.622  1.00 4.44  ? 4  NLE A O    10 
HETATM 1541 C CB   . NLE A 1 2  ? 0.899  3.654  1.313  1.00 51.41 ? 4  NLE A CB   10 
HETATM 1542 C CG   . NLE A 1 2  ? 0.698  4.960  0.516  1.00 53.53 ? 4  NLE A CG   10 
HETATM 1543 C CD   . NLE A 1 2  ? 1.984  5.506  -0.134 1.00 13.25 ? 4  NLE A CD   10 
HETATM 1544 C CE   . NLE A 1 2  ? 3.010  6.057  0.866  1.00 21.12 ? 4  NLE A CE   10 
HETATM 1545 H H    . NLE A 1 2  ? -0.559 4.351  3.570  1.00 73.41 ? 4  NLE A H    10 
HETATM 1546 H HA   . NLE A 1 2  ? -0.983 2.661  1.052  1.00 13.34 ? 4  NLE A HA   10 
HETATM 1547 H HB2  . NLE A 1 2  ? 1.369  2.949  0.617  1.00 12.25 ? 4  NLE A HB2  10 
HETATM 1548 H HB3  . NLE A 1 2  ? 1.640  3.809  2.114  1.00 64.43 ? 4  NLE A HB3  10 
HETATM 1549 H HG2  . NLE A 1 2  ? 0.238  5.736  1.157  1.00 24.40 ? 4  NLE A HG2  10 
HETATM 1550 H HG3  . NLE A 1 2  ? -0.030 4.764  -0.289 1.00 61.35 ? 4  NLE A HG3  10 
HETATM 1551 H HD2  . NLE A 1 2  ? 1.712  6.314  -0.840 1.00 34.12 ? 4  NLE A HD2  10 
HETATM 1552 H HD3  . NLE A 1 2  ? 2.457  4.725  -0.760 1.00 2.42  ? 4  NLE A HD3  10 
HETATM 1553 H HE1  . NLE A 1 2  ? 2.578  6.853  1.502  1.00 35.54 ? 4  NLE A HE1  10 
HETATM 1554 H HE2  . NLE A 1 2  ? 3.399  5.268  1.537  1.00 13.20 ? 4  NLE A HE2  10 
HETATM 1555 H HE3  . NLE A 1 2  ? 3.883  6.490  0.345  1.00 14.24 ? 4  NLE A HE3  10 
ATOM   1556 N N    . ASP A 1 3  ? -0.237 0.460  2.091  1.00 42.23 ? 5  ASP A N    10 
ATOM   1557 C CA   . ASP A 1 3  ? 0.240  -0.867 2.575  1.00 14.33 ? 5  ASP A CA   10 
ATOM   1558 C C    . ASP A 1 3  ? 1.447  -1.372 1.722  1.00 70.04 ? 5  ASP A C    10 
ATOM   1559 O O    . ASP A 1 3  ? 1.323  -1.541 0.505  1.00 71.01 ? 5  ASP A O    10 
ATOM   1560 C CB   . ASP A 1 3  ? -0.933 -1.881 2.498  1.00 73.01 ? 5  ASP A CB   10 
ATOM   1561 C CG   . ASP A 1 3  ? -1.948 -1.777 3.642  1.00 3.02  ? 5  ASP A CG   10 
ATOM   1562 O OD1  . ASP A 1 3  ? -1.653 -2.192 4.764  1.00 41.31 ? 5  ASP A OD1  10 
ATOM   1563 H H    . ASP A 1 3  ? -0.779 0.567  1.219  1.00 62.10 ? 5  ASP A H    10 
ATOM   1564 H HA   . ASP A 1 3  ? 0.557  -0.798 3.637  1.00 60.50 ? 5  ASP A HA   10 
ATOM   1565 H HB2  . ASP A 1 3  ? -1.424 -1.842 1.506  1.00 0.00  ? 5  ASP A HB2  10 
ATOM   1566 H HB3  . ASP A 1 3  ? -0.531 -2.908 2.553  1.00 72.20 ? 5  ASP A HB3  10 
ATOM   1567 N N    . TRP A 1 4  ? 2.598  -1.652 2.368  1.00 0.00  ? 6  TRP A N    10 
ATOM   1568 C CA   . TRP A 1 4  ? 3.827  -2.163 1.688  1.00 0.00  ? 6  TRP A CA   10 
ATOM   1569 C C    . TRP A 1 4  ? 3.622  -3.524 0.904  1.00 0.00  ? 6  TRP A C    10 
ATOM   1570 O O    . TRP A 1 4  ? 3.001  -4.429 1.474  1.00 0.00  ? 6  TRP A O    10 
ATOM   1571 C CB   . TRP A 1 4  ? 4.926  -2.268 2.788  1.00 0.00  ? 6  TRP A CB   10 
ATOM   1572 C CG   . TRP A 1 4  ? 6.345  -2.592 2.289  1.00 0.00  ? 6  TRP A CG   10 
ATOM   1573 C CD1  . TRP A 1 4  ? 6.853  -3.887 2.033  1.00 0.00  ? 6  TRP A CD1  10 
ATOM   1574 C CD2  . TRP A 1 4  ? 7.347  -1.721 1.891  1.00 0.00  ? 6  TRP A CD2  10 
ATOM   1575 N NE1  . TRP A 1 4  ? 8.150  -3.845 1.483  1.00 0.00  ? 6  TRP A NE1  10 
ATOM   1576 C CE2  . TRP A 1 4  ? 8.430  -2.491 1.398  1.00 0.00  ? 6  TRP A CE2  10 
ATOM   1577 C CE3  . TRP A 1 4  ? 7.399  -0.306 1.853  1.00 0.00  ? 6  TRP A CE3  10 
ATOM   1578 C CZ2  . TRP A 1 4  ? 9.573  -1.851 0.866  1.00 0.00  ? 6  TRP A CZ2  10 
ATOM   1579 C CZ3  . TRP A 1 4  ? 8.539  0.305  1.329  1.00 0.00  ? 6  TRP A CZ3  10 
ATOM   1580 C CH2  . TRP A 1 4  ? 9.609  -0.454 0.842  1.00 0.00  ? 6  TRP A CH2  10 
ATOM   1581 H H    . TRP A 1 4  ? 2.564  -1.514 3.383  1.00 0.00  ? 6  TRP A H    10 
ATOM   1582 H HA   . TRP A 1 4  ? 4.142  -1.375 0.977  1.00 0.00  ? 6  TRP A HA   10 
ATOM   1583 H HB2  . TRP A 1 4  ? 4.980  -1.321 3.359  1.00 0.00  ? 6  TRP A HB2  10 
ATOM   1584 H HB3  . TRP A 1 4  ? 4.631  -3.028 3.537  1.00 0.00  ? 6  TRP A HB3  10 
ATOM   1585 H HD1  . TRP A 1 4  ? 6.282  -4.796 2.155  1.00 0.00  ? 6  TRP A HD1  10 
ATOM   1586 H HE1  . TRP A 1 4  ? 8.738  -4.627 1.177  1.00 0.00  ? 6  TRP A HE1  10 
ATOM   1587 H HE3  . TRP A 1 4  ? 6.577  0.287  2.219  1.00 0.00  ? 6  TRP A HE3  10 
ATOM   1588 H HZ2  . TRP A 1 4  ? 10.398 -2.429 0.477  1.00 0.00  ? 6  TRP A HZ2  10 
ATOM   1589 H HZ3  . TRP A 1 4  ? 8.595  1.384  1.294  1.00 0.00  ? 6  TRP A HZ3  10 
ATOM   1590 H HH2  . TRP A 1 4  ? 10.476 0.048  0.437  1.00 0.00  ? 6  TRP A HH2  10 
ATOM   1591 N N    . PRO A 1 5  ? 4.105  -3.729 -0.363 1.00 22.14 ? 7  PRO A N    10 
ATOM   1592 C CA   . PRO A 1 5  ? 5.039  -2.803 -1.083 1.00 10.30 ? 7  PRO A CA   10 
ATOM   1593 C C    . PRO A 1 5  ? 4.472  -1.571 -1.874 1.00 31.43 ? 7  PRO A C    10 
ATOM   1594 O O    . PRO A 1 5  ? 5.241  -0.885 -2.550 1.00 11.54 ? 7  PRO A O    10 
ATOM   1595 C CB   . PRO A 1 5  ? 5.782  -3.813 -1.981 1.00 73.35 ? 7  PRO A CB   10 
ATOM   1596 C CG   . PRO A 1 5  ? 4.739  -4.874 -2.337 1.00 73.14 ? 7  PRO A CG   10 
ATOM   1597 C CD   . PRO A 1 5  ? 3.941  -5.031 -1.044 1.00 50.35 ? 7  PRO A CD   10 
ATOM   1598 H HA   . PRO A 1 5  ? 5.787  -2.381 -0.393 1.00 70.33 ? 7  PRO A HA   10 
ATOM   1599 H HB2  . PRO A 1 5  ? 6.249  -3.355 -2.870 1.00 0.00  ? 7  PRO A HB2  10 
ATOM   1600 H HB3  . PRO A 1 5  ? 6.613  -4.278 -1.412 1.00 33.33 ? 7  PRO A HB3  10 
ATOM   1601 H HG2  . PRO A 1 5  ? 4.085  -4.510 -3.153 1.00 0.00  ? 7  PRO A HG2  10 
ATOM   1602 H HG3  . PRO A 1 5  ? 5.189  -5.824 -2.680 1.00 23.41 ? 7  PRO A HG3  10 
ATOM   1603 H HD2  . PRO A 1 5  ? 2.875  -5.264 -1.241 1.00 0.00  ? 7  PRO A HD2  10 
ATOM   1604 H HD3  . PRO A 1 5  ? 4.350  -5.852 -0.423 1.00 41.43 ? 7  PRO A HD3  10 
HETATM 1605 N N    . 4J2 A 1 6  ? 3.172  -1.256 -1.754 1.00 55.11 ? 8  4J2 A N    10 
HETATM 1606 C CA   . 4J2 A 1 6  ? 2.560  -0.020 -2.323 1.00 24.43 ? 8  4J2 A CA   10 
HETATM 1607 C CB   . 4J2 A 1 6  ? 2.417  1.082  -1.227 1.00 10.34 ? 8  4J2 A CB   10 
HETATM 1608 C CG   . 4J2 A 1 6  ? 3.670  1.652  -0.548 1.00 12.23 ? 8  4J2 A CG   10 
HETATM 1609 C CD1  . 4J2 A 1 6  ? 4.644  2.293  -1.311 1.00 0.11  ? 8  4J2 A CD1  10 
HETATM 1610 C CD2  . 4J2 A 1 6  ? 3.758  1.667  0.844  1.00 72.21 ? 8  4J2 A CD2  10 
HETATM 1611 C CE1  . 4J2 A 1 6  ? 5.703  2.961  -0.703 1.00 51.02 ? 8  4J2 A CE1  10 
HETATM 1612 C CZ1  . 4J2 A 1 6  ? 5.787  3.014  0.690  1.00 50.12 ? 8  4J2 A CZ1  10 
HETATM 1613 C CZ2  . 4J2 A 1 6  ? 6.811  3.713  1.331  1.00 30.24 ? 8  4J2 A CZ2  10 
HETATM 1614 C CZ3  . 4J2 A 1 6  ? 6.860  3.767  2.720  1.00 44.51 ? 8  4J2 A CZ3  10 
HETATM 1615 C CE2  . 4J2 A 1 6  ? 4.785  2.354  1.482  1.00 75.11 ? 8  4J2 A CE2  10 
HETATM 1616 C CE3  . 4J2 A 1 6  ? 4.850  2.433  2.875  1.00 3.32  ? 8  4J2 A CE3  10 
HETATM 1617 C CE4  . 4J2 A 1 6  ? 5.885  3.132  3.487  1.00 51.13 ? 8  4J2 A CE4  10 
HETATM 1618 H HE1  . 4J2 A 1 6  ? 6.438  3.451  -1.326 1.00 0.00  ? 8  4J2 A HE1  10 
HETATM 1619 C C    . 4J2 A 1 6  ? 1.160  -0.290 -2.966 1.00 22.34 ? 8  4J2 A C    10 
HETATM 1620 H HE3  . 4J2 A 1 6  ? 4.101  1.955  3.494  1.00 0.00  ? 8  4J2 A HE3  10 
HETATM 1621 O O    . 4J2 A 1 6  ? 0.931  0.067  -4.124 1.00 52.33 ? 8  4J2 A O    10 
HETATM 1622 H HE4  . 4J2 A 1 6  ? 5.932  3.187  4.565  1.00 0.00  ? 8  4J2 A HE4  10 
HETATM 1623 H H    . 4J2 A 1 6  ? 2.670  -1.842 -1.076 1.00 71.33 ? 8  4J2 A H    10 
HETATM 1624 H HA   . 4J2 A 1 6  ? 3.193  0.379  -3.140 1.00 41.44 ? 8  4J2 A HA   10 
HETATM 1625 H HB2  . 4J2 A 1 6  ? 1.876  1.939  -1.663 1.00 40.54 ? 8  4J2 A HB2  10 
HETATM 1626 H HB1  . 4J2 A 1 6  ? 1.713  0.726  -0.452 1.00 60.00 ? 8  4J2 A HB1  10 
HETATM 1627 H HD1  . 4J2 A 1 6  ? 4.548  2.281  -2.385 1.00 0.00  ? 8  4J2 A HD1  10 
HETATM 1628 H HD2  . 4J2 A 1 6  ? 2.979  1.191  1.426  1.00 0.00  ? 8  4J2 A HD2  10 
HETATM 1629 H HZ2  . 4J2 A 1 6  ? 7.579  4.221  0.761  1.00 0.00  ? 8  4J2 A HZ2  10 
HETATM 1630 H HZ23 . 4J2 A 1 6  ? 7.657  4.308  3.209  1.00 0.00  ? 8  4J2 A HZ23 10 
ATOM   1631 N N    . ARG A 1 7  ? 0.209  -0.829 -2.180 1.00 0.00  ? 9  ARG A N    10 
ATOM   1632 C CA   . ARG A 1 7  ? -1.243 -0.734 -2.458 1.00 0.00  ? 9  ARG A CA   10 
ATOM   1633 C C    . ARG A 1 7  ? -1.877 0.384  -1.568 1.00 0.00  ? 9  ARG A C    10 
ATOM   1634 O O    . ARG A 1 7  ? -1.489 0.609  -0.416 1.00 0.00  ? 9  ARG A O    10 
ATOM   1635 C CB   . ARG A 1 7  ? -1.840 -2.132 -2.161 1.00 0.00  ? 9  ARG A CB   10 
ATOM   1636 C CG   . ARG A 1 7  ? -3.348 -2.341 -2.440 1.00 0.00  ? 9  ARG A CG   10 
ATOM   1637 C CD   . ARG A 1 7  ? -3.768 -2.365 -3.926 1.00 0.00  ? 9  ARG A CD   10 
ATOM   1638 N NE   . ARG A 1 7  ? -3.913 -1.012 -4.531 1.00 0.00  ? 9  ARG A NE   10 
ATOM   1639 C CZ   . ARG A 1 7  ? -5.042 -0.309 -4.613 1.00 0.00  ? 9  ARG A CZ   10 
ATOM   1640 N NH1  . ARG A 1 7  ? -6.186 -0.680 -4.102 1.00 0.00  ? 9  ARG A NH1  10 
ATOM   1641 N NH2  . ARG A 1 7  ? -4.989 0.821  -5.240 1.00 0.00  ? 9  ARG A NH2  10 
ATOM   1642 H H    . ARG A 1 7  ? 0.536  -0.983 -1.218 1.00 0.00  ? 9  ARG A H    10 
ATOM   1643 H HA   . ARG A 1 7  ? -1.412 -0.503 -3.530 1.00 0.00  ? 9  ARG A HA   10 
ATOM   1644 H HB2  . ARG A 1 7  ? -1.279 -2.895 -2.733 1.00 0.00  ? 9  ARG A HB2  10 
ATOM   1645 H HB3  . ARG A 1 7  ? -1.658 -2.372 -1.097 1.00 0.00  ? 9  ARG A HB3  10 
ATOM   1646 H HG2  . ARG A 1 7  ? -3.615 -3.315 -1.993 1.00 0.00  ? 9  ARG A HG2  10 
ATOM   1647 H HG3  . ARG A 1 7  ? -3.954 -1.605 -1.875 1.00 0.00  ? 9  ARG A HG3  10 
ATOM   1648 H HD2  . ARG A 1 7  ? -3.023 -2.934 -4.517 1.00 0.00  ? 9  ARG A HD2  10 
ATOM   1649 H HD3  . ARG A 1 7  ? -4.698 -2.955 -4.051 1.00 0.00  ? 9  ARG A HD3  10 
ATOM   1650 H HH11 . ARG A 1 7  ? -6.139 -1.557 -3.582 1.00 0.00  ? 9  ARG A HH11 10 
ATOM   1651 H HH12 . ARG A 1 7  ? -6.973 -0.039 -4.204 1.00 0.00  ? 9  ARG A HH12 10 
ATOM   1652 H HH21 . ARG A 1 7  ? -4.069 1.005  -5.644 1.00 0.00  ? 9  ARG A HH21 10 
ATOM   1653 H HH22 . ARG A 1 7  ? -5.858 1.348  -5.343 1.00 0.00  ? 9  ARG A HH22 10 
ATOM   1654 N N    . TRP A 1 8  ? -2.891 1.060  -2.112 1.00 0.00  ? 10 TRP A N    10 
ATOM   1655 C CA   . TRP A 1 8  ? -3.632 2.124  -1.386 1.00 0.00  ? 10 TRP A CA   10 
ATOM   1656 C C    . TRP A 1 8  ? -4.888 1.565  -0.635 1.00 0.00  ? 10 TRP A C    10 
ATOM   1657 O O    . TRP A 1 8  ? -5.654 0.748  -1.160 1.00 0.00  ? 10 TRP A O    10 
ATOM   1658 C CB   . TRP A 1 8  ? -3.969 3.218  -2.435 1.00 0.00  ? 10 TRP A CB   10 
ATOM   1659 C CG   . TRP A 1 8  ? -4.677 4.453  -1.880 1.00 0.00  ? 10 TRP A CG   10 
ATOM   1660 C CD1  . TRP A 1 8  ? -6.057 4.677  -1.970 1.00 0.00  ? 10 TRP A CD1  10 
ATOM   1661 C CD2  . TRP A 1 8  ? -4.182 5.463  -1.083 1.00 0.00  ? 10 TRP A CD2  10 
ATOM   1662 N NE1  . TRP A 1 8  ? -6.453 5.817  -1.239 1.00 0.00  ? 10 TRP A NE1  10 
ATOM   1663 C CE2  . TRP A 1 8  ? -5.267 6.282  -0.689 1.00 0.00  ? 10 TRP A CE2  10 
ATOM   1664 C CE3  . TRP A 1 8  ? -2.877 5.711  -0.599 1.00 0.00  ? 10 TRP A CE3  10 
ATOM   1665 C CZ2  . TRP A 1 8  ? -5.052 7.358  0.205  1.00 0.00  ? 10 TRP A CZ2  10 
ATOM   1666 C CZ3  . TRP A 1 8  ? -2.683 6.783  0.272  1.00 0.00  ? 10 TRP A CZ3  10 
ATOM   1667 C CH2  . TRP A 1 8  ? -3.754 7.595  0.671  1.00 0.00  ? 10 TRP A CH2  10 
ATOM   1668 H H    . TRP A 1 8  ? -3.280 0.573  -2.930 1.00 0.00  ? 10 TRP A H    10 
ATOM   1669 H HA   . TRP A 1 8  ? -2.956 2.599  -0.644 1.00 0.00  ? 10 TRP A HA   10 
ATOM   1670 H HB2  . TRP A 1 8  ? -3.051 3.561  -2.941 1.00 0.00  ? 10 TRP A HB2  10 
ATOM   1671 H HB3  . TRP A 1 8  ? -4.586 2.785  -3.241 1.00 0.00  ? 10 TRP A HB3  10 
ATOM   1672 H HD1  . TRP A 1 8  ? -6.711 3.982  -2.473 1.00 0.00  ? 10 TRP A HD1  10 
ATOM   1673 H HE1  . TRP A 1 8  ? -7.403 6.146  -1.037 1.00 0.00  ? 10 TRP A HE1  10 
ATOM   1674 H HE3  . TRP A 1 8  ? -2.062 5.059  -0.879 1.00 0.00  ? 10 TRP A HE3  10 
ATOM   1675 H HZ2  . TRP A 1 8  ? -5.875 7.977  0.527  1.00 0.00  ? 10 TRP A HZ2  10 
ATOM   1676 H HZ3  . TRP A 1 8  ? -1.694 6.973  0.662  1.00 0.00  ? 10 TRP A HZ3  10 
ATOM   1677 H HH2  . TRP A 1 8  ? -3.577 8.411  1.357  1.00 0.00  ? 10 TRP A HH2  10 
ATOM   1678 N N    . LYS A 1 9  ? -5.136 2.089  0.575  1.00 74.43 ? 11 LYS A N    10 
ATOM   1679 C CA   . LYS A 1 9  ? -6.367 1.799  1.360  1.00 4.20  ? 11 LYS A CA   10 
ATOM   1680 C C    . LYS A 1 9  ? -7.615 2.574  0.821  1.00 11.04 ? 11 LYS A C    10 
ATOM   1681 O O    . LYS A 1 9  ? -7.983 3.662  1.260  1.00 35.41 ? 11 LYS A O    10 
ATOM   1682 C CB   . LYS A 1 9  ? -6.078 2.121  2.855  1.00 41.10 ? 11 LYS A CB   10 
ATOM   1683 C CG   . LYS A 1 9  ? -4.989 1.291  3.578  1.00 44.10 ? 11 LYS A CG   10 
ATOM   1684 C CD   . LYS A 1 9  ? -5.341 -0.201 3.787  1.00 33.11 ? 11 LYS A CD   10 
ATOM   1685 C CE   . LYS A 1 9  ? -4.185 -1.043 4.357  1.00 70.12 ? 11 LYS A CE   10 
ATOM   1686 N NZ   . LYS A 1 9  ? -3.128 -1.236 3.343  1.00 43.51 ? 11 LYS A NZ   10 
ATOM   1687 H H    . LYS A 1 9  ? -4.383 2.680  0.966  1.00 20.44 ? 11 LYS A H    10 
ATOM   1688 H HA   . LYS A 1 9  ? -6.595 0.719  1.303  1.00 50.52 ? 11 LYS A HA   10 
ATOM   1689 H HB2  . LYS A 1 9  ? -5.807 3.192  2.934  1.00 0.00  ? 11 LYS A HB2  10 
ATOM   1690 H HB3  . LYS A 1 9  ? -7.017 2.036  3.427  1.00 63.23 ? 11 LYS A HB3  10 
ATOM   1691 H HG2  . LYS A 1 9  ? -4.035 1.385  3.026  1.00 0.00  ? 11 LYS A HG2  10 
ATOM   1692 H HG3  . LYS A 1 9  ? -4.784 1.754  4.563  1.00 60.25 ? 11 LYS A HG3  10 
ATOM   1693 H HD2  . LYS A 1 9  ? -6.206 -0.268 4.473  1.00 0.00  ? 11 LYS A HD2  10 
ATOM   1694 H HD3  . LYS A 1 9  ? -5.692 -0.661 2.844  1.00 13.13 ? 11 LYS A HD3  10 
ATOM   1695 H HE2  . LYS A 1 9  ? -3.779 -0.570 5.275  1.00 0.00  ? 11 LYS A HE2  10 
ATOM   1696 H HE3  . LYS A 1 9  ? -4.569 -2.031 4.680  1.00 35.55 ? 11 LYS A HE3  10 
ATOM   1697 H HZ1  . LYS A 1 9  ? -3.202 -0.869 2.390  1.00 44.51 ? 11 LYS A HZ1  10 
HETATM 1698 N N    . NH2 A 1 10 ? -8.321 2.046  -0.160 1.00 24.35 ? 12 NH2 A N    10 
HETATM 1699 H HN1  . NH2 A 1 10 ? -7.858 1.285  -0.670 1.00 71.12 ? 12 NH2 A HN1  10 
HETATM 1700 H HN2  . NH2 A 1 10 ? -9.063 2.666  -0.498 1.00 14.20 ? 12 NH2 A HN2  10 
# 
